data_1KK4
#
_entry.id   1KK4
#
_cell.length_a   186.300
_cell.length_b   186.300
_cell.length_c   186.500
_cell.angle_alpha   90.00
_cell.angle_beta   90.00
_cell.angle_gamma   90.00
#
_symmetry.space_group_name_H-M   'F 2 2 2'
#
loop_
_entity.id
_entity.type
_entity.pdbx_description
1 polymer 'STREPTOGRAMIN A ACETYLTRANSFERASE'
2 non-polymer 'ACETYL COENZYME *A'
3 water water
#
_entity_poly.entity_id   1
_entity_poly.type   'polypeptide(L)'
_entity_poly.pdbx_seq_one_letter_code
;MGPNPMKMYPIEGNKSVQFIKPILEKLENVEVGEYSYYDSKNGETFDKQILYHYPILNDKLKIGKFCSIGPGVTIIMNGA
NHRMDGSTYPFNLFGNGWEKHMPKLDQLPIKGDTIIGNDVWIGKDVVIMPGVKIGDGAIVAANSVVVKDIAPYMLAGGNP
ANEIKQRFDQDTINQLLDIKWWNWPIDIINENIDKILDNSIIREVIWKK
;
_entity_poly.pdbx_strand_id   A,B,C,D,E,F
#
loop_
_chem_comp.id
_chem_comp.type
_chem_comp.name
_chem_comp.formula
ACO non-polymer 'ACETYL COENZYME *A' 'C23 H38 N7 O17 P3 S'
#
# COMPACT_ATOMS: atom_id res chain seq x y z
N MET A 1 9.62 41.47 20.63
CA MET A 1 9.35 41.81 22.06
C MET A 1 8.89 40.55 22.75
N GLY A 2 8.98 40.53 24.07
CA GLY A 2 8.57 39.37 24.83
C GLY A 2 9.74 38.43 24.98
N PRO A 3 9.61 37.41 25.82
CA PRO A 3 10.69 36.46 26.04
C PRO A 3 10.60 35.36 24.99
N ASN A 4 11.66 34.58 24.86
CA ASN A 4 11.68 33.47 23.90
C ASN A 4 10.95 32.28 24.52
N PRO A 5 9.75 31.97 24.04
CA PRO A 5 8.94 30.86 24.54
C PRO A 5 9.66 29.50 24.67
N MET A 6 10.89 29.43 24.19
CA MET A 6 11.68 28.20 24.25
C MET A 6 12.57 28.17 25.50
N LYS A 7 12.53 29.25 26.27
CA LYS A 7 13.32 29.39 27.49
C LYS A 7 12.55 28.77 28.66
N MET A 8 13.15 27.82 29.36
CA MET A 8 12.47 27.19 30.50
C MET A 8 12.13 28.25 31.54
N TYR A 9 13.14 29.01 31.96
CA TYR A 9 12.97 30.07 32.95
C TYR A 9 13.09 31.43 32.30
N PRO A 10 11.96 31.98 31.82
CA PRO A 10 11.80 33.28 31.15
C PRO A 10 12.39 34.46 31.90
N ILE A 11 11.87 34.69 33.11
CA ILE A 11 12.32 35.77 33.97
C ILE A 11 13.66 35.41 34.61
N GLU A 12 14.62 36.32 34.59
CA GLU A 12 15.90 35.97 35.17
C GLU A 12 15.93 36.13 36.67
N GLY A 13 16.80 35.36 37.32
CA GLY A 13 16.85 35.42 38.76
C GLY A 13 15.47 35.02 39.27
N ASN A 14 14.96 33.89 38.74
CA ASN A 14 13.63 33.27 39.04
C ASN A 14 13.42 31.78 38.50
N LYS A 15 13.67 30.71 39.33
CA LYS A 15 13.52 29.23 38.99
C LYS A 15 12.11 28.70 39.40
N SER A 16 11.23 29.68 39.63
CA SER A 16 9.84 29.50 40.05
C SER A 16 8.84 29.60 38.88
N VAL A 17 8.98 30.63 38.04
CA VAL A 17 8.12 30.80 36.87
C VAL A 17 8.77 30.03 35.73
N GLN A 18 8.02 29.13 35.11
CA GLN A 18 8.60 28.36 34.03
C GLN A 18 7.68 28.20 32.81
N PHE A 19 8.27 28.24 31.61
CA PHE A 19 7.51 28.05 30.39
C PHE A 19 7.45 26.54 30.25
N ILE A 20 6.23 26.02 30.21
CA ILE A 20 6.01 24.58 30.15
C ILE A 20 6.39 23.86 28.85
N LYS A 21 6.15 24.46 27.69
CA LYS A 21 6.49 23.77 26.45
C LYS A 21 7.87 23.13 26.52
N PRO A 22 8.91 23.93 26.80
CA PRO A 22 10.29 23.45 26.92
C PRO A 22 10.40 22.18 27.78
N ILE A 23 9.94 22.30 29.01
CA ILE A 23 9.98 21.22 29.98
C ILE A 23 9.24 19.94 29.59
N LEU A 24 7.95 20.07 29.38
CA LEU A 24 7.10 18.94 29.04
C LEU A 24 7.20 18.35 27.65
N GLU A 25 7.96 18.95 26.74
CA GLU A 25 8.03 18.30 25.45
C GLU A 25 9.01 17.13 25.48
N LYS A 26 9.64 16.95 26.65
CA LYS A 26 10.56 15.83 26.89
C LYS A 26 9.65 14.63 27.18
N LEU A 27 8.35 14.79 26.89
CA LEU A 27 7.38 13.74 27.18
C LEU A 27 6.54 13.15 26.07
N GLU A 28 6.23 11.88 26.25
CA GLU A 28 5.43 11.14 25.32
C GLU A 28 3.96 11.48 25.59
N ASN A 29 3.20 11.62 24.52
CA ASN A 29 1.77 11.89 24.60
C ASN A 29 1.38 13.18 25.31
N VAL A 30 2.17 14.22 25.10
CA VAL A 30 1.92 15.53 25.69
C VAL A 30 2.13 16.64 24.67
N GLU A 31 1.16 17.54 24.49
CA GLU A 31 1.32 18.65 23.56
C GLU A 31 1.08 19.94 24.30
N VAL A 32 2.10 20.82 24.31
CA VAL A 32 2.01 22.10 25.02
C VAL A 32 2.11 23.35 24.14
N GLY A 33 1.35 24.37 24.49
CA GLY A 33 1.36 25.62 23.75
C GLY A 33 2.63 26.41 23.98
N GLU A 34 2.76 27.54 23.32
CA GLU A 34 3.96 28.36 23.39
C GLU A 34 4.23 29.26 24.58
N TYR A 35 3.26 30.07 24.99
CA TYR A 35 3.54 30.96 26.11
C TYR A 35 2.91 30.55 27.43
N SER A 36 2.33 29.35 27.44
CA SER A 36 1.69 28.83 28.65
C SER A 36 2.75 28.65 29.73
N TYR A 37 2.45 29.13 30.94
CA TYR A 37 3.42 29.05 32.04
C TYR A 37 2.89 28.42 33.31
N TYR A 38 3.82 28.04 34.19
CA TYR A 38 3.47 27.42 35.47
C TYR A 38 4.22 28.10 36.59
N ASP A 39 3.47 28.59 37.58
CA ASP A 39 4.06 29.26 38.72
C ASP A 39 4.33 28.23 39.83
N SER A 40 5.57 27.76 39.90
CA SER A 40 6.01 26.78 40.88
C SER A 40 5.63 27.11 42.34
N LYS A 41 5.18 26.08 43.05
CA LYS A 41 4.74 26.22 44.43
C LYS A 41 5.85 26.01 45.46
N ASN A 42 6.97 25.43 45.03
CA ASN A 42 8.08 25.17 45.93
C ASN A 42 9.35 24.87 45.15
N GLY A 43 9.35 25.19 43.87
CA GLY A 43 10.52 24.93 43.04
C GLY A 43 10.30 23.79 42.08
N GLU A 44 9.46 22.82 42.45
CA GLU A 44 9.19 21.67 41.57
C GLU A 44 8.84 22.07 40.12
N THR A 45 9.32 21.29 39.16
CA THR A 45 9.02 21.55 37.75
C THR A 45 7.68 20.89 37.46
N PHE A 46 6.91 21.51 36.56
CA PHE A 46 5.58 21.03 36.22
C PHE A 46 5.41 19.58 35.82
N ASP A 47 6.40 18.99 35.15
CA ASP A 47 6.30 17.60 34.75
C ASP A 47 5.94 16.74 35.95
N LYS A 48 6.30 17.19 37.14
CA LYS A 48 6.01 16.45 38.37
C LYS A 48 4.57 16.63 38.82
N GLN A 49 3.85 17.56 38.21
CA GLN A 49 2.47 17.80 38.62
C GLN A 49 1.52 16.92 37.80
N ILE A 50 2.09 16.04 37.00
CA ILE A 50 1.28 15.17 36.17
C ILE A 50 1.40 13.76 36.68
N LEU A 51 0.28 13.25 37.18
CA LEU A 51 0.26 11.92 37.77
C LEU A 51 -0.40 10.83 36.94
N TYR A 52 0.09 9.61 37.13
CA TYR A 52 -0.40 8.42 36.43
C TYR A 52 -0.53 8.56 34.92
N HIS A 53 0.54 8.97 34.26
CA HIS A 53 0.50 9.08 32.81
C HIS A 53 1.42 7.99 32.30
N TYR A 54 0.82 6.89 31.87
CA TYR A 54 1.56 5.74 31.36
C TYR A 54 1.35 5.60 29.85
N PRO A 55 2.43 5.70 29.07
CA PRO A 55 2.34 5.58 27.60
C PRO A 55 1.45 4.44 27.11
N ILE A 56 1.41 3.33 27.83
CA ILE A 56 0.60 2.21 27.39
C ILE A 56 -0.91 2.48 27.26
N LEU A 57 -1.47 3.29 28.14
CA LEU A 57 -2.91 3.57 28.06
C LEU A 57 -3.21 4.51 26.90
N ASN A 58 -2.14 5.09 26.37
CA ASN A 58 -2.15 6.01 25.25
C ASN A 58 -3.06 7.22 25.33
N ASP A 59 -3.30 7.70 26.55
CA ASP A 59 -4.13 8.88 26.73
C ASP A 59 -3.13 10.02 26.61
N LYS A 60 -3.54 11.12 25.99
CA LYS A 60 -2.64 12.25 25.81
C LYS A 60 -3.11 13.46 26.54
N LEU A 61 -2.22 14.43 26.67
CA LEU A 61 -2.51 15.68 27.34
C LEU A 61 -2.16 16.83 26.42
N LYS A 62 -3.07 17.78 26.29
CA LYS A 62 -2.81 18.93 25.42
C LYS A 62 -3.16 20.23 26.12
N ILE A 63 -2.29 21.21 25.96
CA ILE A 63 -2.51 22.47 26.60
C ILE A 63 -2.28 23.58 25.62
N GLY A 64 -3.29 24.42 25.41
CA GLY A 64 -3.15 25.53 24.49
C GLY A 64 -2.00 26.43 24.89
N LYS A 65 -2.08 27.70 24.53
CA LYS A 65 -1.00 28.59 24.90
C LYS A 65 -1.53 29.89 25.47
N PHE A 66 -0.67 30.56 26.21
CA PHE A 66 -1.03 31.80 26.87
C PHE A 66 -1.97 31.34 27.98
N CYS A 67 -1.54 30.30 28.68
CA CYS A 67 -2.29 29.76 29.77
C CYS A 67 -1.57 30.13 31.06
N SER A 68 -2.32 30.58 32.05
CA SER A 68 -1.72 30.93 33.33
C SER A 68 -2.04 29.77 34.25
N ILE A 69 -1.01 29.01 34.65
CA ILE A 69 -1.25 27.88 35.53
C ILE A 69 -0.74 28.14 36.94
N GLY A 70 -1.67 28.23 37.89
CA GLY A 70 -1.32 28.49 39.27
C GLY A 70 -0.46 27.42 39.91
N PRO A 71 0.10 27.70 41.09
CA PRO A 71 0.94 26.71 41.76
C PRO A 71 0.14 25.54 42.33
N GLY A 72 0.79 24.38 42.44
CA GLY A 72 0.13 23.21 43.00
C GLY A 72 -0.94 22.59 42.12
N VAL A 73 -1.26 23.22 40.99
CA VAL A 73 -2.28 22.68 40.10
C VAL A 73 -1.88 21.27 39.69
N THR A 74 -2.83 20.35 39.78
CA THR A 74 -2.56 18.95 39.48
C THR A 74 -3.40 18.39 38.33
N ILE A 75 -2.75 17.54 37.54
CA ILE A 75 -3.42 16.91 36.41
C ILE A 75 -3.43 15.41 36.64
N ILE A 76 -4.62 14.82 36.50
CA ILE A 76 -4.71 13.42 36.74
C ILE A 76 -5.16 12.65 35.53
N MET A 77 -4.23 11.84 35.05
CA MET A 77 -4.42 11.03 33.88
C MET A 77 -5.02 9.66 34.21
N ASN A 78 -5.35 8.90 33.18
CA ASN A 78 -5.99 7.60 33.34
C ASN A 78 -5.19 6.50 34.01
N GLY A 79 -3.97 6.77 34.42
CA GLY A 79 -3.16 5.75 35.06
C GLY A 79 -3.57 5.28 36.45
N ALA A 80 -4.67 5.80 36.98
CA ALA A 80 -5.07 5.41 38.32
C ALA A 80 -6.45 4.77 38.39
N ASN A 81 -7.04 4.52 37.24
CA ASN A 81 -8.36 3.93 37.19
C ASN A 81 -8.38 2.43 37.44
N HIS A 82 -9.22 2.02 38.37
CA HIS A 82 -9.37 0.63 38.73
C HIS A 82 -10.45 0.05 37.87
N ARG A 83 -10.41 -1.26 37.71
CA ARG A 83 -11.42 -1.94 36.95
C ARG A 83 -12.67 -1.73 37.79
N MET A 84 -13.82 -1.56 37.16
CA MET A 84 -15.04 -1.32 37.89
C MET A 84 -16.23 -2.19 37.51
N ASP A 85 -16.08 -3.05 36.50
CA ASP A 85 -17.19 -3.90 36.10
C ASP A 85 -17.55 -4.80 37.27
N GLY A 86 -16.58 -5.02 38.15
CA GLY A 86 -16.80 -5.85 39.31
C GLY A 86 -16.11 -5.28 40.55
N SER A 87 -15.26 -6.07 41.17
CA SER A 87 -14.57 -5.61 42.35
C SER A 87 -13.46 -4.66 41.93
N THR A 88 -13.23 -3.64 42.75
CA THR A 88 -12.21 -2.62 42.46
C THR A 88 -10.82 -2.95 43.04
N TYR A 89 -10.71 -4.12 43.65
CA TYR A 89 -9.46 -4.55 44.27
C TYR A 89 -8.40 -5.02 43.30
N PRO A 90 -7.23 -4.38 43.30
CA PRO A 90 -6.13 -4.73 42.41
C PRO A 90 -5.36 -6.01 42.75
N PHE A 91 -6.03 -7.16 42.72
CA PHE A 91 -5.37 -8.43 43.01
C PHE A 91 -4.04 -8.55 42.28
N ASN A 92 -4.11 -8.49 40.95
CA ASN A 92 -2.96 -8.61 40.05
C ASN A 92 -1.74 -7.86 40.51
N LEU A 93 -1.98 -6.73 41.16
CA LEU A 93 -0.91 -5.89 41.64
C LEU A 93 -0.03 -6.55 42.72
N PHE A 94 -0.54 -7.57 43.40
CA PHE A 94 0.22 -8.24 44.48
C PHE A 94 1.03 -9.48 44.11
N GLY A 95 0.85 -9.98 42.89
CA GLY A 95 1.61 -11.14 42.47
C GLY A 95 1.30 -12.38 43.27
N ASN A 96 2.30 -13.25 43.36
CA ASN A 96 2.18 -14.52 44.09
C ASN A 96 1.05 -15.35 43.52
N GLY A 97 0.92 -15.33 42.20
CA GLY A 97 -0.13 -16.09 41.56
C GLY A 97 -1.31 -15.24 41.13
N TRP A 98 -1.49 -14.07 41.74
CA TRP A 98 -2.61 -13.22 41.37
C TRP A 98 -2.38 -12.44 40.07
N GLU A 99 -1.12 -12.40 39.66
CA GLU A 99 -0.72 -11.74 38.44
C GLU A 99 -1.66 -12.11 37.29
N LYS A 100 -2.07 -13.38 37.20
CA LYS A 100 -2.95 -13.82 36.11
C LYS A 100 -4.13 -12.91 35.86
N HIS A 101 -4.61 -12.26 36.91
CA HIS A 101 -5.77 -11.41 36.76
C HIS A 101 -5.49 -10.03 36.20
N MET A 102 -4.24 -9.78 35.82
CA MET A 102 -3.88 -8.50 35.24
C MET A 102 -4.99 -8.17 34.23
N PRO A 103 -5.59 -6.97 34.37
CA PRO A 103 -6.68 -6.53 33.48
C PRO A 103 -6.23 -6.25 32.06
N LYS A 104 -7.11 -6.55 31.12
CA LYS A 104 -6.78 -6.33 29.73
C LYS A 104 -7.14 -4.90 29.31
N LEU A 105 -6.28 -4.30 28.51
CA LEU A 105 -6.48 -2.93 28.06
C LEU A 105 -7.94 -2.57 27.90
N ASP A 106 -8.64 -3.33 27.07
CA ASP A 106 -10.05 -3.05 26.82
C ASP A 106 -10.94 -3.18 28.06
N GLN A 107 -10.36 -3.52 29.20
CA GLN A 107 -11.14 -3.66 30.44
C GLN A 107 -10.99 -2.48 31.39
N LEU A 108 -9.92 -1.71 31.27
CA LEU A 108 -9.71 -0.56 32.13
C LEU A 108 -10.51 0.61 31.53
N PRO A 109 -11.24 1.37 32.36
CA PRO A 109 -11.98 2.46 31.75
C PRO A 109 -11.11 3.67 31.51
N ILE A 110 -11.08 4.13 30.26
CA ILE A 110 -10.30 5.31 29.90
C ILE A 110 -11.28 6.38 29.49
N LYS A 111 -11.36 7.45 30.27
CA LYS A 111 -12.31 8.50 29.96
C LYS A 111 -11.94 9.38 28.77
N GLY A 112 -10.75 9.15 28.20
CA GLY A 112 -10.31 9.93 27.05
C GLY A 112 -9.15 10.87 27.38
N ASP A 113 -8.76 11.70 26.42
CA ASP A 113 -7.67 12.64 26.63
C ASP A 113 -8.17 13.81 27.44
N THR A 114 -7.24 14.60 27.98
CA THR A 114 -7.56 15.77 28.77
C THR A 114 -7.10 16.94 27.92
N ILE A 115 -8.01 17.84 27.59
CA ILE A 115 -7.67 18.98 26.75
C ILE A 115 -7.94 20.32 27.42
N ILE A 116 -6.92 21.17 27.46
CA ILE A 116 -7.07 22.48 28.07
C ILE A 116 -6.76 23.49 26.99
N GLY A 117 -7.74 24.35 26.69
CA GLY A 117 -7.57 25.35 25.65
C GLY A 117 -6.55 26.46 25.87
N ASN A 118 -6.63 27.48 25.02
CA ASN A 118 -5.72 28.62 25.07
C ASN A 118 -6.29 29.76 25.89
N ASP A 119 -5.40 30.58 26.43
CA ASP A 119 -5.81 31.69 27.26
C ASP A 119 -6.60 31.19 28.47
N VAL A 120 -6.30 29.98 28.93
CA VAL A 120 -7.00 29.45 30.08
C VAL A 120 -6.21 29.74 31.36
N TRP A 121 -6.92 30.22 32.38
CA TRP A 121 -6.32 30.54 33.68
C TRP A 121 -6.82 29.58 34.75
N ILE A 122 -5.90 28.83 35.34
CA ILE A 122 -6.27 27.87 36.36
C ILE A 122 -5.72 28.28 37.72
N GLY A 123 -6.62 28.41 38.68
CA GLY A 123 -6.24 28.83 40.03
C GLY A 123 -5.25 27.88 40.66
N LYS A 124 -4.77 28.24 41.84
CA LYS A 124 -3.80 27.40 42.51
C LYS A 124 -4.47 26.19 43.11
N ASP A 125 -3.68 25.14 43.33
CA ASP A 125 -4.14 23.91 43.94
C ASP A 125 -5.42 23.34 43.36
N VAL A 126 -5.58 23.47 42.06
CA VAL A 126 -6.76 22.95 41.39
C VAL A 126 -6.37 21.53 41.00
N VAL A 127 -7.33 20.61 41.02
CA VAL A 127 -7.08 19.22 40.64
C VAL A 127 -7.88 18.93 39.40
N ILE A 128 -7.24 18.43 38.34
CA ILE A 128 -7.98 18.13 37.12
C ILE A 128 -8.05 16.64 36.86
N MET A 129 -9.28 16.11 36.82
CA MET A 129 -9.53 14.70 36.58
C MET A 129 -9.30 14.35 35.11
N PRO A 130 -9.15 13.05 34.79
CA PRO A 130 -8.92 12.53 33.43
C PRO A 130 -10.01 12.76 32.39
N GLY A 131 -9.57 12.86 31.14
CA GLY A 131 -10.46 13.05 30.01
C GLY A 131 -11.42 14.23 30.10
N VAL A 132 -10.93 15.35 30.61
CA VAL A 132 -11.76 16.54 30.75
C VAL A 132 -11.34 17.57 29.72
N LYS A 133 -12.30 18.17 29.02
CA LYS A 133 -11.94 19.20 28.06
C LYS A 133 -12.29 20.55 28.68
N ILE A 134 -11.36 21.51 28.64
CA ILE A 134 -11.61 22.86 29.17
C ILE A 134 -11.54 23.93 28.06
N GLY A 135 -12.56 24.79 28.04
CA GLY A 135 -12.65 25.80 27.01
C GLY A 135 -11.67 26.95 26.94
N ASP A 136 -11.53 27.51 25.73
CA ASP A 136 -10.64 28.64 25.50
C ASP A 136 -11.08 29.80 26.38
N GLY A 137 -10.12 30.50 26.96
CA GLY A 137 -10.45 31.65 27.79
C GLY A 137 -11.29 31.43 29.03
N ALA A 138 -11.23 30.24 29.63
CA ALA A 138 -12.01 30.01 30.85
C ALA A 138 -11.20 30.28 32.11
N ILE A 139 -11.86 30.61 33.21
CA ILE A 139 -11.15 30.85 34.47
C ILE A 139 -11.64 29.82 35.47
N VAL A 140 -10.70 29.02 35.98
CA VAL A 140 -11.04 28.00 36.95
C VAL A 140 -10.56 28.40 38.34
N ALA A 141 -11.52 28.73 39.20
CA ALA A 141 -11.23 29.18 40.55
C ALA A 141 -10.25 28.30 41.32
N ALA A 142 -9.40 28.93 42.12
CA ALA A 142 -8.42 28.23 42.91
C ALA A 142 -9.12 27.16 43.76
N ASN A 143 -8.40 26.06 43.99
CA ASN A 143 -8.91 24.95 44.80
C ASN A 143 -10.09 24.15 44.26
N SER A 144 -10.33 24.24 42.95
CA SER A 144 -11.44 23.50 42.33
C SER A 144 -11.01 22.11 42.00
N VAL A 145 -11.99 21.25 41.68
CA VAL A 145 -11.71 19.87 41.29
C VAL A 145 -12.57 19.72 40.05
N VAL A 146 -11.92 19.63 38.89
CA VAL A 146 -12.61 19.52 37.61
C VAL A 146 -12.88 18.09 37.18
N VAL A 147 -14.15 17.73 37.20
CA VAL A 147 -14.57 16.38 36.82
C VAL A 147 -15.32 16.34 35.49
N LYS A 148 -15.84 17.48 35.05
CA LYS A 148 -16.53 17.49 33.79
C LYS A 148 -16.09 18.69 32.97
N ASP A 149 -16.40 18.65 31.68
CA ASP A 149 -16.05 19.70 30.72
C ASP A 149 -16.46 21.10 31.16
N ILE A 150 -15.72 22.09 30.69
CA ILE A 150 -16.03 23.50 30.97
C ILE A 150 -16.03 24.24 29.63
N ALA A 151 -17.08 25.02 29.40
CA ALA A 151 -17.21 25.74 28.15
C ALA A 151 -16.28 26.94 28.13
N PRO A 152 -15.96 27.43 26.93
CA PRO A 152 -15.07 28.58 26.75
C PRO A 152 -15.58 29.79 27.50
N TYR A 153 -14.65 30.69 27.81
CA TYR A 153 -14.92 31.92 28.51
C TYR A 153 -15.93 31.78 29.66
N MET A 154 -15.91 30.62 30.27
CA MET A 154 -16.76 30.31 31.40
C MET A 154 -15.97 30.48 32.69
N LEU A 155 -16.65 30.89 33.75
CA LEU A 155 -16.04 31.04 35.06
C LEU A 155 -16.49 29.82 35.84
N ALA A 156 -15.57 28.99 36.29
CA ALA A 156 -16.00 27.80 37.01
C ALA A 156 -15.21 27.60 38.29
N GLY A 157 -15.81 26.89 39.23
CA GLY A 157 -15.14 26.63 40.49
C GLY A 157 -15.95 25.73 41.40
N GLY A 158 -15.28 25.14 42.39
CA GLY A 158 -15.97 24.27 43.31
C GLY A 158 -15.47 22.85 43.24
N ASN A 159 -16.02 22.01 44.13
CA ASN A 159 -15.67 20.61 44.22
C ASN A 159 -16.96 19.81 44.40
N PRO A 160 -17.49 19.21 43.32
CA PRO A 160 -16.94 19.28 41.97
C PRO A 160 -17.06 20.69 41.43
N ALA A 161 -16.34 20.98 40.35
CA ALA A 161 -16.39 22.31 39.77
C ALA A 161 -17.65 22.48 38.91
N ASN A 162 -18.26 23.64 39.00
CA ASN A 162 -19.44 23.91 38.21
C ASN A 162 -19.21 25.21 37.45
N GLU A 163 -19.94 25.36 36.35
CA GLU A 163 -19.86 26.57 35.56
C GLU A 163 -20.65 27.55 36.42
N ILE A 164 -20.02 28.66 36.79
CA ILE A 164 -20.66 29.65 37.62
C ILE A 164 -21.34 30.75 36.82
N LYS A 165 -20.62 31.26 35.81
CA LYS A 165 -21.13 32.37 35.01
C LYS A 165 -20.28 32.54 33.74
N GLN A 166 -20.82 33.28 32.78
CA GLN A 166 -20.12 33.56 31.53
C GLN A 166 -19.33 34.84 31.77
N ARG A 167 -18.19 34.98 31.11
CA ARG A 167 -17.34 36.16 31.31
C ARG A 167 -17.78 37.36 30.48
N PHE A 168 -18.39 37.09 29.33
CA PHE A 168 -18.85 38.15 28.41
C PHE A 168 -20.10 37.73 27.66
N ASP A 169 -20.72 38.69 26.96
CA ASP A 169 -21.93 38.41 26.21
C ASP A 169 -21.61 37.42 25.11
N GLN A 170 -22.58 36.57 24.79
CA GLN A 170 -22.42 35.56 23.76
C GLN A 170 -21.75 36.11 22.51
N ASP A 171 -22.22 37.28 22.09
CA ASP A 171 -21.71 37.97 20.91
C ASP A 171 -20.19 38.03 20.93
N THR A 172 -19.69 38.77 21.92
CA THR A 172 -18.27 38.96 22.14
C THR A 172 -17.55 37.61 22.11
N ILE A 173 -18.10 36.65 22.85
CA ILE A 173 -17.52 35.32 22.91
C ILE A 173 -17.43 34.68 21.52
N ASN A 174 -18.54 34.67 20.78
CA ASN A 174 -18.56 34.07 19.45
C ASN A 174 -17.46 34.66 18.60
N GLN A 175 -17.16 35.93 18.82
CA GLN A 175 -16.13 36.60 18.05
C GLN A 175 -14.71 36.13 18.38
N LEU A 176 -14.36 36.19 19.65
CA LEU A 176 -13.03 35.79 20.10
C LEU A 176 -12.74 34.36 19.68
N LEU A 177 -13.77 33.53 19.71
CA LEU A 177 -13.63 32.13 19.35
C LEU A 177 -13.42 32.05 17.84
N ASP A 178 -13.70 33.17 17.18
CA ASP A 178 -13.55 33.27 15.74
C ASP A 178 -12.16 33.80 15.38
N ILE A 179 -11.82 34.95 15.96
CA ILE A 179 -10.53 35.61 15.73
C ILE A 179 -9.32 34.77 16.09
N LYS A 180 -9.34 34.13 17.27
CA LYS A 180 -8.24 33.29 17.73
C LYS A 180 -6.90 34.02 17.63
N TRP A 181 -6.78 35.10 18.40
CA TRP A 181 -5.57 35.90 18.39
C TRP A 181 -4.33 35.09 18.78
N TRP A 182 -4.52 34.15 19.70
CA TRP A 182 -3.41 33.33 20.18
C TRP A 182 -2.72 32.55 19.06
N ASN A 183 -3.36 32.44 17.90
CA ASN A 183 -2.76 31.70 16.80
C ASN A 183 -1.94 32.61 15.87
N TRP A 184 -1.86 33.90 16.18
CA TRP A 184 -1.12 34.82 15.33
C TRP A 184 0.36 34.93 15.65
N PRO A 185 1.21 35.14 14.62
CA PRO A 185 2.65 35.28 14.87
C PRO A 185 2.80 36.32 15.95
N ILE A 186 3.81 36.19 16.80
CA ILE A 186 3.95 37.14 17.89
C ILE A 186 4.27 38.58 17.46
N ASP A 187 4.90 38.73 16.29
CA ASP A 187 5.22 40.08 15.82
C ASP A 187 3.93 40.87 15.78
N ILE A 188 2.82 40.16 15.67
CA ILE A 188 1.53 40.82 15.59
C ILE A 188 0.87 40.93 16.94
N ILE A 189 0.66 39.79 17.60
CA ILE A 189 0.05 39.82 18.91
C ILE A 189 0.74 40.99 19.65
N ASN A 190 2.03 41.14 19.37
CA ASN A 190 2.86 42.18 19.98
C ASN A 190 2.35 43.61 19.87
N GLU A 191 1.72 43.96 18.76
CA GLU A 191 1.21 45.31 18.63
C GLU A 191 -0.30 45.37 18.85
N ASN A 192 -0.81 44.53 19.73
CA ASN A 192 -2.24 44.57 20.00
C ASN A 192 -2.53 44.16 21.42
N ILE A 193 -1.47 43.77 22.13
CA ILE A 193 -1.59 43.33 23.50
C ILE A 193 -2.62 44.18 24.24
N ASP A 194 -2.62 45.48 23.98
CA ASP A 194 -3.58 46.38 24.62
C ASP A 194 -5.00 46.12 24.18
N LYS A 195 -5.21 46.01 22.87
CA LYS A 195 -6.56 45.75 22.41
C LYS A 195 -6.97 44.33 22.79
N ILE A 196 -6.02 43.55 23.31
CA ILE A 196 -6.35 42.18 23.69
C ILE A 196 -6.64 42.13 25.18
N LEU A 197 -5.94 42.96 25.95
CA LEU A 197 -6.16 43.00 27.39
C LEU A 197 -7.47 43.68 27.74
N ASP A 198 -7.99 44.51 26.84
CA ASP A 198 -9.25 45.18 27.11
C ASP A 198 -10.36 44.74 26.15
N ASN A 199 -10.19 43.57 25.56
CA ASN A 199 -11.21 43.02 24.66
C ASN A 199 -11.65 43.87 23.46
N SER A 200 -10.87 44.87 23.08
CA SER A 200 -11.21 45.70 21.93
C SER A 200 -10.68 45.16 20.59
N ILE A 201 -9.92 44.07 20.62
CA ILE A 201 -9.42 43.47 19.38
C ILE A 201 -10.61 43.01 18.53
N ILE A 202 -11.77 42.88 19.16
CA ILE A 202 -12.99 42.45 18.49
C ILE A 202 -13.49 43.46 17.46
N ARG A 203 -13.12 44.74 17.64
CA ARG A 203 -13.54 45.80 16.73
C ARG A 203 -12.46 46.10 15.67
N GLU A 204 -11.19 46.00 16.02
CA GLU A 204 -10.18 46.24 15.00
C GLU A 204 -10.38 45.17 13.91
N VAL A 205 -10.14 43.90 14.28
CA VAL A 205 -10.26 42.68 13.44
C VAL A 205 -11.09 42.76 12.15
N MET B 1 -6.18 37.01 85.64
CA MET B 1 -6.15 35.53 85.49
C MET B 1 -6.30 35.15 84.04
N GLY B 2 -5.53 34.16 83.60
CA GLY B 2 -5.56 33.76 82.22
C GLY B 2 -4.18 34.04 81.68
N PRO B 3 -3.85 33.61 80.45
CA PRO B 3 -2.54 33.82 79.86
C PRO B 3 -2.35 35.24 79.37
N ASN B 4 -1.10 35.63 79.18
CA ASN B 4 -0.76 36.95 78.69
C ASN B 4 -0.96 36.97 77.17
N PRO B 5 -1.88 37.81 76.68
CA PRO B 5 -2.20 37.96 75.25
C PRO B 5 -1.08 38.50 74.37
N MET B 6 -0.03 39.04 74.99
CA MET B 6 1.09 39.61 74.24
C MET B 6 2.20 38.61 74.01
N LYS B 7 1.97 37.37 74.40
CA LYS B 7 2.96 36.33 74.23
C LYS B 7 2.74 35.53 72.95
N MET B 8 3.81 35.33 72.18
CA MET B 8 3.71 34.55 70.96
C MET B 8 3.28 33.15 71.35
N TYR B 9 3.98 32.61 72.33
CA TYR B 9 3.69 31.28 72.83
C TYR B 9 3.24 31.36 74.27
N PRO B 10 1.92 31.39 74.50
CA PRO B 10 1.38 31.48 75.86
C PRO B 10 1.55 30.24 76.75
N ILE B 11 1.80 29.10 76.13
CA ILE B 11 1.96 27.85 76.86
C ILE B 11 3.44 27.51 76.93
N GLU B 12 4.03 27.75 78.10
CA GLU B 12 5.45 27.50 78.30
C GLU B 12 5.88 26.18 77.64
N GLY B 13 7.04 26.21 76.97
CA GLY B 13 7.55 25.03 76.32
C GLY B 13 6.82 24.54 75.08
N ASN B 14 5.71 25.18 74.72
CA ASN B 14 4.97 24.76 73.53
C ASN B 14 5.10 25.77 72.39
N LYS B 15 5.61 25.31 71.25
CA LYS B 15 5.80 26.16 70.08
C LYS B 15 4.75 25.95 69.01
N SER B 16 3.70 25.21 69.33
CA SER B 16 2.64 24.91 68.37
C SER B 16 1.44 25.85 68.51
N VAL B 17 1.00 26.06 69.74
CA VAL B 17 -0.12 26.96 70.02
C VAL B 17 0.48 28.37 70.05
N GLN B 18 -0.06 29.29 69.26
CA GLN B 18 0.47 30.64 69.24
C GLN B 18 -0.62 31.70 69.12
N PHE B 19 -0.46 32.78 69.87
CA PHE B 19 -1.43 33.87 69.82
C PHE B 19 -1.12 34.66 68.56
N ILE B 20 -2.12 34.88 67.71
CA ILE B 20 -1.92 35.59 66.46
C ILE B 20 -1.51 37.06 66.53
N LYS B 21 -2.04 37.80 67.50
CA LYS B 21 -1.76 39.22 67.59
C LYS B 21 -0.30 39.65 67.76
N PRO B 22 0.37 39.15 68.81
CA PRO B 22 1.75 39.57 68.98
C PRO B 22 2.61 39.20 67.77
N ILE B 23 2.09 38.30 66.94
CA ILE B 23 2.81 37.84 65.76
C ILE B 23 2.58 38.75 64.56
N LEU B 24 1.34 39.17 64.36
CA LEU B 24 1.00 39.99 63.20
C LEU B 24 0.99 41.52 63.38
N GLU B 25 1.08 42.01 64.61
CA GLU B 25 1.05 43.44 64.84
C GLU B 25 2.08 44.22 64.02
N LYS B 26 3.25 43.63 63.82
CA LYS B 26 4.31 44.27 63.05
C LYS B 26 3.86 44.59 61.62
N LEU B 27 2.80 43.92 61.16
CA LEU B 27 2.33 44.11 59.79
C LEU B 27 1.29 45.20 59.57
N GLU B 28 1.50 45.95 58.51
CA GLU B 28 0.58 47.02 58.16
C GLU B 28 -0.63 46.40 57.42
N ASN B 29 -1.80 46.98 57.65
CA ASN B 29 -3.04 46.53 57.03
C ASN B 29 -3.60 45.22 57.61
N VAL B 30 -3.24 44.92 58.86
CA VAL B 30 -3.72 43.71 59.53
C VAL B 30 -4.19 44.06 60.95
N GLU B 31 -5.41 43.63 61.29
CA GLU B 31 -5.99 43.88 62.62
C GLU B 31 -6.35 42.53 63.28
N VAL B 32 -5.90 42.33 64.52
CA VAL B 32 -6.16 41.07 65.23
C VAL B 32 -6.64 41.18 66.68
N GLY B 33 -7.58 40.31 67.04
CA GLY B 33 -8.14 40.27 68.39
C GLY B 33 -7.20 39.63 69.38
N GLU B 34 -7.23 40.12 70.61
CA GLU B 34 -6.33 39.64 71.66
C GLU B 34 -6.12 38.14 71.86
N TYR B 35 -7.17 37.38 72.13
CA TYR B 35 -6.91 35.97 72.42
C TYR B 35 -7.01 34.96 71.28
N SER B 36 -7.02 35.46 70.05
CA SER B 36 -7.10 34.58 68.90
C SER B 36 -5.79 33.80 68.76
N TYR B 37 -5.90 32.47 68.73
CA TYR B 37 -4.73 31.64 68.62
C TYR B 37 -4.77 30.80 67.35
N TYR B 38 -3.60 30.25 66.99
CA TYR B 38 -3.47 29.42 65.81
C TYR B 38 -2.77 28.15 66.24
N ASP B 39 -3.36 27.01 65.89
CA ASP B 39 -2.78 25.72 66.22
C ASP B 39 -1.85 25.39 65.04
N SER B 40 -0.56 25.62 65.20
CA SER B 40 0.37 25.36 64.10
C SER B 40 0.34 23.92 63.59
N LYS B 41 0.42 23.79 62.27
CA LYS B 41 0.42 22.49 61.63
C LYS B 41 1.80 21.85 61.77
N ASN B 42 2.82 22.50 61.19
CA ASN B 42 4.18 22.00 61.23
C ASN B 42 5.14 22.90 61.99
N GLY B 43 4.61 23.74 62.86
CA GLY B 43 5.47 24.63 63.63
C GLY B 43 5.59 26.01 63.03
N GLU B 44 5.03 26.20 61.84
CA GLU B 44 5.09 27.50 61.17
C GLU B 44 4.22 28.56 61.86
N THR B 45 4.65 29.80 61.77
CA THR B 45 3.90 30.91 62.37
C THR B 45 2.76 31.28 61.42
N PHE B 46 1.70 31.86 61.96
CA PHE B 46 0.56 32.20 61.14
C PHE B 46 0.85 33.11 59.96
N ASP B 47 1.79 34.04 60.12
CA ASP B 47 2.07 34.97 59.03
C ASP B 47 2.38 34.28 57.70
N LYS B 48 2.87 33.04 57.75
CA LYS B 48 3.16 32.28 56.54
C LYS B 48 1.85 31.88 55.87
N GLN B 49 0.79 31.82 56.66
CA GLN B 49 -0.52 31.44 56.17
C GLN B 49 -1.33 32.50 55.44
N ILE B 50 -0.87 33.75 55.46
CA ILE B 50 -1.57 34.82 54.76
C ILE B 50 -0.84 35.06 53.43
N LEU B 51 -1.52 34.78 52.32
CA LEU B 51 -0.89 34.91 51.01
C LEU B 51 -1.36 36.02 50.10
N TYR B 52 -0.45 36.44 49.23
CA TYR B 52 -0.70 37.47 48.25
C TYR B 52 -1.25 38.75 48.84
N HIS B 53 -0.67 39.16 49.96
CA HIS B 53 -1.09 40.38 50.63
C HIS B 53 -0.07 41.48 50.43
N TYR B 54 -0.30 42.32 49.42
CA TYR B 54 0.59 43.44 49.09
C TYR B 54 0.02 44.74 49.66
N PRO B 55 0.85 45.49 50.41
CA PRO B 55 0.42 46.75 51.03
C PRO B 55 -0.05 47.75 50.00
N ILE B 56 0.58 47.70 48.83
CA ILE B 56 0.23 48.61 47.76
C ILE B 56 -1.26 48.48 47.38
N LEU B 57 -1.78 47.25 47.27
CA LEU B 57 -3.19 47.07 46.91
C LEU B 57 -4.12 47.56 48.03
N ASN B 58 -3.52 47.86 49.17
CA ASN B 58 -4.24 48.36 50.33
C ASN B 58 -5.47 47.60 50.81
N ASP B 59 -5.49 46.28 50.67
CA ASP B 59 -6.64 45.56 51.20
C ASP B 59 -6.23 45.21 52.63
N LYS B 60 -7.20 44.99 53.50
CA LYS B 60 -6.84 44.67 54.88
C LYS B 60 -7.48 43.37 55.35
N LEU B 61 -6.86 42.77 56.36
CA LEU B 61 -7.34 41.53 56.94
C LEU B 61 -7.73 41.84 58.37
N LYS B 62 -8.87 41.33 58.83
CA LYS B 62 -9.32 41.58 60.19
C LYS B 62 -9.80 40.34 60.90
N ILE B 63 -9.28 40.13 62.11
CA ILE B 63 -9.64 38.98 62.93
C ILE B 63 -10.01 39.45 64.33
N GLY B 64 -11.23 39.13 64.77
CA GLY B 64 -11.67 39.55 66.10
C GLY B 64 -10.95 38.83 67.24
N LYS B 65 -11.52 38.89 68.44
CA LYS B 65 -10.89 38.22 69.58
C LYS B 65 -11.51 36.83 69.81
N PHE B 66 -10.81 36.01 70.60
CA PHE B 66 -11.23 34.65 70.97
C PHE B 66 -11.61 33.77 69.79
N CYS B 67 -10.72 33.73 68.81
CA CYS B 67 -10.97 32.92 67.62
C CYS B 67 -10.04 31.73 67.71
N SER B 68 -10.53 30.56 67.32
CA SER B 68 -9.73 29.34 67.33
C SER B 68 -9.43 28.96 65.90
N ILE B 69 -8.30 29.41 65.36
CA ILE B 69 -7.95 29.09 63.99
C ILE B 69 -7.15 27.78 63.94
N GLY B 70 -7.61 26.85 63.11
CA GLY B 70 -6.97 25.54 63.00
C GLY B 70 -5.71 25.46 62.16
N PRO B 71 -5.01 24.32 62.17
CA PRO B 71 -3.77 24.21 61.37
C PRO B 71 -4.02 24.10 59.89
N GLY B 72 -3.14 24.72 59.12
CA GLY B 72 -3.27 24.68 57.68
C GLY B 72 -4.17 25.75 57.11
N VAL B 73 -4.99 26.38 57.95
CA VAL B 73 -5.87 27.43 57.45
C VAL B 73 -5.06 28.39 56.60
N THR B 74 -5.65 28.79 55.48
CA THR B 74 -5.01 29.70 54.52
C THR B 74 -5.90 30.85 54.11
N ILE B 75 -5.37 32.06 54.29
CA ILE B 75 -6.08 33.29 53.95
C ILE B 75 -5.41 33.90 52.72
N ILE B 76 -6.16 33.99 51.63
CA ILE B 76 -5.63 34.53 50.38
C ILE B 76 -6.14 35.94 50.15
N MET B 77 -5.21 36.88 50.02
CA MET B 77 -5.59 38.26 49.81
C MET B 77 -5.71 38.60 48.32
N ASN B 78 -5.88 39.88 47.98
CA ASN B 78 -6.09 40.23 46.57
C ASN B 78 -4.93 40.30 45.57
N GLY B 79 -3.70 40.12 46.02
CA GLY B 79 -2.58 40.18 45.09
C GLY B 79 -2.52 38.98 44.16
N ALA B 80 -3.58 38.19 44.16
CA ALA B 80 -3.61 36.99 43.34
C ALA B 80 -4.55 37.05 42.13
N ASN B 81 -5.40 38.06 42.06
CA ASN B 81 -6.34 38.18 40.94
C ASN B 81 -5.64 38.75 39.71
N HIS B 82 -6.07 38.30 38.53
CA HIS B 82 -5.51 38.81 37.27
C HIS B 82 -6.53 39.77 36.71
N ARG B 83 -6.12 40.57 35.74
CA ARG B 83 -7.05 41.47 35.08
C ARG B 83 -8.00 40.55 34.33
N MET B 84 -9.27 40.90 34.20
CA MET B 84 -10.19 40.02 33.48
C MET B 84 -11.14 40.63 32.46
N ASP B 85 -10.88 41.86 32.03
CA ASP B 85 -11.74 42.52 31.05
C ASP B 85 -11.34 42.02 29.66
N GLY B 86 -10.18 41.39 29.59
CA GLY B 86 -9.70 40.85 28.35
C GLY B 86 -9.02 39.54 28.70
N SER B 87 -7.78 39.40 28.26
CA SER B 87 -7.00 38.21 28.54
C SER B 87 -6.60 38.17 30.01
N THR B 88 -6.44 36.97 30.55
CA THR B 88 -6.04 36.78 31.94
C THR B 88 -4.53 36.54 31.97
N TYR B 89 -3.90 36.59 30.81
CA TYR B 89 -2.47 36.36 30.73
C TYR B 89 -1.69 37.60 31.18
N PRO B 90 -0.70 37.42 32.07
CA PRO B 90 0.12 38.53 32.58
C PRO B 90 1.32 38.81 31.69
N PHE B 91 1.12 39.61 30.66
CA PHE B 91 2.20 39.97 29.74
C PHE B 91 3.30 40.77 30.42
N ASN B 92 2.92 41.69 31.28
CA ASN B 92 3.86 42.57 31.98
C ASN B 92 4.86 41.84 32.86
N LEU B 93 4.45 40.72 33.43
CA LEU B 93 5.30 39.94 34.33
C LEU B 93 6.59 39.44 33.66
N PHE B 94 6.53 39.17 32.37
CA PHE B 94 7.69 38.67 31.64
C PHE B 94 8.61 39.76 31.11
N GLY B 95 8.19 41.00 31.26
CA GLY B 95 9.00 42.11 30.82
C GLY B 95 9.49 42.06 29.39
N ASN B 96 10.79 42.32 29.23
CA ASN B 96 11.46 42.35 27.94
C ASN B 96 10.61 43.11 26.93
N GLY B 97 10.18 44.29 27.32
CA GLY B 97 9.35 45.12 26.47
C GLY B 97 7.88 45.10 26.86
N TRP B 98 7.45 44.03 27.51
CA TRP B 98 6.05 43.90 27.90
C TRP B 98 5.65 44.67 29.16
N GLU B 99 6.63 45.06 29.98
CA GLU B 99 6.31 45.83 31.20
C GLU B 99 5.33 46.96 30.86
N LYS B 100 5.35 47.42 29.60
CA LYS B 100 4.50 48.50 29.03
C LYS B 100 3.09 48.35 29.52
N HIS B 101 2.65 47.10 29.42
CA HIS B 101 1.31 46.69 29.72
C HIS B 101 0.99 46.40 31.17
N MET B 102 1.76 46.97 32.08
CA MET B 102 1.49 46.79 33.50
C MET B 102 0.04 47.25 33.67
N PRO B 103 -0.73 46.60 34.55
CA PRO B 103 -2.11 47.07 34.67
C PRO B 103 -2.20 48.21 35.66
N LYS B 104 -3.06 49.18 35.39
CA LYS B 104 -3.21 50.29 36.31
C LYS B 104 -4.03 49.70 37.46
N LEU B 105 -3.94 50.30 38.63
CA LEU B 105 -4.67 49.83 39.81
C LEU B 105 -6.19 49.69 39.60
N ASP B 106 -6.82 50.74 39.07
CA ASP B 106 -8.26 50.70 38.84
C ASP B 106 -8.67 49.60 37.86
N GLN B 107 -7.70 48.92 37.27
CA GLN B 107 -7.97 47.85 36.30
C GLN B 107 -7.96 46.47 36.95
N LEU B 108 -7.27 46.36 38.08
CA LEU B 108 -7.17 45.11 38.80
C LEU B 108 -8.43 44.88 39.62
N PRO B 109 -9.00 43.67 39.55
CA PRO B 109 -10.21 43.34 40.29
C PRO B 109 -9.90 43.20 41.76
N ILE B 110 -10.34 44.16 42.58
CA ILE B 110 -10.08 44.05 44.00
C ILE B 110 -11.40 43.82 44.70
N LYS B 111 -11.56 42.59 45.21
CA LYS B 111 -12.76 42.12 45.88
C LYS B 111 -13.08 42.78 47.22
N GLY B 112 -12.10 43.39 47.88
CA GLY B 112 -12.37 44.05 49.15
C GLY B 112 -11.65 43.48 50.36
N ASP B 113 -12.07 43.91 51.54
CA ASP B 113 -11.46 43.47 52.80
C ASP B 113 -11.97 42.14 53.32
N THR B 114 -11.11 41.40 54.00
CA THR B 114 -11.48 40.13 54.61
C THR B 114 -11.64 40.41 56.11
N ILE B 115 -12.80 40.08 56.66
CA ILE B 115 -13.06 40.32 58.07
C ILE B 115 -13.61 39.11 58.81
N ILE B 116 -12.87 38.62 59.79
CA ILE B 116 -13.33 37.48 60.58
C ILE B 116 -13.80 37.98 61.95
N GLY B 117 -15.07 37.71 62.25
CA GLY B 117 -15.64 38.13 63.51
C GLY B 117 -14.96 37.61 64.77
N ASN B 118 -15.70 37.68 65.87
CA ASN B 118 -15.20 37.24 67.16
C ASN B 118 -15.75 35.89 67.52
N ASP B 119 -15.02 35.18 68.38
CA ASP B 119 -15.42 33.87 68.84
C ASP B 119 -15.84 32.97 67.67
N VAL B 120 -15.01 33.00 66.62
CA VAL B 120 -15.23 32.20 65.42
C VAL B 120 -14.21 31.06 65.37
N TRP B 121 -14.68 29.87 65.02
CA TRP B 121 -13.84 28.68 64.95
C TRP B 121 -13.68 28.23 63.50
N ILE B 122 -12.44 28.13 63.05
CA ILE B 122 -12.16 27.74 61.68
C ILE B 122 -11.38 26.45 61.67
N GLY B 123 -12.00 25.42 61.12
CA GLY B 123 -11.37 24.12 61.05
C GLY B 123 -10.11 24.08 60.24
N LYS B 124 -9.43 22.94 60.29
CA LYS B 124 -8.16 22.76 59.58
C LYS B 124 -8.25 22.83 58.06
N ASP B 125 -7.17 23.30 57.46
CA ASP B 125 -7.08 23.39 56.01
C ASP B 125 -8.22 24.13 55.28
N VAL B 126 -8.81 25.09 55.96
CA VAL B 126 -9.87 25.90 55.37
C VAL B 126 -9.17 27.00 54.59
N VAL B 127 -9.60 27.19 53.35
CA VAL B 127 -9.02 28.24 52.52
C VAL B 127 -10.03 29.38 52.44
N ILE B 128 -9.58 30.59 52.76
CA ILE B 128 -10.46 31.74 52.71
C ILE B 128 -10.12 32.70 51.57
N MET B 129 -11.02 32.79 50.60
CA MET B 129 -10.83 33.65 49.45
C MET B 129 -10.94 35.12 49.86
N PRO B 130 -10.44 36.04 49.02
CA PRO B 130 -10.43 37.49 49.25
C PRO B 130 -11.76 38.22 49.30
N GLY B 131 -11.84 39.18 50.20
CA GLY B 131 -13.04 39.99 50.35
C GLY B 131 -14.23 39.28 50.95
N VAL B 132 -13.98 38.48 51.97
CA VAL B 132 -15.06 37.76 52.62
C VAL B 132 -15.29 38.24 54.04
N LYS B 133 -16.50 38.06 54.54
CA LYS B 133 -16.86 38.44 55.92
C LYS B 133 -17.48 37.22 56.58
N ILE B 134 -16.92 36.88 57.74
CA ILE B 134 -17.38 35.75 58.53
C ILE B 134 -17.84 36.31 59.87
N GLY B 135 -19.13 36.17 60.14
CA GLY B 135 -19.70 36.71 61.37
C GLY B 135 -19.30 36.04 62.66
N ASP B 136 -19.48 36.78 63.75
CA ASP B 136 -19.14 36.35 65.08
C ASP B 136 -19.78 35.01 65.41
N GLY B 137 -19.08 34.21 66.20
CA GLY B 137 -19.63 32.92 66.62
C GLY B 137 -19.92 31.91 65.53
N ALA B 138 -19.42 32.17 64.33
CA ALA B 138 -19.64 31.23 63.25
C ALA B 138 -18.71 30.07 63.47
N ILE B 139 -18.93 28.99 62.73
CA ILE B 139 -18.08 27.81 62.82
C ILE B 139 -17.89 27.30 61.40
N VAL B 140 -16.64 27.15 61.00
CA VAL B 140 -16.35 26.68 59.65
C VAL B 140 -15.77 25.27 59.68
N ALA B 141 -16.41 24.36 58.97
CA ALA B 141 -15.97 22.99 58.93
C ALA B 141 -14.62 22.85 58.23
N ALA B 142 -13.80 21.94 58.74
CA ALA B 142 -12.48 21.71 58.18
C ALA B 142 -12.56 21.51 56.67
N ASN B 143 -11.46 21.80 55.99
CA ASN B 143 -11.41 21.62 54.54
C ASN B 143 -12.48 22.37 53.77
N SER B 144 -12.84 23.54 54.25
CA SER B 144 -13.84 24.32 53.54
C SER B 144 -13.11 25.30 52.65
N VAL B 145 -13.88 26.01 51.84
CA VAL B 145 -13.34 27.01 50.96
C VAL B 145 -14.35 28.14 50.97
N VAL B 146 -14.04 29.22 51.69
CA VAL B 146 -14.96 30.36 51.81
C VAL B 146 -14.88 31.33 50.64
N VAL B 147 -15.91 31.32 49.81
CA VAL B 147 -15.96 32.18 48.65
C VAL B 147 -16.92 33.36 48.86
N LYS B 148 -17.75 33.27 49.89
CA LYS B 148 -18.71 34.33 50.19
C LYS B 148 -18.91 34.50 51.69
N ASP B 149 -19.59 35.57 52.05
CA ASP B 149 -19.87 35.91 53.43
C ASP B 149 -20.58 34.80 54.17
N ILE B 150 -20.55 34.90 55.49
CA ILE B 150 -21.20 33.92 56.33
C ILE B 150 -21.83 34.65 57.50
N ALA B 151 -23.14 34.50 57.65
CA ALA B 151 -23.84 35.16 58.75
C ALA B 151 -23.26 34.64 60.07
N PRO B 152 -23.46 35.39 61.16
CA PRO B 152 -22.98 35.03 62.50
C PRO B 152 -23.69 33.83 63.14
N TYR B 153 -22.92 33.03 63.87
CA TYR B 153 -23.42 31.86 64.56
C TYR B 153 -24.01 30.80 63.64
N MET B 154 -23.48 30.79 62.43
CA MET B 154 -23.89 29.84 61.41
C MET B 154 -22.80 28.80 61.31
N LEU B 155 -23.19 27.56 61.07
CA LEU B 155 -22.24 26.48 60.88
C LEU B 155 -22.16 26.36 59.37
N ALA B 156 -20.97 26.50 58.79
CA ALA B 156 -20.82 26.41 57.35
C ALA B 156 -19.75 25.41 56.94
N GLY B 157 -19.83 24.92 55.71
CA GLY B 157 -18.84 23.96 55.25
C GLY B 157 -18.97 23.66 53.78
N GLY B 158 -17.95 23.02 53.22
CA GLY B 158 -17.97 22.66 51.82
C GLY B 158 -17.02 23.47 50.97
N ASN B 159 -17.12 23.24 49.66
CA ASN B 159 -16.29 23.95 48.68
C ASN B 159 -17.13 23.99 47.42
N PRO B 160 -17.76 25.14 47.15
CA PRO B 160 -17.76 26.33 48.01
C PRO B 160 -18.49 26.10 49.31
N ALA B 161 -17.98 26.69 50.39
CA ALA B 161 -18.58 26.56 51.70
C ALA B 161 -20.01 27.17 51.70
N ASN B 162 -20.94 26.47 52.33
CA ASN B 162 -22.31 26.94 52.38
C ASN B 162 -22.81 26.87 53.79
N GLU B 163 -23.69 27.79 54.15
CA GLU B 163 -24.27 27.81 55.47
C GLU B 163 -25.11 26.54 55.55
N ILE B 164 -24.99 25.82 56.65
CA ILE B 164 -25.71 24.58 56.81
C ILE B 164 -26.90 24.67 57.76
N LYS B 165 -26.67 25.19 58.96
CA LYS B 165 -27.74 25.30 59.94
C LYS B 165 -27.35 26.25 61.09
N GLN B 166 -28.28 27.09 61.50
CA GLN B 166 -28.04 28.05 62.57
C GLN B 166 -27.63 27.31 63.82
N ARG B 167 -26.58 27.80 64.50
CA ARG B 167 -26.08 27.15 65.70
C ARG B 167 -27.14 27.17 66.79
N PHE B 168 -27.86 28.28 66.88
CA PHE B 168 -28.91 28.45 67.88
C PHE B 168 -30.17 29.14 67.32
N ASP B 169 -31.24 29.16 68.11
CA ASP B 169 -32.48 29.78 67.68
C ASP B 169 -32.21 31.28 67.61
N GLN B 170 -32.92 31.98 66.72
CA GLN B 170 -32.72 33.41 66.53
C GLN B 170 -32.62 34.13 67.86
N ASP B 171 -33.63 33.93 68.70
CA ASP B 171 -33.71 34.52 70.04
C ASP B 171 -32.31 34.66 70.61
N THR B 172 -31.75 33.53 71.00
CA THR B 172 -30.42 33.42 71.56
C THR B 172 -29.42 34.31 70.85
N ILE B 173 -29.25 34.08 69.56
CA ILE B 173 -28.30 34.85 68.76
C ILE B 173 -28.44 36.37 68.94
N ASN B 174 -29.64 36.90 68.77
CA ASN B 174 -29.87 38.32 68.93
C ASN B 174 -29.33 38.83 70.27
N GLN B 175 -29.63 38.11 71.34
CA GLN B 175 -29.13 38.51 72.66
C GLN B 175 -27.61 38.38 72.61
N LEU B 176 -27.15 37.24 72.08
CA LEU B 176 -25.73 36.96 71.97
C LEU B 176 -25.02 38.08 71.21
N LEU B 177 -25.54 38.43 70.04
CA LEU B 177 -24.94 39.50 69.25
C LEU B 177 -25.13 40.83 69.93
N ASP B 178 -25.88 40.81 71.04
CA ASP B 178 -26.15 42.02 71.80
C ASP B 178 -25.28 42.15 73.07
N ILE B 179 -25.20 41.09 73.85
CA ILE B 179 -24.39 41.07 75.07
C ILE B 179 -22.94 41.45 74.73
N LYS B 180 -22.39 40.81 73.70
CA LYS B 180 -21.03 41.05 73.23
C LYS B 180 -19.94 40.80 74.27
N TRP B 181 -20.05 39.69 74.98
CA TRP B 181 -19.10 39.34 76.03
C TRP B 181 -17.64 39.43 75.62
N TRP B 182 -17.32 39.24 74.34
CA TRP B 182 -15.93 39.32 73.92
C TRP B 182 -15.41 40.73 74.10
N ASN B 183 -16.32 41.67 74.26
CA ASN B 183 -15.94 43.07 74.40
C ASN B 183 -15.85 43.52 75.85
N TRP B 184 -16.23 42.65 76.77
CA TRP B 184 -16.17 42.98 78.19
C TRP B 184 -14.74 43.03 78.66
N PRO B 185 -14.50 43.83 79.72
CA PRO B 185 -13.23 44.06 80.42
C PRO B 185 -12.92 42.65 80.89
N ILE B 186 -11.76 42.09 80.55
CA ILE B 186 -11.47 40.71 80.93
C ILE B 186 -12.01 40.31 82.31
N ASP B 187 -11.32 40.65 83.38
CA ASP B 187 -11.73 40.32 84.74
C ASP B 187 -13.24 40.00 84.93
N ILE B 188 -14.11 40.65 84.16
CA ILE B 188 -15.55 40.35 84.23
C ILE B 188 -15.77 38.98 83.55
N ILE B 189 -15.09 38.76 82.43
CA ILE B 189 -15.18 37.52 81.67
C ILE B 189 -14.59 36.36 82.48
N ASN B 190 -13.53 36.63 83.22
CA ASN B 190 -12.93 35.59 84.03
C ASN B 190 -13.96 35.00 85.01
N GLU B 191 -14.90 35.83 85.43
CA GLU B 191 -15.89 35.35 86.38
C GLU B 191 -17.09 34.71 85.72
N ASN B 192 -17.18 34.79 84.40
CA ASN B 192 -18.32 34.18 83.73
C ASN B 192 -17.98 33.14 82.68
N ILE B 193 -16.71 32.78 82.56
CA ILE B 193 -16.30 31.79 81.58
C ILE B 193 -17.25 30.60 81.53
N ASP B 194 -17.58 30.05 82.69
CA ASP B 194 -18.47 28.91 82.73
C ASP B 194 -19.79 29.23 82.09
N LYS B 195 -20.31 30.40 82.41
CA LYS B 195 -21.59 30.86 81.89
C LYS B 195 -21.49 31.07 80.38
N ILE B 196 -20.31 31.45 79.92
CA ILE B 196 -20.09 31.68 78.49
C ILE B 196 -19.96 30.36 77.76
N LEU B 197 -19.31 29.41 78.42
CA LEU B 197 -19.10 28.11 77.85
C LEU B 197 -20.39 27.32 77.62
N ASP B 198 -21.41 27.60 78.41
CA ASP B 198 -22.67 26.88 78.24
C ASP B 198 -23.83 27.79 77.85
N ASN B 199 -23.51 29.00 77.41
CA ASN B 199 -24.49 29.98 76.95
C ASN B 199 -25.45 30.59 77.99
N SER B 200 -25.30 30.19 79.25
CA SER B 200 -26.15 30.72 80.33
C SER B 200 -25.94 32.21 80.59
N ILE B 201 -24.96 32.81 79.91
CA ILE B 201 -24.69 34.23 80.11
C ILE B 201 -25.90 35.10 79.76
N ILE B 202 -26.67 34.64 78.79
CA ILE B 202 -27.86 35.34 78.34
C ILE B 202 -28.80 35.67 79.51
N ARG B 203 -29.06 34.64 80.29
CA ARG B 203 -29.93 34.71 81.43
C ARG B 203 -29.62 35.87 82.35
N GLU B 204 -28.36 35.98 82.75
CA GLU B 204 -28.01 37.08 83.62
C GLU B 204 -28.19 38.50 82.99
N VAL B 205 -27.46 38.80 81.91
CA VAL B 205 -27.28 40.10 81.16
C VAL B 205 -27.89 40.84 79.89
N MET C 1 -2.26 -19.21 47.99
CA MET C 1 -1.84 -18.36 46.86
C MET C 1 -2.17 -16.89 47.09
N GLY C 2 -1.26 -16.01 46.66
CA GLY C 2 -1.48 -14.59 46.83
C GLY C 2 -0.47 -14.08 47.81
N PRO C 3 -0.55 -12.80 48.21
CA PRO C 3 0.42 -12.28 49.17
C PRO C 3 0.09 -12.78 50.57
N ASN C 4 0.94 -12.40 51.52
CA ASN C 4 0.78 -12.77 52.93
C ASN C 4 0.19 -11.55 53.66
N PRO C 5 -1.09 -11.61 54.02
CA PRO C 5 -1.73 -10.47 54.71
C PRO C 5 -1.12 -9.98 56.02
N MET C 6 -0.09 -10.64 56.53
CA MET C 6 0.55 -10.25 57.78
C MET C 6 1.84 -9.49 57.55
N LYS C 7 2.25 -9.41 56.29
CA LYS C 7 3.48 -8.71 55.93
C LYS C 7 3.15 -7.23 55.91
N MET C 8 4.05 -6.40 56.44
CA MET C 8 3.84 -4.96 56.43
C MET C 8 3.84 -4.52 54.99
N TYR C 9 4.83 -5.02 54.25
CA TYR C 9 4.99 -4.71 52.82
C TYR C 9 4.89 -6.02 52.05
N PRO C 10 3.76 -6.26 51.38
CA PRO C 10 3.60 -7.51 50.62
C PRO C 10 4.43 -7.55 49.35
N ILE C 11 4.49 -6.43 48.65
CA ILE C 11 5.29 -6.41 47.43
C ILE C 11 6.73 -6.27 47.83
N GLU C 12 7.52 -7.23 47.38
CA GLU C 12 8.95 -7.22 47.66
C GLU C 12 9.57 -6.02 46.93
N GLY C 13 10.67 -5.51 47.47
CA GLY C 13 11.34 -4.37 46.87
C GLY C 13 10.38 -3.22 46.65
N ASN C 14 9.40 -3.07 47.53
CA ASN C 14 8.40 -1.99 47.44
C ASN C 14 8.01 -1.54 48.84
N LYS C 15 8.39 -0.33 49.21
CA LYS C 15 8.04 0.17 50.53
C LYS C 15 7.00 1.29 50.46
N SER C 16 6.14 1.22 49.45
CA SER C 16 5.09 2.21 49.23
C SER C 16 3.71 1.60 49.50
N VAL C 17 3.52 0.38 49.04
CA VAL C 17 2.25 -0.32 49.25
C VAL C 17 2.36 -1.16 50.52
N GLN C 18 1.45 -0.94 51.47
CA GLN C 18 1.50 -1.67 52.71
C GLN C 18 0.16 -2.24 53.13
N PHE C 19 0.21 -3.35 53.86
CA PHE C 19 -1.02 -3.96 54.32
C PHE C 19 -1.31 -3.29 55.66
N ILE C 20 -2.50 -2.73 55.78
CA ILE C 20 -2.93 -2.03 56.98
C ILE C 20 -3.04 -2.86 58.24
N LYS C 21 -3.73 -3.99 58.16
CA LYS C 21 -3.93 -4.86 59.32
C LYS C 21 -2.68 -4.98 60.19
N PRO C 22 -1.54 -5.34 59.59
CA PRO C 22 -0.33 -5.45 60.41
C PRO C 22 0.02 -4.15 61.14
N ILE C 23 -0.02 -3.03 60.41
CA ILE C 23 0.34 -1.76 61.00
C ILE C 23 -0.54 -1.34 62.18
N LEU C 24 -1.83 -1.61 62.08
CA LEU C 24 -2.74 -1.19 63.13
C LEU C 24 -3.16 -2.18 64.21
N GLU C 25 -2.64 -3.40 64.20
CA GLU C 25 -3.01 -4.39 65.20
C GLU C 25 -2.49 -4.17 66.62
N LYS C 26 -1.64 -3.18 66.81
CA LYS C 26 -1.11 -2.86 68.13
C LYS C 26 -2.03 -1.76 68.69
N LEU C 27 -2.86 -1.19 67.81
CA LEU C 27 -3.75 -0.13 68.22
C LEU C 27 -5.05 -0.50 68.90
N GLU C 28 -5.51 0.42 69.74
CA GLU C 28 -6.72 0.26 70.52
C GLU C 28 -7.88 1.01 69.91
N ASN C 29 -9.00 0.32 69.83
CA ASN C 29 -10.23 0.89 69.27
C ASN C 29 -10.14 1.01 67.75
N VAL C 30 -9.41 0.06 67.16
CA VAL C 30 -9.22 0.00 65.72
C VAL C 30 -9.29 -1.44 65.16
N GLU C 31 -10.19 -1.68 64.21
CA GLU C 31 -10.32 -2.99 63.59
C GLU C 31 -10.05 -2.89 62.09
N VAL C 32 -9.22 -3.78 61.56
CA VAL C 32 -8.88 -3.73 60.14
C VAL C 32 -9.11 -5.03 59.36
N GLY C 33 -9.48 -4.90 58.09
CA GLY C 33 -9.72 -6.07 57.25
C GLY C 33 -8.46 -6.73 56.71
N GLU C 34 -8.53 -8.04 56.51
CA GLU C 34 -7.40 -8.82 56.02
C GLU C 34 -6.57 -8.22 54.88
N TYR C 35 -7.14 -8.15 53.69
CA TYR C 35 -6.35 -7.65 52.56
C TYR C 35 -6.49 -6.19 52.15
N SER C 36 -6.77 -5.33 53.11
CA SER C 36 -6.93 -3.91 52.81
C SER C 36 -5.57 -3.22 52.85
N TYR C 37 -5.26 -2.52 51.77
CA TYR C 37 -3.98 -1.83 51.65
C TYR C 37 -4.08 -0.31 51.46
N TYR C 38 -2.94 0.34 51.69
CA TYR C 38 -2.78 1.79 51.57
C TYR C 38 -1.58 2.07 50.69
N ASP C 39 -1.77 2.91 49.67
CA ASP C 39 -0.68 3.25 48.78
C ASP C 39 -0.02 4.54 49.27
N SER C 40 1.03 4.40 50.05
CA SER C 40 1.75 5.53 50.62
C SER C 40 1.98 6.69 49.66
N LYS C 41 1.84 7.90 50.21
CA LYS C 41 2.02 9.15 49.48
C LYS C 41 3.48 9.58 49.47
N ASN C 42 4.12 9.62 50.64
CA ASN C 42 5.52 10.01 50.75
C ASN C 42 6.31 8.99 51.55
N GLY C 43 5.80 7.76 51.58
CA GLY C 43 6.45 6.70 52.31
C GLY C 43 5.96 6.64 53.74
N GLU C 44 4.89 7.37 54.04
CA GLU C 44 4.35 7.37 55.39
C GLU C 44 3.47 6.16 55.63
N THR C 45 3.55 5.59 56.83
CA THR C 45 2.71 4.44 57.18
C THR C 45 1.31 4.97 57.52
N PHE C 46 0.30 4.18 57.22
CA PHE C 46 -1.07 4.60 57.44
C PHE C 46 -1.47 5.00 58.85
N ASP C 47 -0.72 4.56 59.86
CA ASP C 47 -1.10 4.93 61.21
C ASP C 47 -0.99 6.44 61.36
N LYS C 48 -0.14 7.05 60.54
CA LYS C 48 0.06 8.50 60.61
C LYS C 48 -1.03 9.26 59.90
N GLN C 49 -1.96 8.55 59.27
CA GLN C 49 -3.08 9.17 58.56
C GLN C 49 -4.37 9.19 59.40
N ILE C 50 -4.27 8.74 60.64
CA ILE C 50 -5.44 8.69 61.53
C ILE C 50 -5.26 9.77 62.57
N LEU C 51 -5.97 10.89 62.40
CA LEU C 51 -5.83 11.99 63.33
C LEU C 51 -6.84 12.08 64.47
N TYR C 52 -6.35 12.63 65.58
CA TYR C 52 -7.12 12.83 66.80
C TYR C 52 -7.90 11.63 67.29
N HIS C 53 -7.20 10.54 67.58
CA HIS C 53 -7.84 9.34 68.11
C HIS C 53 -7.29 9.14 69.51
N TYR C 54 -8.14 9.43 70.50
CA TYR C 54 -7.78 9.26 71.89
C TYR C 54 -8.70 8.18 72.45
N PRO C 55 -8.10 7.15 73.05
CA PRO C 55 -8.90 6.04 73.59
C PRO C 55 -9.94 6.54 74.57
N ILE C 56 -9.58 7.54 75.37
CA ILE C 56 -10.53 8.07 76.34
C ILE C 56 -11.90 8.25 75.71
N LEU C 57 -11.94 8.94 74.58
CA LEU C 57 -13.19 9.22 73.88
C LEU C 57 -13.89 7.91 73.52
N ASN C 58 -13.09 6.88 73.33
CA ASN C 58 -13.62 5.57 73.02
C ASN C 58 -14.37 5.44 71.69
N ASP C 59 -14.06 6.30 70.73
CA ASP C 59 -14.71 6.14 69.44
C ASP C 59 -13.85 5.08 68.76
N LYS C 60 -14.50 4.19 68.04
CA LYS C 60 -13.80 3.10 67.39
C LYS C 60 -13.84 3.25 65.88
N LEU C 61 -12.73 2.88 65.23
CA LEU C 61 -12.62 2.93 63.77
C LEU C 61 -12.58 1.52 63.17
N LYS C 62 -13.50 1.21 62.26
CA LYS C 62 -13.51 -0.12 61.65
C LYS C 62 -13.36 -0.09 60.12
N ILE C 63 -12.44 -0.92 59.63
CA ILE C 63 -12.20 -1.04 58.19
C ILE C 63 -12.24 -2.51 57.76
N GLY C 64 -13.09 -2.79 56.79
CA GLY C 64 -13.25 -4.15 56.30
C GLY C 64 -12.13 -4.68 55.43
N LYS C 65 -12.38 -5.81 54.77
CA LYS C 65 -11.39 -6.44 53.90
C LYS C 65 -11.40 -5.89 52.48
N PHE C 66 -10.36 -6.23 51.75
CA PHE C 66 -10.19 -5.82 50.37
C PHE C 66 -10.56 -4.39 50.10
N CYS C 67 -9.89 -3.48 50.82
CA CYS C 67 -10.12 -2.07 50.64
C CYS C 67 -8.90 -1.47 49.97
N SER C 68 -9.14 -0.64 48.97
CA SER C 68 -8.08 0.04 48.22
C SER C 68 -8.10 1.48 48.68
N ILE C 69 -7.09 1.86 49.48
CA ILE C 69 -7.02 3.23 49.96
C ILE C 69 -5.89 4.02 49.31
N GLY C 70 -6.28 5.12 48.65
CA GLY C 70 -5.31 5.95 47.96
C GLY C 70 -4.46 6.79 48.89
N PRO C 71 -3.32 7.30 48.39
CA PRO C 71 -2.47 8.10 49.27
C PRO C 71 -3.13 9.39 49.77
N GLY C 72 -2.62 9.87 50.90
CA GLY C 72 -3.08 11.12 51.46
C GLY C 72 -4.41 11.08 52.15
N VAL C 73 -5.08 9.93 52.08
CA VAL C 73 -6.39 9.81 52.72
C VAL C 73 -6.22 10.14 54.19
N THR C 74 -7.17 10.90 54.72
CA THR C 74 -7.10 11.29 56.11
C THR C 74 -8.34 10.93 56.89
N ILE C 75 -8.17 10.18 57.97
CA ILE C 75 -9.31 9.84 58.78
C ILE C 75 -9.28 10.70 60.03
N ILE C 76 -10.28 11.56 60.16
CA ILE C 76 -10.36 12.45 61.32
C ILE C 76 -11.31 11.88 62.36
N MET C 77 -10.77 11.50 63.52
CA MET C 77 -11.62 10.93 64.56
C MET C 77 -12.21 12.05 65.42
N ASN C 78 -12.87 11.70 66.52
CA ASN C 78 -13.52 12.71 67.35
C ASN C 78 -12.65 13.56 68.27
N GLY C 79 -11.36 13.25 68.34
CA GLY C 79 -10.51 14.04 69.22
C GLY C 79 -10.55 15.55 69.06
N ALA C 80 -10.69 16.05 67.84
CA ALA C 80 -10.64 17.49 67.61
C ALA C 80 -11.91 18.32 67.66
N ASN C 81 -13.02 17.72 68.05
CA ASN C 81 -14.25 18.48 68.15
C ASN C 81 -14.13 19.47 69.33
N HIS C 82 -14.69 20.66 69.17
CA HIS C 82 -14.67 21.66 70.22
C HIS C 82 -16.03 21.64 70.90
N ARG C 83 -16.06 22.00 72.18
CA ARG C 83 -17.33 22.06 72.90
C ARG C 83 -18.09 23.17 72.18
N MET C 84 -19.34 22.92 71.81
CA MET C 84 -20.12 23.91 71.09
C MET C 84 -21.43 24.41 71.67
N ASP C 85 -21.83 23.93 72.84
CA ASP C 85 -23.11 24.42 73.37
C ASP C 85 -22.99 25.88 73.70
N GLY C 86 -21.76 26.38 73.74
CA GLY C 86 -21.53 27.78 74.05
C GLY C 86 -20.43 28.32 73.17
N SER C 87 -19.45 29.00 73.76
CA SER C 87 -18.33 29.54 73.01
C SER C 87 -17.42 28.36 72.67
N THR C 88 -16.87 28.36 71.47
CA THR C 88 -16.01 27.26 71.07
C THR C 88 -14.53 27.45 71.42
N TYR C 89 -14.23 28.52 72.16
CA TYR C 89 -12.86 28.82 72.56
C TYR C 89 -12.41 27.94 73.72
N PRO C 90 -11.29 27.23 73.54
CA PRO C 90 -10.76 26.34 74.57
C PRO C 90 -9.93 27.09 75.61
N PHE C 91 -10.62 27.68 76.58
CA PHE C 91 -9.94 28.41 77.64
C PHE C 91 -9.08 27.49 78.47
N ASN C 92 -9.65 26.37 78.86
CA ASN C 92 -8.96 25.39 79.69
C ASN C 92 -7.58 25.01 79.17
N LEU C 93 -7.37 25.26 77.89
CA LEU C 93 -6.12 24.91 77.25
C LEU C 93 -4.93 25.81 77.58
N PHE C 94 -5.18 27.01 78.07
CA PHE C 94 -4.11 27.96 78.37
C PHE C 94 -3.72 28.18 79.85
N GLY C 95 -4.13 27.28 80.73
CA GLY C 95 -3.77 27.42 82.14
C GLY C 95 -3.92 28.79 82.76
N ASN C 96 -2.95 29.17 83.60
CA ASN C 96 -2.98 30.45 84.28
C ASN C 96 -4.31 30.71 84.96
N GLY C 97 -4.98 29.67 85.41
CA GLY C 97 -6.25 29.85 86.07
C GLY C 97 -7.44 29.38 85.27
N TRP C 98 -7.24 29.11 83.98
CA TRP C 98 -8.33 28.68 83.12
C TRP C 98 -8.48 27.17 83.08
N GLU C 99 -7.50 26.47 83.62
CA GLU C 99 -7.53 25.01 83.66
C GLU C 99 -8.83 24.47 84.28
N LYS C 100 -9.37 25.16 85.27
CA LYS C 100 -10.59 24.73 85.94
C LYS C 100 -11.73 24.50 84.98
N HIS C 101 -11.77 25.26 83.90
CA HIS C 101 -12.85 25.13 82.92
C HIS C 101 -12.72 24.00 81.94
N MET C 102 -12.08 22.95 82.39
CA MET C 102 -11.88 21.74 81.60
C MET C 102 -13.28 21.20 81.28
N PRO C 103 -13.51 20.74 80.04
CA PRO C 103 -14.82 20.21 79.69
C PRO C 103 -15.07 18.87 80.36
N LYS C 104 -16.34 18.49 80.48
CA LYS C 104 -16.72 17.23 81.09
C LYS C 104 -16.85 16.24 79.95
N LEU C 105 -16.50 14.99 80.19
CA LEU C 105 -16.59 13.97 79.15
C LEU C 105 -17.90 14.00 78.38
N ASP C 106 -19.02 14.02 79.09
CA ASP C 106 -20.33 14.05 78.44
C ASP C 106 -20.69 15.45 77.92
N GLN C 107 -19.70 16.34 77.84
CA GLN C 107 -19.93 17.70 77.36
C GLN C 107 -19.31 17.89 75.99
N LEU C 108 -18.47 16.95 75.60
CA LEU C 108 -17.83 17.00 74.30
C LEU C 108 -18.77 16.33 73.31
N PRO C 109 -18.92 16.90 72.11
CA PRO C 109 -19.83 16.24 71.18
C PRO C 109 -19.13 15.07 70.48
N ILE C 110 -19.72 13.88 70.54
CA ILE C 110 -19.14 12.71 69.89
C ILE C 110 -20.06 12.23 68.78
N LYS C 111 -19.55 12.17 67.55
CA LYS C 111 -20.38 11.76 66.41
C LYS C 111 -20.47 10.26 66.14
N GLY C 112 -19.86 9.45 67.00
CA GLY C 112 -19.90 8.01 66.80
C GLY C 112 -18.66 7.39 66.16
N ASP C 113 -18.74 6.10 65.85
CA ASP C 113 -17.61 5.41 65.26
C ASP C 113 -17.57 5.63 63.77
N THR C 114 -16.38 5.50 63.21
CA THR C 114 -16.20 5.63 61.78
C THR C 114 -16.13 4.19 61.28
N ILE C 115 -17.05 3.82 60.40
CA ILE C 115 -17.06 2.45 59.89
C ILE C 115 -16.96 2.38 58.38
N ILE C 116 -15.95 1.68 57.90
CA ILE C 116 -15.76 1.54 56.46
C ILE C 116 -15.97 0.09 56.11
N GLY C 117 -16.84 -0.17 55.14
CA GLY C 117 -17.14 -1.54 54.74
C GLY C 117 -16.05 -2.26 53.94
N ASN C 118 -16.43 -3.35 53.28
CA ASN C 118 -15.48 -4.12 52.48
C ASN C 118 -15.53 -3.76 51.00
N ASP C 119 -14.41 -3.98 50.31
CA ASP C 119 -14.28 -3.69 48.87
C ASP C 119 -14.49 -2.24 48.52
N VAL C 120 -14.16 -1.35 49.45
CA VAL C 120 -14.31 0.08 49.23
C VAL C 120 -13.07 0.65 48.58
N TRP C 121 -13.26 1.60 47.68
CA TRP C 121 -12.11 2.22 47.03
C TRP C 121 -12.12 3.69 47.40
N ILE C 122 -11.07 4.16 48.05
CA ILE C 122 -11.01 5.55 48.43
C ILE C 122 -9.91 6.26 47.66
N GLY C 123 -10.34 7.23 46.86
CA GLY C 123 -9.42 8.00 46.03
C GLY C 123 -8.38 8.67 46.89
N LYS C 124 -7.39 9.29 46.26
CA LYS C 124 -6.37 9.94 47.06
C LYS C 124 -6.79 11.26 47.66
N ASP C 125 -6.14 11.62 48.76
CA ASP C 125 -6.42 12.89 49.44
C ASP C 125 -7.86 13.05 49.87
N VAL C 126 -8.49 11.95 50.27
CA VAL C 126 -9.85 12.02 50.70
C VAL C 126 -9.84 12.22 52.21
N VAL C 127 -10.71 13.08 52.68
CA VAL C 127 -10.83 13.38 54.09
C VAL C 127 -12.14 12.81 54.59
N ILE C 128 -12.07 11.93 55.57
CA ILE C 128 -13.26 11.30 56.14
C ILE C 128 -13.52 11.85 57.55
N MET C 129 -14.61 12.58 57.68
CA MET C 129 -14.95 13.15 58.98
C MET C 129 -15.54 12.12 59.95
N PRO C 130 -15.55 12.42 61.26
CA PRO C 130 -16.08 11.53 62.30
C PRO C 130 -17.50 11.00 62.14
N GLY C 131 -17.75 9.84 62.75
CA GLY C 131 -19.05 9.22 62.73
C GLY C 131 -19.68 8.97 61.37
N VAL C 132 -18.83 8.74 60.37
CA VAL C 132 -19.27 8.49 59.01
C VAL C 132 -19.25 6.99 58.73
N LYS C 133 -20.21 6.55 57.93
CA LYS C 133 -20.32 5.14 57.58
C LYS C 133 -20.32 5.01 56.06
N ILE C 134 -19.44 4.18 55.54
CA ILE C 134 -19.35 3.95 54.11
C ILE C 134 -19.62 2.48 53.83
N GLY C 135 -20.72 2.20 53.15
CA GLY C 135 -21.11 0.83 52.83
C GLY C 135 -20.19 0.09 51.88
N ASP C 136 -20.31 -1.23 51.82
CA ASP C 136 -19.45 -2.02 50.95
C ASP C 136 -19.64 -1.74 49.48
N GLY C 137 -18.57 -1.97 48.74
CA GLY C 137 -18.58 -1.75 47.30
C GLY C 137 -18.59 -0.30 46.88
N ALA C 138 -18.53 0.61 47.86
CA ALA C 138 -18.56 2.02 47.53
C ALA C 138 -17.27 2.50 46.89
N ILE C 139 -17.37 3.61 46.18
CA ILE C 139 -16.24 4.23 45.51
C ILE C 139 -16.34 5.70 45.82
N VAL C 140 -15.31 6.24 46.49
CA VAL C 140 -15.28 7.65 46.87
C VAL C 140 -14.23 8.38 46.02
N ALA C 141 -14.67 9.30 45.16
CA ALA C 141 -13.78 10.03 44.27
C ALA C 141 -12.66 10.77 44.99
N ALA C 142 -11.51 10.83 44.32
CA ALA C 142 -10.34 11.50 44.88
C ALA C 142 -10.71 12.90 45.38
N ASN C 143 -9.95 13.41 46.32
CA ASN C 143 -10.17 14.74 46.90
C ASN C 143 -11.58 15.00 47.40
N SER C 144 -12.20 13.99 48.01
CA SER C 144 -13.54 14.15 48.57
C SER C 144 -13.50 14.33 50.08
N VAL C 145 -14.56 14.93 50.61
CA VAL C 145 -14.68 15.17 52.03
C VAL C 145 -15.98 14.49 52.44
N VAL C 146 -15.88 13.29 53.02
CA VAL C 146 -17.05 12.54 53.42
C VAL C 146 -17.60 13.02 54.76
N VAL C 147 -18.80 13.60 54.73
CA VAL C 147 -19.43 14.12 55.93
C VAL C 147 -20.63 13.28 56.42
N LYS C 148 -21.33 12.62 55.49
CA LYS C 148 -22.45 11.77 55.88
C LYS C 148 -22.21 10.36 55.33
N ASP C 149 -22.97 9.39 55.83
CA ASP C 149 -22.81 8.00 55.40
C ASP C 149 -22.92 7.84 53.90
N ILE C 150 -22.34 6.76 53.39
CA ILE C 150 -22.38 6.44 51.97
C ILE C 150 -23.01 5.06 51.83
N ALA C 151 -24.04 4.96 50.98
CA ALA C 151 -24.73 3.70 50.79
C ALA C 151 -23.86 2.70 50.04
N PRO C 152 -24.09 1.40 50.25
CA PRO C 152 -23.28 0.40 49.54
C PRO C 152 -23.28 0.58 48.04
N TYR C 153 -22.18 0.18 47.43
CA TYR C 153 -22.00 0.26 45.99
C TYR C 153 -22.53 1.54 45.35
N MET C 154 -22.30 2.66 46.02
CA MET C 154 -22.71 3.95 45.49
C MET C 154 -21.42 4.64 45.07
N LEU C 155 -21.53 5.57 44.14
CA LEU C 155 -20.38 6.32 43.69
C LEU C 155 -20.56 7.70 44.30
N ALA C 156 -19.69 8.06 45.25
CA ALA C 156 -19.80 9.35 45.93
C ALA C 156 -18.59 10.28 45.75
N GLY C 157 -18.86 11.59 45.69
CA GLY C 157 -17.78 12.55 45.53
C GLY C 157 -18.12 14.00 45.83
N GLY C 158 -17.09 14.85 45.85
CA GLY C 158 -17.28 16.26 46.11
C GLY C 158 -16.96 16.67 47.53
N ASN C 159 -17.22 17.94 47.84
CA ASN C 159 -16.98 18.52 49.17
C ASN C 159 -18.13 19.47 49.51
N PRO C 160 -19.13 19.00 50.27
CA PRO C 160 -19.28 17.67 50.91
C PRO C 160 -19.67 16.59 49.92
N ALA C 161 -19.02 15.44 50.04
CA ALA C 161 -19.28 14.31 49.17
C ALA C 161 -20.77 13.97 49.10
N ASN C 162 -21.25 13.63 47.90
CA ASN C 162 -22.65 13.26 47.72
C ASN C 162 -22.74 12.03 46.86
N GLU C 163 -23.81 11.26 47.03
CA GLU C 163 -23.99 10.07 46.23
C GLU C 163 -24.31 10.54 44.81
N ILE C 164 -23.43 10.21 43.88
CA ILE C 164 -23.63 10.63 42.50
C ILE C 164 -24.49 9.64 41.73
N LYS C 165 -24.10 8.37 41.80
CA LYS C 165 -24.82 7.35 41.05
C LYS C 165 -24.65 5.97 41.66
N GLN C 166 -25.62 5.10 41.40
CA GLN C 166 -25.53 3.75 41.90
C GLN C 166 -24.57 3.01 40.97
N ARG C 167 -23.75 2.13 41.53
CA ARG C 167 -22.79 1.40 40.70
C ARG C 167 -23.46 0.38 39.80
N PHE C 168 -24.46 -0.33 40.35
CA PHE C 168 -25.21 -1.36 39.63
C PHE C 168 -26.70 -1.19 39.87
N ASP C 169 -27.51 -2.12 39.34
CA ASP C 169 -28.95 -2.04 39.52
C ASP C 169 -29.26 -2.55 40.91
N GLN C 170 -30.31 -1.98 41.49
CA GLN C 170 -30.75 -2.34 42.83
C GLN C 170 -30.58 -3.83 43.10
N ASP C 171 -31.11 -4.62 42.17
CA ASP C 171 -31.09 -6.07 42.26
C ASP C 171 -29.69 -6.62 42.48
N THR C 172 -28.83 -6.44 41.49
CA THR C 172 -27.46 -6.91 41.58
C THR C 172 -26.91 -6.59 42.97
N ILE C 173 -26.91 -5.31 43.33
CA ILE C 173 -26.41 -4.87 44.63
C ILE C 173 -26.96 -5.69 45.82
N ASN C 174 -28.28 -5.91 45.83
CA ASN C 174 -28.91 -6.69 46.90
C ASN C 174 -28.26 -8.05 46.92
N GLN C 175 -28.11 -8.64 45.73
CA GLN C 175 -27.49 -9.94 45.58
C GLN C 175 -26.11 -9.89 46.25
N LEU C 176 -25.23 -9.10 45.65
CA LEU C 176 -23.87 -8.93 46.14
C LEU C 176 -23.79 -8.74 47.65
N LEU C 177 -24.57 -7.81 48.20
CA LEU C 177 -24.55 -7.57 49.64
C LEU C 177 -24.84 -8.85 50.40
N ASP C 178 -25.79 -9.61 49.86
CA ASP C 178 -26.15 -10.88 50.46
C ASP C 178 -25.02 -11.91 50.30
N ILE C 179 -24.50 -12.07 49.07
CA ILE C 179 -23.43 -13.03 48.79
C ILE C 179 -22.25 -12.88 49.76
N LYS C 180 -21.72 -11.66 49.88
CA LYS C 180 -20.60 -11.37 50.77
C LYS C 180 -19.37 -12.24 50.52
N TRP C 181 -18.86 -12.16 49.31
CA TRP C 181 -17.70 -12.95 48.92
C TRP C 181 -16.43 -12.63 49.69
N TRP C 182 -16.34 -11.42 50.21
CA TRP C 182 -15.14 -11.07 50.95
C TRP C 182 -15.09 -11.90 52.23
N ASN C 183 -16.19 -12.55 52.56
CA ASN C 183 -16.23 -13.35 53.77
C ASN C 183 -16.06 -14.84 53.53
N TRP C 184 -15.44 -15.20 52.41
CA TRP C 184 -15.20 -16.59 52.08
C TRP C 184 -13.77 -16.97 52.44
N PRO C 185 -13.52 -18.29 52.61
CA PRO C 185 -12.16 -18.73 52.95
C PRO C 185 -11.37 -18.43 51.68
N ILE C 186 -10.12 -18.00 51.84
CA ILE C 186 -9.33 -17.65 50.67
C ILE C 186 -9.30 -18.66 49.53
N ASP C 187 -9.19 -19.94 49.87
CA ASP C 187 -9.16 -20.98 48.84
C ASP C 187 -10.22 -20.73 47.77
N ILE C 188 -11.44 -20.52 48.21
CA ILE C 188 -12.54 -20.26 47.29
C ILE C 188 -12.31 -18.92 46.58
N ILE C 189 -12.23 -17.84 47.36
CA ILE C 189 -12.00 -16.51 46.81
C ILE C 189 -10.95 -16.62 45.70
N ASN C 190 -9.86 -17.30 46.01
CA ASN C 190 -8.74 -17.47 45.10
C ASN C 190 -9.10 -18.10 43.79
N GLU C 191 -10.17 -18.90 43.81
CA GLU C 191 -10.62 -19.61 42.64
C GLU C 191 -11.60 -18.87 41.76
N ASN C 192 -12.23 -17.84 42.29
CA ASN C 192 -13.22 -17.10 41.51
C ASN C 192 -12.86 -15.64 41.33
N ILE C 193 -11.62 -15.32 41.67
CA ILE C 193 -11.14 -13.95 41.55
C ILE C 193 -11.63 -13.33 40.26
N ASP C 194 -11.64 -14.11 39.19
CA ASP C 194 -12.07 -13.63 37.88
C ASP C 194 -13.52 -13.26 37.82
N LYS C 195 -14.35 -14.06 38.44
CA LYS C 195 -15.77 -13.77 38.42
C LYS C 195 -16.00 -12.58 39.33
N ILE C 196 -15.26 -12.52 40.43
CA ILE C 196 -15.41 -11.41 41.35
C ILE C 196 -15.06 -10.12 40.61
N LEU C 197 -14.02 -10.19 39.79
CA LEU C 197 -13.56 -9.05 39.01
C LEU C 197 -14.53 -8.65 37.90
N ASP C 198 -15.39 -9.57 37.46
CA ASP C 198 -16.32 -9.27 36.37
C ASP C 198 -17.78 -9.33 36.78
N ASN C 199 -17.98 -9.49 38.08
CA ASN C 199 -19.29 -9.56 38.70
C ASN C 199 -20.22 -10.72 38.34
N SER C 200 -19.68 -11.78 37.76
CA SER C 200 -20.52 -12.92 37.43
C SER C 200 -20.68 -13.87 38.62
N ILE C 201 -19.86 -13.68 39.66
CA ILE C 201 -19.93 -14.53 40.86
C ILE C 201 -21.38 -14.76 41.29
N ILE C 202 -22.24 -13.81 40.94
CA ILE C 202 -23.68 -13.87 41.27
C ILE C 202 -24.40 -15.04 40.58
N ARG C 203 -24.30 -15.03 39.24
CA ARG C 203 -24.91 -16.03 38.38
C ARG C 203 -24.60 -17.49 38.64
N GLU C 204 -23.42 -17.79 39.17
CA GLU C 204 -23.07 -19.20 39.41
C GLU C 204 -23.84 -19.81 40.56
N VAL C 205 -24.50 -18.96 41.34
CA VAL C 205 -25.30 -19.35 42.52
C VAL C 205 -26.71 -19.52 42.16
N MET D 1 -30.84 -19.20 -54.01
CA MET D 1 -29.86 -18.11 -54.30
C MET D 1 -28.44 -18.61 -54.11
N GLY D 2 -27.51 -17.99 -54.83
CA GLY D 2 -26.12 -18.41 -54.73
C GLY D 2 -25.90 -19.67 -55.52
N PRO D 3 -24.73 -20.29 -55.38
CA PRO D 3 -24.42 -21.52 -56.10
C PRO D 3 -24.79 -22.80 -55.34
N ASN D 4 -24.50 -23.93 -55.97
CA ASN D 4 -24.77 -25.23 -55.37
C ASN D 4 -23.46 -25.74 -54.76
N PRO D 5 -23.40 -25.84 -53.43
CA PRO D 5 -22.16 -26.32 -52.78
C PRO D 5 -21.63 -27.64 -53.36
N MET D 6 -22.49 -28.39 -54.04
CA MET D 6 -22.08 -29.66 -54.63
C MET D 6 -21.34 -29.47 -55.95
N LYS D 7 -21.66 -28.39 -56.66
CA LYS D 7 -21.00 -28.13 -57.93
C LYS D 7 -19.51 -27.93 -57.73
N MET D 8 -18.73 -28.85 -58.27
CA MET D 8 -17.29 -28.81 -58.18
C MET D 8 -16.76 -27.46 -58.65
N TYR D 9 -17.38 -26.95 -59.72
CA TYR D 9 -16.98 -25.67 -60.29
C TYR D 9 -18.15 -24.69 -60.32
N PRO D 10 -18.35 -23.99 -59.20
CA PRO D 10 -19.43 -23.00 -59.06
C PRO D 10 -19.46 -21.90 -60.13
N ILE D 11 -18.33 -21.26 -60.38
CA ILE D 11 -18.29 -20.18 -61.35
C ILE D 11 -18.20 -20.68 -62.78
N GLU D 12 -19.18 -20.27 -63.57
CA GLU D 12 -19.27 -20.68 -64.98
C GLU D 12 -18.06 -20.18 -65.76
N GLY D 13 -17.53 -21.04 -66.64
CA GLY D 13 -16.37 -20.66 -67.42
C GLY D 13 -15.24 -20.21 -66.50
N ASN D 14 -14.75 -21.16 -65.69
CA ASN D 14 -13.67 -20.90 -64.72
C ASN D 14 -13.33 -22.22 -64.03
N LYS D 15 -12.18 -22.78 -64.36
CA LYS D 15 -11.76 -24.04 -63.75
C LYS D 15 -10.67 -23.81 -62.70
N SER D 16 -10.63 -22.59 -62.15
CA SER D 16 -9.64 -22.23 -61.14
C SER D 16 -10.29 -22.35 -59.77
N VAL D 17 -11.34 -21.57 -59.57
CA VAL D 17 -12.09 -21.57 -58.31
C VAL D 17 -12.89 -22.85 -58.29
N GLN D 18 -12.91 -23.53 -57.16
CA GLN D 18 -13.64 -24.78 -57.04
C GLN D 18 -14.13 -24.98 -55.60
N PHE D 19 -15.20 -25.76 -55.43
CA PHE D 19 -15.74 -26.05 -54.11
C PHE D 19 -15.06 -27.34 -53.65
N ILE D 20 -14.37 -27.26 -52.51
CA ILE D 20 -13.62 -28.38 -51.98
C ILE D 20 -14.39 -29.66 -51.65
N LYS D 21 -15.43 -29.53 -50.82
CA LYS D 21 -16.22 -30.68 -50.41
C LYS D 21 -16.50 -31.73 -51.49
N PRO D 22 -16.97 -31.31 -52.68
CA PRO D 22 -17.28 -32.26 -53.75
C PRO D 22 -16.09 -33.13 -54.13
N ILE D 23 -14.91 -32.52 -54.14
CA ILE D 23 -13.66 -33.19 -54.48
C ILE D 23 -13.10 -34.12 -53.40
N LEU D 24 -12.84 -33.56 -52.23
CA LEU D 24 -12.25 -34.33 -51.13
C LEU D 24 -13.07 -35.45 -50.53
N GLU D 25 -14.38 -35.29 -50.41
CA GLU D 25 -15.16 -36.35 -49.80
C GLU D 25 -14.86 -37.75 -50.32
N LYS D 26 -14.50 -37.85 -51.60
CA LYS D 26 -14.14 -39.15 -52.18
C LYS D 26 -12.78 -39.51 -51.56
N LEU D 27 -12.55 -39.06 -50.34
CA LEU D 27 -11.31 -39.33 -49.62
C LEU D 27 -11.66 -39.83 -48.24
N GLU D 28 -10.78 -40.66 -47.71
CA GLU D 28 -10.99 -41.24 -46.40
C GLU D 28 -10.36 -40.37 -45.33
N ASN D 29 -10.92 -40.43 -44.13
CA ASN D 29 -10.40 -39.66 -43.01
C ASN D 29 -10.33 -38.15 -43.30
N VAL D 30 -11.31 -37.66 -44.07
CA VAL D 30 -11.40 -36.23 -44.41
C VAL D 30 -12.84 -35.72 -44.48
N GLU D 31 -13.13 -34.67 -43.70
CA GLU D 31 -14.44 -34.01 -43.63
C GLU D 31 -14.25 -32.55 -44.10
N VAL D 32 -15.17 -32.06 -44.93
CA VAL D 32 -15.06 -30.69 -45.43
C VAL D 32 -16.39 -29.95 -45.44
N GLY D 33 -16.37 -28.69 -44.99
CA GLY D 33 -17.57 -27.86 -44.96
C GLY D 33 -18.13 -27.58 -46.34
N GLU D 34 -19.38 -27.13 -46.40
CA GLU D 34 -20.03 -26.90 -47.67
C GLU D 34 -19.48 -25.87 -48.64
N TYR D 35 -19.43 -24.59 -48.25
CA TYR D 35 -18.99 -23.56 -49.20
C TYR D 35 -17.52 -23.18 -49.26
N SER D 36 -16.68 -23.97 -48.62
CA SER D 36 -15.24 -23.68 -48.63
C SER D 36 -14.67 -23.95 -50.01
N TYR D 37 -13.90 -23.00 -50.53
CA TYR D 37 -13.34 -23.16 -51.87
C TYR D 37 -11.81 -23.08 -51.93
N TYR D 38 -11.28 -23.25 -53.14
CA TYR D 38 -9.85 -23.20 -53.35
C TYR D 38 -9.54 -22.51 -54.66
N ASP D 39 -8.72 -21.47 -54.60
CA ASP D 39 -8.34 -20.77 -55.80
C ASP D 39 -7.16 -21.53 -56.38
N SER D 40 -7.40 -22.23 -57.48
CA SER D 40 -6.37 -23.02 -58.10
C SER D 40 -5.18 -22.20 -58.51
N LYS D 41 -4.00 -22.76 -58.28
CA LYS D 41 -2.74 -22.11 -58.59
C LYS D 41 -2.41 -22.26 -60.06
N ASN D 42 -2.32 -23.48 -60.53
CA ASN D 42 -2.01 -23.75 -61.91
C ASN D 42 -3.08 -24.65 -62.50
N GLY D 43 -4.23 -24.73 -61.83
CA GLY D 43 -5.28 -25.61 -62.32
C GLY D 43 -5.36 -26.93 -61.56
N GLU D 44 -4.41 -27.19 -60.67
CA GLU D 44 -4.46 -28.44 -59.91
C GLU D 44 -5.69 -28.45 -59.00
N THR D 45 -6.16 -29.64 -58.61
CA THR D 45 -7.32 -29.74 -57.72
C THR D 45 -6.83 -29.91 -56.29
N PHE D 46 -7.61 -29.42 -55.33
CA PHE D 46 -7.14 -29.48 -53.96
C PHE D 46 -6.60 -30.77 -53.37
N ASP D 47 -6.98 -31.93 -53.91
CA ASP D 47 -6.47 -33.17 -53.35
C ASP D 47 -4.96 -33.31 -53.53
N LYS D 48 -4.39 -32.55 -54.47
CA LYS D 48 -2.94 -32.59 -54.71
C LYS D 48 -2.24 -31.74 -53.67
N GLN D 49 -3.01 -30.97 -52.91
CA GLN D 49 -2.45 -30.09 -51.91
C GLN D 49 -2.32 -30.74 -50.55
N ILE D 50 -2.95 -31.90 -50.37
CA ILE D 50 -2.86 -32.61 -49.09
C ILE D 50 -1.83 -33.71 -49.27
N LEU D 51 -0.80 -33.73 -48.42
CA LEU D 51 0.25 -34.74 -48.54
C LEU D 51 0.38 -35.72 -47.39
N TYR D 52 1.12 -36.81 -47.64
CA TYR D 52 1.38 -37.83 -46.63
C TYR D 52 0.21 -38.16 -45.70
N HIS D 53 -0.99 -38.26 -46.25
CA HIS D 53 -2.15 -38.59 -45.44
C HIS D 53 -2.42 -40.08 -45.65
N TYR D 54 -1.80 -40.91 -44.81
CA TYR D 54 -2.00 -42.33 -44.93
C TYR D 54 -3.05 -42.79 -43.94
N PRO D 55 -4.10 -43.45 -44.44
CA PRO D 55 -5.22 -43.97 -43.64
C PRO D 55 -4.74 -44.75 -42.41
N ILE D 56 -3.85 -45.71 -42.65
CA ILE D 56 -3.30 -46.57 -41.61
C ILE D 56 -2.72 -45.81 -40.41
N LEU D 57 -2.77 -44.48 -40.43
CA LEU D 57 -2.27 -43.71 -39.29
C LEU D 57 -3.46 -43.08 -38.59
N ASN D 58 -4.58 -43.10 -39.29
CA ASN D 58 -5.84 -42.57 -38.79
C ASN D 58 -5.90 -41.13 -38.33
N ASP D 59 -5.04 -40.26 -38.86
CA ASP D 59 -5.13 -38.87 -38.46
C ASP D 59 -6.18 -38.30 -39.38
N LYS D 60 -6.98 -37.38 -38.84
CA LYS D 60 -8.07 -36.82 -39.61
C LYS D 60 -7.90 -35.35 -39.95
N LEU D 61 -8.30 -35.01 -41.17
CA LEU D 61 -8.23 -33.64 -41.64
C LEU D 61 -9.67 -33.09 -41.71
N LYS D 62 -9.94 -32.03 -40.96
CA LYS D 62 -11.27 -31.43 -40.97
C LYS D 62 -11.22 -29.95 -41.38
N ILE D 63 -12.10 -29.56 -42.29
CA ILE D 63 -12.13 -28.17 -42.73
C ILE D 63 -13.56 -27.66 -42.55
N GLY D 64 -13.71 -26.46 -41.99
CA GLY D 64 -15.05 -25.91 -41.78
C GLY D 64 -15.73 -25.48 -43.06
N LYS D 65 -16.67 -24.54 -42.95
CA LYS D 65 -17.37 -24.03 -44.13
C LYS D 65 -17.12 -22.54 -44.31
N PHE D 66 -17.36 -22.08 -45.54
CA PHE D 66 -17.17 -20.69 -45.92
C PHE D 66 -15.73 -20.26 -45.75
N CYS D 67 -14.84 -21.22 -45.95
CA CYS D 67 -13.42 -21.01 -45.85
C CYS D 67 -12.89 -20.57 -47.21
N SER D 68 -11.96 -19.63 -47.20
CA SER D 68 -11.36 -19.16 -48.44
C SER D 68 -9.94 -19.66 -48.38
N ILE D 69 -9.59 -20.56 -49.27
CA ILE D 69 -8.24 -21.10 -49.27
C ILE D 69 -7.43 -20.64 -50.49
N GLY D 70 -6.43 -19.80 -50.25
CA GLY D 70 -5.60 -19.28 -51.32
C GLY D 70 -4.82 -20.34 -52.09
N PRO D 71 -4.31 -19.99 -53.27
CA PRO D 71 -3.56 -20.93 -54.11
C PRO D 71 -2.22 -21.35 -53.53
N GLY D 72 -1.89 -22.62 -53.68
CA GLY D 72 -0.62 -23.11 -53.17
C GLY D 72 -0.66 -23.57 -51.74
N VAL D 73 -1.77 -23.33 -51.04
CA VAL D 73 -1.84 -23.79 -49.66
C VAL D 73 -1.55 -25.28 -49.61
N THR D 74 -0.71 -25.69 -48.67
CA THR D 74 -0.33 -27.08 -48.58
C THR D 74 -0.59 -27.61 -47.18
N ILE D 75 -1.17 -28.80 -47.11
CA ILE D 75 -1.48 -29.41 -45.82
C ILE D 75 -0.71 -30.70 -45.66
N ILE D 76 0.21 -30.70 -44.70
CA ILE D 76 1.02 -31.88 -44.47
C ILE D 76 0.54 -32.70 -43.30
N MET D 77 0.07 -33.92 -43.57
CA MET D 77 -0.41 -34.80 -42.51
C MET D 77 0.76 -35.56 -41.87
N ASN D 78 0.50 -36.51 -40.99
CA ASN D 78 1.58 -37.20 -40.29
C ASN D 78 2.40 -38.21 -41.06
N GLY D 79 2.09 -38.43 -42.33
CA GLY D 79 2.84 -39.41 -43.09
C GLY D 79 4.31 -39.08 -43.31
N ALA D 80 4.73 -37.85 -43.04
CA ALA D 80 6.12 -37.49 -43.28
C ALA D 80 7.08 -37.57 -42.11
N ASN D 81 6.56 -37.80 -40.91
CA ASN D 81 7.43 -37.89 -39.74
C ASN D 81 8.29 -39.14 -39.75
N HIS D 82 9.57 -38.95 -39.48
CA HIS D 82 10.48 -40.08 -39.40
C HIS D 82 10.45 -40.45 -37.94
N ARG D 83 10.77 -41.71 -37.65
CA ARG D 83 10.80 -42.16 -36.27
C ARG D 83 11.99 -41.38 -35.71
N MET D 84 11.95 -40.99 -34.43
CA MET D 84 13.06 -40.25 -33.89
C MET D 84 13.49 -40.55 -32.46
N ASP D 85 13.24 -41.77 -31.99
CA ASP D 85 13.67 -42.14 -30.64
C ASP D 85 15.13 -42.55 -30.78
N GLY D 86 15.67 -42.32 -31.97
CA GLY D 86 17.05 -42.67 -32.27
C GLY D 86 17.40 -42.06 -33.61
N SER D 87 17.98 -42.85 -34.50
CA SER D 87 18.35 -42.35 -35.82
C SER D 87 17.11 -42.15 -36.68
N THR D 88 17.11 -41.04 -37.42
CA THR D 88 15.99 -40.70 -38.29
C THR D 88 16.13 -41.29 -39.67
N TYR D 89 17.19 -42.08 -39.91
CA TYR D 89 17.36 -42.69 -41.23
C TYR D 89 16.35 -43.83 -41.43
N PRO D 90 15.64 -43.83 -42.55
CA PRO D 90 14.64 -44.87 -42.86
C PRO D 90 15.20 -46.17 -43.42
N PHE D 91 16.10 -46.80 -42.67
CA PHE D 91 16.74 -48.06 -43.07
C PHE D 91 15.81 -49.04 -43.79
N ASN D 92 14.65 -49.27 -43.17
CA ASN D 92 13.65 -50.20 -43.69
C ASN D 92 13.17 -49.89 -45.11
N LEU D 93 13.09 -48.61 -45.43
CA LEU D 93 12.63 -48.18 -46.73
C LEU D 93 13.41 -48.73 -47.92
N PHE D 94 14.60 -49.26 -47.69
CA PHE D 94 15.43 -49.76 -48.77
C PHE D 94 15.48 -51.26 -49.00
N GLY D 95 14.70 -52.03 -48.24
CA GLY D 95 14.72 -53.47 -48.42
C GLY D 95 16.13 -54.04 -48.46
N ASN D 96 16.28 -55.20 -49.10
CA ASN D 96 17.58 -55.86 -49.21
C ASN D 96 18.01 -56.34 -47.82
N GLY D 97 17.02 -56.72 -47.02
CA GLY D 97 17.27 -57.21 -45.68
C GLY D 97 16.93 -56.20 -44.60
N TRP D 98 16.97 -54.92 -44.96
CA TRP D 98 16.69 -53.83 -44.03
C TRP D 98 15.25 -53.66 -43.62
N GLU D 99 14.33 -54.32 -44.32
CA GLU D 99 12.91 -54.23 -44.02
C GLU D 99 12.48 -54.81 -42.68
N LYS D 100 13.32 -55.64 -42.07
CA LYS D 100 12.92 -56.24 -40.80
C LYS D 100 12.87 -55.19 -39.72
N HIS D 101 13.31 -53.98 -40.04
CA HIS D 101 13.32 -52.89 -39.09
C HIS D 101 12.21 -51.90 -39.35
N MET D 102 11.07 -52.42 -39.78
CA MET D 102 9.88 -51.61 -40.02
C MET D 102 9.54 -51.12 -38.59
N PRO D 103 9.11 -49.85 -38.42
CA PRO D 103 8.79 -49.36 -37.06
C PRO D 103 7.37 -49.70 -36.64
N LYS D 104 7.11 -49.69 -35.34
CA LYS D 104 5.76 -49.96 -34.83
C LYS D 104 4.97 -48.68 -34.97
N LEU D 105 3.65 -48.80 -34.94
CA LEU D 105 2.77 -47.65 -35.05
C LEU D 105 3.01 -46.67 -33.92
N ASP D 106 3.21 -47.16 -32.70
CA ASP D 106 3.45 -46.22 -31.61
C ASP D 106 4.88 -45.71 -31.59
N GLN D 107 5.65 -46.03 -32.63
CA GLN D 107 7.02 -45.58 -32.69
C GLN D 107 7.12 -44.35 -33.60
N LEU D 108 6.05 -44.12 -34.35
CA LEU D 108 6.02 -42.96 -35.23
C LEU D 108 5.36 -41.79 -34.49
N PRO D 109 6.01 -40.62 -34.49
CA PRO D 109 5.41 -39.47 -33.79
C PRO D 109 4.13 -38.96 -34.45
N ILE D 110 2.98 -39.38 -33.96
CA ILE D 110 1.72 -38.90 -34.53
C ILE D 110 1.26 -37.71 -33.71
N LYS D 111 1.16 -36.57 -34.39
CA LYS D 111 0.79 -35.31 -33.77
C LYS D 111 -0.69 -35.04 -33.54
N GLY D 112 -1.55 -35.76 -34.23
CA GLY D 112 -2.97 -35.55 -34.04
C GLY D 112 -3.65 -35.13 -35.33
N ASP D 113 -4.90 -34.68 -35.23
CA ASP D 113 -5.68 -34.28 -36.40
C ASP D 113 -5.46 -32.82 -36.77
N THR D 114 -5.68 -32.50 -38.03
CA THR D 114 -5.54 -31.13 -38.47
C THR D 114 -6.99 -30.68 -38.64
N ILE D 115 -7.37 -29.70 -37.84
CA ILE D 115 -8.72 -29.17 -37.84
C ILE D 115 -8.72 -27.68 -38.17
N ILE D 116 -9.55 -27.30 -39.15
CA ILE D 116 -9.65 -25.92 -39.57
C ILE D 116 -11.07 -25.42 -39.40
N GLY D 117 -11.26 -24.46 -38.50
CA GLY D 117 -12.58 -23.90 -38.25
C GLY D 117 -13.31 -23.37 -39.47
N ASN D 118 -14.40 -22.66 -39.22
CA ASN D 118 -15.21 -22.08 -40.30
C ASN D 118 -14.87 -20.61 -40.49
N ASP D 119 -15.10 -20.10 -41.70
CA ASP D 119 -14.84 -18.70 -42.01
C ASP D 119 -13.38 -18.32 -41.82
N VAL D 120 -12.49 -19.22 -42.24
CA VAL D 120 -11.07 -19.02 -42.15
C VAL D 120 -10.56 -18.65 -43.54
N TRP D 121 -9.67 -17.68 -43.62
CA TRP D 121 -9.12 -17.26 -44.89
C TRP D 121 -7.61 -17.44 -44.83
N ILE D 122 -7.13 -18.44 -45.56
CA ILE D 122 -5.71 -18.73 -45.59
C ILE D 122 -5.07 -18.16 -46.85
N GLY D 123 -3.98 -17.40 -46.65
CA GLY D 123 -3.29 -16.81 -47.76
C GLY D 123 -2.61 -17.83 -48.65
N LYS D 124 -2.21 -17.40 -49.83
CA LYS D 124 -1.56 -18.30 -50.76
C LYS D 124 -0.24 -18.86 -50.24
N ASP D 125 0.12 -20.03 -50.74
CA ASP D 125 1.36 -20.69 -50.37
C ASP D 125 1.57 -20.90 -48.88
N VAL D 126 0.48 -21.05 -48.14
CA VAL D 126 0.62 -21.31 -46.72
C VAL D 126 0.91 -22.80 -46.58
N VAL D 127 1.78 -23.15 -45.64
CA VAL D 127 2.11 -24.54 -45.38
C VAL D 127 1.58 -24.81 -43.98
N ILE D 128 0.78 -25.84 -43.84
CA ILE D 128 0.19 -26.19 -42.55
C ILE D 128 0.69 -27.54 -42.12
N MET D 129 1.33 -27.57 -40.95
CA MET D 129 1.92 -28.78 -40.36
C MET D 129 0.91 -29.65 -39.64
N PRO D 130 1.30 -30.89 -39.33
CA PRO D 130 0.44 -31.86 -38.65
C PRO D 130 -0.09 -31.50 -37.27
N GLY D 131 -1.31 -31.93 -37.03
CA GLY D 131 -1.96 -31.72 -35.75
C GLY D 131 -2.15 -30.29 -35.35
N VAL D 132 -2.18 -29.38 -36.31
CA VAL D 132 -2.39 -27.98 -36.00
C VAL D 132 -3.91 -27.73 -36.01
N LYS D 133 -4.38 -26.84 -35.14
CA LYS D 133 -5.80 -26.49 -35.09
C LYS D 133 -5.96 -25.00 -35.30
N ILE D 134 -6.84 -24.61 -36.22
CA ILE D 134 -7.08 -23.20 -36.52
C ILE D 134 -8.54 -22.79 -36.26
N GLY D 135 -8.74 -21.98 -35.23
CA GLY D 135 -10.07 -21.55 -34.87
C GLY D 135 -10.81 -20.80 -35.95
N ASP D 136 -12.11 -20.63 -35.76
CA ASP D 136 -12.95 -19.93 -36.74
C ASP D 136 -12.61 -18.45 -36.91
N GLY D 137 -12.82 -17.96 -38.13
CA GLY D 137 -12.58 -16.57 -38.45
C GLY D 137 -11.15 -16.10 -38.36
N ALA D 138 -10.21 -17.03 -38.45
CA ALA D 138 -8.82 -16.65 -38.38
C ALA D 138 -8.35 -16.38 -39.78
N ILE D 139 -7.38 -15.47 -39.89
CA ILE D 139 -6.80 -15.12 -41.16
C ILE D 139 -5.31 -15.47 -41.09
N VAL D 140 -4.87 -16.33 -42.00
CA VAL D 140 -3.47 -16.73 -42.07
C VAL D 140 -2.83 -16.00 -43.25
N ALA D 141 -1.84 -15.17 -42.95
CA ALA D 141 -1.15 -14.38 -43.95
C ALA D 141 -0.40 -15.22 -44.95
N ALA D 142 -0.38 -14.74 -46.19
CA ALA D 142 0.29 -15.42 -47.28
C ALA D 142 1.70 -15.87 -46.89
N ASN D 143 2.11 -17.00 -47.43
CA ASN D 143 3.44 -17.56 -47.19
C ASN D 143 3.76 -17.82 -45.73
N SER D 144 2.76 -18.29 -44.99
CA SER D 144 2.95 -18.61 -43.58
C SER D 144 3.19 -20.11 -43.42
N VAL D 145 3.83 -20.48 -42.32
CA VAL D 145 4.11 -21.89 -42.04
C VAL D 145 3.53 -22.17 -40.65
N VAL D 146 2.30 -22.69 -40.61
CA VAL D 146 1.64 -22.96 -39.34
C VAL D 146 2.11 -24.23 -38.65
N VAL D 147 2.72 -24.06 -37.48
CA VAL D 147 3.25 -25.16 -36.72
C VAL D 147 2.59 -25.28 -35.34
N LYS D 148 1.59 -24.45 -35.07
CA LYS D 148 0.90 -24.52 -33.79
C LYS D 148 -0.45 -23.81 -33.83
N ASP D 149 -1.35 -24.27 -32.97
CA ASP D 149 -2.71 -23.76 -32.85
C ASP D 149 -2.84 -22.24 -32.95
N ILE D 150 -3.93 -21.80 -33.59
CA ILE D 150 -4.24 -20.38 -33.74
C ILE D 150 -5.65 -20.18 -33.21
N ALA D 151 -5.82 -19.22 -32.32
CA ALA D 151 -7.11 -18.97 -31.70
C ALA D 151 -8.15 -18.45 -32.68
N PRO D 152 -9.43 -18.51 -32.30
CA PRO D 152 -10.46 -18.01 -33.21
C PRO D 152 -10.32 -16.51 -33.45
N TYR D 153 -10.74 -16.08 -34.64
CA TYR D 153 -10.69 -14.69 -35.04
C TYR D 153 -9.37 -14.01 -34.70
N MET D 154 -8.27 -14.71 -34.94
CA MET D 154 -6.95 -14.15 -34.68
C MET D 154 -6.27 -13.94 -36.01
N LEU D 155 -5.33 -13.01 -36.08
CA LEU D 155 -4.62 -12.78 -37.32
C LEU D 155 -3.22 -13.30 -37.16
N ALA D 156 -2.89 -14.37 -37.86
CA ALA D 156 -1.57 -14.96 -37.73
C ALA D 156 -0.74 -14.77 -38.96
N GLY D 157 0.57 -15.00 -38.84
CA GLY D 157 1.45 -14.84 -39.98
C GLY D 157 2.91 -15.12 -39.67
N GLY D 158 3.70 -15.40 -40.71
CA GLY D 158 5.11 -15.65 -40.51
C GLY D 158 5.51 -17.11 -40.59
N ASN D 159 6.82 -17.36 -40.48
CA ASN D 159 7.38 -18.71 -40.54
C ASN D 159 8.44 -18.81 -39.43
N PRO D 160 8.09 -19.41 -38.28
CA PRO D 160 6.79 -20.01 -37.95
C PRO D 160 5.76 -18.90 -37.72
N ALA D 161 4.53 -19.16 -38.13
CA ALA D 161 3.49 -18.16 -37.98
C ALA D 161 3.18 -17.90 -36.52
N ASN D 162 2.87 -16.64 -36.20
CA ASN D 162 2.54 -16.21 -34.85
C ASN D 162 1.26 -15.39 -34.89
N GLU D 163 0.54 -15.33 -33.78
CA GLU D 163 -0.68 -14.55 -33.72
C GLU D 163 -0.22 -13.11 -33.66
N ILE D 164 -0.79 -12.27 -34.50
CA ILE D 164 -0.38 -10.88 -34.53
C ILE D 164 -1.32 -9.97 -33.77
N LYS D 165 -2.62 -10.08 -34.05
CA LYS D 165 -3.60 -9.26 -33.35
C LYS D 165 -4.95 -9.93 -33.46
N GLN D 166 -5.89 -9.50 -32.62
CA GLN D 166 -7.24 -10.03 -32.66
C GLN D 166 -7.92 -9.23 -33.76
N ARG D 167 -8.95 -9.78 -34.36
CA ARG D 167 -9.63 -9.06 -35.41
C ARG D 167 -10.60 -8.07 -34.81
N PHE D 168 -11.31 -8.47 -33.76
CA PHE D 168 -12.27 -7.61 -33.09
C PHE D 168 -12.21 -7.80 -31.57
N ASP D 169 -13.02 -7.01 -30.86
CA ASP D 169 -13.06 -7.08 -29.39
C ASP D 169 -13.52 -8.45 -28.93
N GLN D 170 -13.14 -8.82 -27.72
CA GLN D 170 -13.52 -10.11 -27.20
C GLN D 170 -15.02 -10.31 -27.29
N ASP D 171 -15.77 -9.33 -26.82
CA ASP D 171 -17.22 -9.40 -26.85
C ASP D 171 -17.72 -9.83 -28.23
N THR D 172 -17.41 -9.05 -29.26
CA THR D 172 -17.84 -9.38 -30.61
C THR D 172 -17.53 -10.84 -30.93
N ILE D 173 -16.27 -11.21 -30.73
CA ILE D 173 -15.82 -12.56 -30.99
C ILE D 173 -16.72 -13.59 -30.32
N ASN D 174 -16.85 -13.50 -28.99
CA ASN D 174 -17.67 -14.45 -28.23
C ASN D 174 -19.08 -14.58 -28.75
N GLN D 175 -19.63 -13.47 -29.24
CA GLN D 175 -20.98 -13.50 -29.78
C GLN D 175 -20.97 -14.35 -31.05
N LEU D 176 -20.17 -13.95 -32.03
CA LEU D 176 -20.07 -14.69 -33.29
C LEU D 176 -19.88 -16.17 -32.97
N LEU D 177 -18.98 -16.47 -32.04
CA LEU D 177 -18.72 -17.85 -31.65
C LEU D 177 -19.97 -18.53 -31.09
N ASP D 178 -20.94 -17.73 -30.65
CA ASP D 178 -22.17 -18.29 -30.13
C ASP D 178 -23.23 -18.37 -31.23
N ILE D 179 -23.33 -17.30 -32.01
CA ILE D 179 -24.28 -17.21 -33.11
C ILE D 179 -24.05 -18.35 -34.11
N LYS D 180 -22.79 -18.56 -34.49
CA LYS D 180 -22.43 -19.62 -35.41
C LYS D 180 -23.30 -19.57 -36.65
N TRP D 181 -23.32 -18.43 -37.32
CA TRP D 181 -24.16 -18.30 -38.50
C TRP D 181 -23.83 -19.28 -39.62
N TRP D 182 -22.63 -19.86 -39.60
CA TRP D 182 -22.27 -20.79 -40.67
C TRP D 182 -23.09 -22.06 -40.57
N ASN D 183 -23.80 -22.23 -39.46
CA ASN D 183 -24.61 -23.42 -39.27
C ASN D 183 -26.08 -23.29 -39.68
N TRP D 184 -26.51 -22.06 -39.96
CA TRP D 184 -27.88 -21.84 -40.39
C TRP D 184 -28.04 -22.35 -41.82
N PRO D 185 -29.27 -22.69 -42.23
CA PRO D 185 -29.45 -23.18 -43.60
C PRO D 185 -29.26 -21.96 -44.49
N ILE D 186 -28.88 -22.20 -45.74
CA ILE D 186 -28.63 -21.08 -46.64
C ILE D 186 -29.85 -20.23 -46.92
N ASP D 187 -31.04 -20.78 -46.66
CA ASP D 187 -32.28 -20.03 -46.86
C ASP D 187 -32.20 -18.78 -46.00
N ILE D 188 -31.75 -18.96 -44.77
CA ILE D 188 -31.64 -17.87 -43.81
C ILE D 188 -30.40 -17.03 -44.07
N ILE D 189 -29.27 -17.71 -44.23
CA ILE D 189 -28.03 -17.00 -44.50
C ILE D 189 -28.27 -16.05 -45.66
N ASN D 190 -28.94 -16.55 -46.71
CA ASN D 190 -29.23 -15.78 -47.91
C ASN D 190 -29.85 -14.41 -47.67
N GLU D 191 -30.42 -14.21 -46.48
CA GLU D 191 -31.07 -12.94 -46.21
C GLU D 191 -30.36 -12.11 -45.15
N ASN D 192 -29.14 -12.51 -44.80
CA ASN D 192 -28.36 -11.77 -43.82
C ASN D 192 -26.88 -11.62 -44.23
N ILE D 193 -26.58 -11.99 -45.46
CA ILE D 193 -25.20 -11.90 -45.94
C ILE D 193 -24.61 -10.54 -45.64
N ASP D 194 -25.40 -9.50 -45.84
CA ASP D 194 -24.95 -8.15 -45.60
C ASP D 194 -24.60 -7.95 -44.14
N LYS D 195 -25.49 -8.40 -43.26
CA LYS D 195 -25.29 -8.25 -41.83
C LYS D 195 -24.14 -9.10 -41.36
N ILE D 196 -23.83 -10.11 -42.14
CA ILE D 196 -22.73 -10.98 -41.81
C ILE D 196 -21.49 -10.28 -42.32
N LEU D 197 -21.57 -9.81 -43.55
CA LEU D 197 -20.44 -9.14 -44.16
C LEU D 197 -19.96 -7.93 -43.37
N ASP D 198 -20.82 -7.34 -42.55
CA ASP D 198 -20.40 -6.16 -41.80
C ASP D 198 -20.44 -6.35 -40.29
N ASN D 199 -20.60 -7.58 -39.86
CA ASN D 199 -20.61 -7.90 -38.44
C ASN D 199 -21.76 -7.33 -37.64
N SER D 200 -22.82 -6.90 -38.31
CA SER D 200 -23.97 -6.35 -37.61
C SER D 200 -24.98 -7.45 -37.30
N ILE D 201 -24.67 -8.66 -37.75
CA ILE D 201 -25.54 -9.81 -37.52
C ILE D 201 -25.62 -10.07 -36.01
N ILE D 202 -24.60 -9.63 -35.29
CA ILE D 202 -24.56 -9.80 -33.84
C ILE D 202 -25.76 -9.11 -33.22
N ARG D 203 -25.86 -7.80 -33.48
CA ARG D 203 -26.92 -6.95 -32.97
C ARG D 203 -28.31 -7.49 -33.29
N GLU D 204 -28.44 -8.10 -34.46
CA GLU D 204 -29.71 -8.61 -34.94
C GLU D 204 -30.31 -9.78 -34.22
N VAL D 205 -29.69 -10.18 -33.13
CA VAL D 205 -30.28 -11.26 -32.39
C VAL D 205 -30.58 -10.68 -31.00
N ILE D 206 -29.83 -9.62 -30.63
CA ILE D 206 -30.11 -8.91 -29.35
C ILE D 206 -29.18 -8.55 -28.23
N MET E 1 28.52 3.55 -74.04
CA MET E 1 28.99 2.51 -73.07
C MET E 1 27.82 1.99 -72.30
N GLY E 2 27.79 0.68 -72.13
CA GLY E 2 26.69 0.06 -71.43
C GLY E 2 25.62 -0.31 -72.44
N PRO E 3 24.64 -1.13 -72.05
CA PRO E 3 23.59 -1.54 -72.98
C PRO E 3 22.50 -0.47 -73.11
N ASN E 4 21.59 -0.68 -74.05
CA ASN E 4 20.48 0.25 -74.26
C ASN E 4 19.39 -0.10 -73.24
N PRO E 5 19.13 0.78 -72.28
CA PRO E 5 18.11 0.51 -71.25
C PRO E 5 16.76 0.11 -71.85
N MET E 6 16.50 0.58 -73.06
CA MET E 6 15.26 0.30 -73.76
C MET E 6 15.25 -1.10 -74.30
N LYS E 7 16.37 -1.79 -74.22
CA LYS E 7 16.44 -3.13 -74.74
C LYS E 7 15.95 -4.16 -73.74
N MET E 8 14.94 -4.91 -74.13
CA MET E 8 14.36 -5.95 -73.30
C MET E 8 15.43 -6.94 -72.82
N TYR E 9 16.09 -7.59 -73.76
CA TYR E 9 17.15 -8.54 -73.42
C TYR E 9 18.48 -7.90 -73.82
N PRO E 10 19.15 -7.23 -72.86
CA PRO E 10 20.43 -6.57 -73.12
C PRO E 10 21.58 -7.47 -73.57
N ILE E 11 21.68 -8.66 -72.98
CA ILE E 11 22.76 -9.58 -73.35
C ILE E 11 22.40 -10.50 -74.51
N GLU E 12 23.15 -10.40 -75.60
CA GLU E 12 22.90 -11.23 -76.75
C GLU E 12 22.88 -12.69 -76.38
N GLY E 13 21.95 -13.42 -76.97
CA GLY E 13 21.82 -14.85 -76.72
C GLY E 13 21.33 -15.25 -75.34
N ASN E 14 21.23 -14.29 -74.44
CA ASN E 14 20.76 -14.58 -73.10
C ASN E 14 19.33 -14.09 -72.96
N LYS E 15 18.41 -15.01 -72.70
CA LYS E 15 16.99 -14.68 -72.57
C LYS E 15 16.46 -14.80 -71.14
N SER E 16 17.36 -14.96 -70.18
CA SER E 16 16.95 -15.05 -68.79
C SER E 16 17.01 -13.64 -68.24
N VAL E 17 18.15 -12.99 -68.46
CA VAL E 17 18.37 -11.62 -67.99
C VAL E 17 17.68 -10.61 -68.90
N GLN E 18 16.73 -9.87 -68.33
CA GLN E 18 15.93 -8.89 -69.06
C GLN E 18 15.72 -7.55 -68.33
N PHE E 19 15.61 -6.48 -69.12
CA PHE E 19 15.39 -5.14 -68.58
C PHE E 19 13.90 -4.95 -68.42
N ILE E 20 13.51 -4.62 -67.18
CA ILE E 20 12.12 -4.44 -66.77
C ILE E 20 11.32 -3.28 -67.38
N LYS E 21 11.96 -2.12 -67.53
CA LYS E 21 11.28 -0.95 -68.09
C LYS E 21 10.53 -1.20 -69.40
N PRO E 22 11.26 -1.65 -70.44
CA PRO E 22 10.56 -1.90 -71.71
C PRO E 22 9.52 -2.99 -71.59
N ILE E 23 9.71 -3.87 -70.62
CA ILE E 23 8.80 -4.97 -70.42
C ILE E 23 7.51 -4.56 -69.74
N LEU E 24 7.60 -3.80 -68.65
CA LEU E 24 6.39 -3.41 -67.97
C LEU E 24 5.80 -2.09 -68.47
N GLU E 25 6.29 -1.59 -69.59
CA GLU E 25 5.73 -0.35 -70.14
C GLU E 25 4.24 -0.59 -70.35
N LYS E 26 3.93 -1.63 -71.14
CA LYS E 26 2.57 -2.00 -71.46
C LYS E 26 1.84 -2.48 -70.23
N LEU E 27 1.70 -1.57 -69.27
CA LEU E 27 1.00 -1.81 -68.02
C LEU E 27 0.58 -0.50 -67.37
N GLU E 28 -0.56 -0.53 -66.69
CA GLU E 28 -1.09 0.67 -66.05
C GLU E 28 -0.80 0.74 -64.54
N ASN E 29 -0.53 1.95 -64.06
CA ASN E 29 -0.22 2.17 -62.66
C ASN E 29 1.06 1.47 -62.27
N VAL E 30 1.95 1.35 -63.24
CA VAL E 30 3.25 0.71 -63.08
C VAL E 30 4.35 1.62 -63.65
N GLU E 31 5.29 2.04 -62.79
CA GLU E 31 6.42 2.92 -63.16
C GLU E 31 7.75 2.22 -62.85
N VAL E 32 8.66 2.14 -63.82
CA VAL E 32 9.95 1.48 -63.58
C VAL E 32 11.22 2.21 -64.01
N GLY E 33 12.25 2.11 -63.18
CA GLY E 33 13.53 2.75 -63.46
C GLY E 33 14.23 2.16 -64.67
N GLU E 34 15.14 2.93 -65.25
CA GLU E 34 15.86 2.52 -66.45
C GLU E 34 16.62 1.19 -66.44
N TYR E 35 17.66 1.08 -65.62
CA TYR E 35 18.45 -0.14 -65.68
C TYR E 35 18.10 -1.34 -64.84
N SER E 36 17.10 -1.22 -63.97
CA SER E 36 16.70 -2.35 -63.13
C SER E 36 16.44 -3.54 -64.02
N TYR E 37 16.87 -4.72 -63.58
CA TYR E 37 16.68 -5.93 -64.37
C TYR E 37 16.11 -7.06 -63.53
N TYR E 38 15.62 -8.08 -64.21
CA TYR E 38 15.05 -9.23 -63.54
C TYR E 38 15.79 -10.44 -64.06
N ASP E 39 16.20 -11.32 -63.17
CA ASP E 39 16.92 -12.51 -63.58
C ASP E 39 15.94 -13.67 -63.59
N SER E 40 15.42 -13.99 -64.77
CA SER E 40 14.41 -15.04 -64.94
C SER E 40 14.68 -16.38 -64.27
N LYS E 41 13.63 -16.95 -63.66
CA LYS E 41 13.76 -18.24 -62.99
C LYS E 41 13.59 -19.39 -63.97
N ASN E 42 12.51 -19.35 -64.76
CA ASN E 42 12.23 -20.41 -65.73
C ASN E 42 12.04 -19.86 -67.13
N GLY E 43 12.37 -18.58 -67.32
CA GLY E 43 12.23 -17.99 -68.64
C GLY E 43 11.01 -17.08 -68.71
N GLU E 44 10.27 -17.00 -67.62
CA GLU E 44 9.09 -16.17 -67.58
C GLU E 44 9.50 -14.69 -67.60
N THR E 45 8.63 -13.83 -68.13
CA THR E 45 8.90 -12.40 -68.16
C THR E 45 8.34 -11.81 -66.86
N PHE E 46 9.06 -10.85 -66.30
CA PHE E 46 8.67 -10.27 -65.03
C PHE E 46 7.21 -9.89 -64.84
N ASP E 47 6.56 -9.46 -65.91
CA ASP E 47 5.15 -9.06 -65.83
C ASP E 47 4.28 -10.18 -65.26
N LYS E 48 4.71 -11.41 -65.45
CA LYS E 48 3.99 -12.58 -64.97
C LYS E 48 4.18 -12.68 -63.48
N GLN E 49 5.06 -11.83 -62.95
CA GLN E 49 5.34 -11.85 -61.53
C GLN E 49 4.64 -10.77 -60.75
N ILE E 50 3.77 -9.99 -61.39
CA ILE E 50 3.07 -8.97 -60.64
C ILE E 50 1.65 -9.46 -60.43
N LEU E 51 1.39 -9.93 -59.23
CA LEU E 51 0.08 -10.49 -58.89
C LEU E 51 -0.95 -9.53 -58.33
N TYR E 52 -2.21 -9.80 -58.70
CA TYR E 52 -3.38 -9.04 -58.24
C TYR E 52 -3.34 -7.53 -58.40
N HIS E 53 -2.83 -7.07 -59.53
CA HIS E 53 -2.80 -5.63 -59.79
C HIS E 53 -4.03 -5.30 -60.61
N TYR E 54 -5.04 -4.74 -59.97
CA TYR E 54 -6.28 -4.37 -60.66
C TYR E 54 -6.35 -2.85 -60.78
N PRO E 55 -6.42 -2.33 -62.03
CA PRO E 55 -6.48 -0.90 -62.34
C PRO E 55 -7.54 -0.13 -61.58
N ILE E 56 -8.70 -0.75 -61.42
CA ILE E 56 -9.82 -0.13 -60.72
C ILE E 56 -9.49 0.23 -59.26
N LEU E 57 -8.69 -0.57 -58.58
CA LEU E 57 -8.33 -0.26 -57.19
C LEU E 57 -7.37 0.93 -57.20
N ASN E 58 -6.88 1.26 -58.38
CA ASN E 58 -5.92 2.35 -58.58
C ASN E 58 -4.78 2.42 -57.58
N ASP E 59 -3.96 1.38 -57.59
CA ASP E 59 -2.80 1.31 -56.74
C ASP E 59 -1.67 1.15 -57.73
N LYS E 60 -0.64 1.99 -57.60
CA LYS E 60 0.47 1.94 -58.51
C LYS E 60 1.64 1.23 -57.86
N LEU E 61 2.58 0.80 -58.69
CA LEU E 61 3.77 0.12 -58.23
C LEU E 61 4.94 0.85 -58.88
N LYS E 62 5.91 1.27 -58.07
CA LYS E 62 7.05 1.98 -58.60
C LYS E 62 8.36 1.35 -58.20
N ILE E 63 9.27 1.23 -59.16
CA ILE E 63 10.58 0.64 -58.95
C ILE E 63 11.66 1.60 -59.49
N GLY E 64 12.69 1.85 -58.70
CA GLY E 64 13.74 2.75 -59.14
C GLY E 64 14.63 2.18 -60.23
N LYS E 65 15.84 2.72 -60.38
CA LYS E 65 16.78 2.21 -61.38
C LYS E 65 17.94 1.48 -60.73
N PHE E 66 18.69 0.74 -61.54
CA PHE E 66 19.83 -0.03 -61.05
C PHE E 66 19.46 -1.00 -59.97
N CYS E 67 18.23 -1.47 -60.02
CA CYS E 67 17.76 -2.44 -59.05
C CYS E 67 18.10 -3.81 -59.63
N SER E 68 18.52 -4.74 -58.76
CA SER E 68 18.85 -6.09 -59.18
C SER E 68 17.76 -6.96 -58.60
N ILE E 69 16.83 -7.40 -59.44
CA ILE E 69 15.74 -8.21 -58.95
C ILE E 69 15.95 -9.67 -59.31
N GLY E 70 16.06 -10.48 -58.27
CA GLY E 70 16.31 -11.90 -58.40
C GLY E 70 15.15 -12.76 -58.90
N PRO E 71 15.44 -14.01 -59.26
CA PRO E 71 14.44 -14.96 -59.76
C PRO E 71 13.26 -15.22 -58.85
N GLY E 72 12.11 -15.45 -59.46
CA GLY E 72 10.90 -15.74 -58.72
C GLY E 72 10.44 -14.68 -57.73
N VAL E 73 11.01 -13.50 -57.78
CA VAL E 73 10.60 -12.47 -56.85
C VAL E 73 9.14 -12.19 -57.21
N THR E 74 8.29 -12.07 -56.19
CA THR E 74 6.86 -11.83 -56.42
C THR E 74 6.33 -10.58 -55.77
N ILE E 75 5.53 -9.85 -56.54
CA ILE E 75 4.95 -8.63 -56.03
C ILE E 75 3.46 -8.82 -55.94
N ILE E 76 2.91 -8.61 -54.75
CA ILE E 76 1.49 -8.76 -54.52
C ILE E 76 0.79 -7.43 -54.28
N MET E 77 0.01 -7.00 -55.26
CA MET E 77 -0.71 -5.75 -55.14
C MET E 77 -2.00 -5.98 -54.34
N ASN E 78 -2.83 -4.95 -54.20
CA ASN E 78 -4.05 -5.04 -53.41
C ASN E 78 -5.23 -5.88 -53.89
N GLY E 79 -5.15 -6.45 -55.08
CA GLY E 79 -6.27 -7.25 -55.54
C GLY E 79 -6.48 -8.54 -54.74
N ALA E 80 -5.67 -8.75 -53.71
CA ALA E 80 -5.77 -9.97 -52.93
C ALA E 80 -6.39 -9.83 -51.55
N ASN E 81 -6.78 -8.62 -51.21
CA ASN E 81 -7.38 -8.34 -49.91
C ASN E 81 -8.86 -8.67 -49.89
N HIS E 82 -9.30 -9.34 -48.83
CA HIS E 82 -10.71 -9.69 -48.70
C HIS E 82 -11.28 -8.65 -47.75
N ARG E 83 -12.51 -8.22 -48.00
CA ARG E 83 -13.10 -7.24 -47.10
C ARG E 83 -13.04 -8.00 -45.79
N MET E 84 -12.88 -7.29 -44.67
CA MET E 84 -12.80 -7.98 -43.39
C MET E 84 -13.45 -7.26 -42.23
N ASP E 85 -14.44 -6.40 -42.48
CA ASP E 85 -15.06 -5.76 -41.34
C ASP E 85 -15.98 -6.81 -40.76
N GLY E 86 -16.29 -7.81 -41.59
CA GLY E 86 -17.15 -8.88 -41.14
C GLY E 86 -16.50 -10.17 -41.59
N SER E 87 -17.27 -11.05 -42.21
CA SER E 87 -16.72 -12.31 -42.70
C SER E 87 -15.86 -12.02 -43.92
N THR E 88 -14.86 -12.87 -44.14
CA THR E 88 -13.93 -12.72 -45.24
C THR E 88 -14.37 -13.45 -46.48
N TYR E 89 -15.49 -14.15 -46.38
CA TYR E 89 -15.99 -14.91 -47.51
C TYR E 89 -16.48 -14.02 -48.63
N PRO E 90 -15.93 -14.21 -49.84
CA PRO E 90 -16.32 -13.40 -50.99
C PRO E 90 -17.56 -13.94 -51.65
N PHE E 91 -18.72 -13.63 -51.08
CA PHE E 91 -20.00 -14.11 -51.62
C PHE E 91 -20.25 -13.63 -53.03
N ASN E 92 -19.94 -12.36 -53.28
CA ASN E 92 -20.16 -11.73 -54.58
C ASN E 92 -19.52 -12.48 -55.71
N LEU E 93 -18.45 -13.19 -55.41
CA LEU E 93 -17.70 -13.95 -56.42
C LEU E 93 -18.48 -15.03 -57.16
N PHE E 94 -19.44 -15.65 -56.46
CA PHE E 94 -20.21 -16.74 -57.03
C PHE E 94 -21.52 -16.34 -57.67
N GLY E 95 -21.74 -15.04 -57.81
CA GLY E 95 -22.95 -14.54 -58.43
C GLY E 95 -24.20 -15.30 -58.02
N ASN E 96 -24.99 -15.67 -59.01
CA ASN E 96 -26.23 -16.40 -58.78
C ASN E 96 -27.04 -15.65 -57.73
N GLY E 97 -26.94 -14.32 -57.80
CA GLY E 97 -27.67 -13.47 -56.87
C GLY E 97 -26.84 -12.89 -55.75
N TRP E 98 -25.66 -13.43 -55.52
CA TRP E 98 -24.80 -12.95 -54.45
C TRP E 98 -23.98 -11.75 -54.87
N GLU E 99 -23.98 -11.49 -56.17
CA GLU E 99 -23.25 -10.39 -56.78
C GLU E 99 -23.55 -9.05 -56.11
N LYS E 100 -24.80 -8.83 -55.73
CA LYS E 100 -25.16 -7.56 -55.09
C LYS E 100 -24.29 -7.20 -53.88
N HIS E 101 -23.91 -8.21 -53.12
CA HIS E 101 -23.09 -7.96 -51.94
C HIS E 101 -21.66 -7.70 -52.36
N MET E 102 -21.55 -7.00 -53.48
CA MET E 102 -20.25 -6.63 -54.00
C MET E 102 -19.72 -5.53 -53.10
N PRO E 103 -18.45 -5.61 -52.70
CA PRO E 103 -17.85 -4.59 -51.83
C PRO E 103 -17.73 -3.23 -52.50
N LYS E 104 -17.90 -2.18 -51.71
CA LYS E 104 -17.76 -0.82 -52.21
C LYS E 104 -16.30 -0.48 -52.05
N LEU E 105 -15.70 0.13 -53.06
CA LEU E 105 -14.28 0.46 -53.00
C LEU E 105 -13.90 0.93 -51.60
N ASP E 106 -14.69 1.82 -51.03
CA ASP E 106 -14.38 2.31 -49.70
C ASP E 106 -14.52 1.26 -48.59
N GLN E 107 -14.79 0.01 -48.95
CA GLN E 107 -14.93 -1.05 -47.96
C GLN E 107 -13.74 -2.00 -48.06
N LEU E 108 -13.11 -2.03 -49.23
CA LEU E 108 -11.95 -2.88 -49.40
C LEU E 108 -10.77 -2.20 -48.72
N PRO E 109 -10.01 -2.93 -47.90
CA PRO E 109 -8.87 -2.29 -47.25
C PRO E 109 -7.66 -2.24 -48.18
N ILE E 110 -7.36 -1.04 -48.67
CA ILE E 110 -6.22 -0.79 -49.55
C ILE E 110 -5.10 -0.17 -48.69
N LYS E 111 -3.86 -0.64 -48.86
CA LYS E 111 -2.71 -0.17 -48.07
C LYS E 111 -1.77 0.76 -48.80
N GLY E 112 -2.19 1.20 -49.97
CA GLY E 112 -1.37 2.10 -50.73
C GLY E 112 -0.48 1.39 -51.73
N ASP E 113 0.33 2.22 -52.39
CA ASP E 113 1.24 1.75 -53.40
C ASP E 113 2.43 1.05 -52.80
N THR E 114 3.09 0.29 -53.65
CA THR E 114 4.30 -0.41 -53.29
C THR E 114 5.37 0.39 -54.01
N ILE E 115 6.35 0.86 -53.27
CA ILE E 115 7.42 1.64 -53.88
C ILE E 115 8.76 1.03 -53.55
N ILE E 116 9.55 0.77 -54.59
CA ILE E 116 10.87 0.19 -54.41
C ILE E 116 11.90 1.18 -54.94
N GLY E 117 12.83 1.55 -54.07
CA GLY E 117 13.86 2.51 -54.44
C GLY E 117 14.84 2.14 -55.54
N ASN E 118 15.95 2.88 -55.57
CA ASN E 118 16.99 2.69 -56.57
C ASN E 118 18.17 1.91 -55.96
N ASP E 119 18.98 1.29 -56.82
CA ASP E 119 20.13 0.50 -56.37
C ASP E 119 19.73 -0.46 -55.25
N VAL E 120 18.62 -1.16 -55.44
CA VAL E 120 18.12 -2.13 -54.47
C VAL E 120 18.30 -3.54 -55.00
N TRP E 121 18.74 -4.45 -54.13
CA TRP E 121 18.96 -5.84 -54.50
C TRP E 121 18.02 -6.74 -53.70
N ILE E 122 17.13 -7.41 -54.43
CA ILE E 122 16.16 -8.31 -53.84
C ILE E 122 16.49 -9.75 -54.22
N GLY E 123 16.61 -10.61 -53.21
CA GLY E 123 16.94 -12.01 -53.42
C GLY E 123 15.90 -12.83 -54.14
N LYS E 124 16.31 -14.01 -54.58
CA LYS E 124 15.43 -14.89 -55.32
C LYS E 124 14.27 -15.33 -54.45
N ASP E 125 13.11 -15.46 -55.07
CA ASP E 125 11.90 -15.89 -54.37
C ASP E 125 11.44 -15.01 -53.21
N VAL E 126 11.73 -13.71 -53.23
CA VAL E 126 11.25 -12.85 -52.14
C VAL E 126 9.81 -12.50 -52.49
N VAL E 127 8.98 -12.28 -51.48
CA VAL E 127 7.59 -11.92 -51.72
C VAL E 127 7.40 -10.54 -51.13
N ILE E 128 6.83 -9.64 -51.92
CA ILE E 128 6.62 -8.29 -51.45
C ILE E 128 5.13 -7.98 -51.31
N MET E 129 4.68 -7.93 -50.07
CA MET E 129 3.30 -7.64 -49.73
C MET E 129 2.89 -6.27 -50.22
N PRO E 130 1.57 -6.01 -50.32
CA PRO E 130 1.03 -4.73 -50.76
C PRO E 130 1.33 -3.54 -49.87
N GLY E 131 1.49 -2.38 -50.50
CA GLY E 131 1.75 -1.14 -49.78
C GLY E 131 3.06 -1.05 -49.02
N VAL E 132 4.10 -1.75 -49.50
CA VAL E 132 5.39 -1.71 -48.84
C VAL E 132 6.32 -0.76 -49.59
N LYS E 133 7.29 -0.21 -48.87
CA LYS E 133 8.25 0.70 -49.49
C LYS E 133 9.66 0.31 -49.07
N ILE E 134 10.48 -0.10 -50.04
CA ILE E 134 11.86 -0.48 -49.77
C ILE E 134 12.72 0.70 -50.17
N GLY E 135 13.37 1.32 -49.19
CA GLY E 135 14.21 2.47 -49.47
C GLY E 135 15.34 2.14 -50.41
N ASP E 136 16.04 3.18 -50.86
CA ASP E 136 17.16 2.99 -51.77
C ASP E 136 18.29 2.19 -51.12
N GLY E 137 19.10 1.55 -51.95
CA GLY E 137 20.25 0.80 -51.47
C GLY E 137 20.09 -0.39 -50.56
N ALA E 138 18.86 -0.69 -50.14
CA ALA E 138 18.61 -1.83 -49.24
C ALA E 138 18.86 -3.16 -49.95
N ILE E 139 19.13 -4.19 -49.17
CA ILE E 139 19.38 -5.52 -49.72
C ILE E 139 18.40 -6.45 -49.04
N VAL E 140 17.64 -7.21 -49.83
CA VAL E 140 16.68 -8.13 -49.26
C VAL E 140 17.08 -9.60 -49.46
N ALA E 141 17.34 -10.27 -48.34
CA ALA E 141 17.76 -11.66 -48.36
C ALA E 141 16.78 -12.56 -49.09
N ALA E 142 17.31 -13.58 -49.74
CA ALA E 142 16.49 -14.52 -50.48
C ALA E 142 15.42 -15.11 -49.56
N ASN E 143 14.28 -15.43 -50.14
CA ASN E 143 13.18 -16.03 -49.40
C ASN E 143 12.58 -15.28 -48.25
N SER E 144 12.66 -13.96 -48.28
CA SER E 144 12.06 -13.17 -47.22
C SER E 144 10.69 -12.77 -47.71
N VAL E 145 9.82 -12.45 -46.76
CA VAL E 145 8.47 -11.99 -47.07
C VAL E 145 8.48 -10.63 -46.42
N VAL E 146 8.32 -9.60 -47.24
CA VAL E 146 8.36 -8.23 -46.77
C VAL E 146 6.95 -7.71 -46.46
N VAL E 147 6.63 -7.57 -45.18
CA VAL E 147 5.31 -7.07 -44.79
C VAL E 147 5.27 -5.62 -44.31
N LYS E 148 6.44 -5.01 -44.10
CA LYS E 148 6.52 -3.62 -43.66
C LYS E 148 7.67 -2.88 -44.38
N ASP E 149 7.75 -1.57 -44.20
CA ASP E 149 8.78 -0.75 -44.85
C ASP E 149 10.20 -1.11 -44.47
N ILE E 150 11.12 -0.85 -45.38
CA ILE E 150 12.53 -1.11 -45.17
C ILE E 150 13.25 0.20 -45.44
N ALA E 151 13.91 0.71 -44.41
CA ALA E 151 14.64 1.96 -44.48
C ALA E 151 15.79 1.83 -45.46
N PRO E 152 16.19 2.95 -46.08
CA PRO E 152 17.28 2.93 -47.05
C PRO E 152 18.57 2.29 -46.53
N TYR E 153 19.33 1.72 -47.46
CA TYR E 153 20.60 1.08 -47.16
C TYR E 153 20.62 0.11 -46.01
N MET E 154 19.47 -0.50 -45.70
CA MET E 154 19.39 -1.50 -44.64
C MET E 154 19.46 -2.88 -45.28
N LEU E 155 19.84 -3.86 -44.48
CA LEU E 155 19.93 -5.24 -44.92
C LEU E 155 18.87 -5.98 -44.09
N ALA E 156 17.84 -6.52 -44.74
CA ALA E 156 16.78 -7.21 -44.00
C ALA E 156 16.47 -8.58 -44.54
N GLY E 157 15.87 -9.41 -43.70
CA GLY E 157 15.52 -10.75 -44.14
C GLY E 157 14.63 -11.50 -43.16
N GLY E 158 14.06 -12.62 -43.62
CA GLY E 158 13.19 -13.42 -42.78
C GLY E 158 11.74 -13.38 -43.21
N ASN E 159 10.90 -14.14 -42.50
CA ASN E 159 9.48 -14.19 -42.82
C ASN E 159 8.75 -14.19 -41.50
N PRO E 160 8.23 -13.03 -41.09
CA PRO E 160 8.34 -11.76 -41.81
C PRO E 160 9.74 -11.15 -41.82
N ALA E 161 10.02 -10.42 -42.89
CA ALA E 161 11.30 -9.75 -43.06
C ALA E 161 11.53 -8.70 -41.98
N ASN E 162 12.78 -8.57 -41.55
CA ASN E 162 13.13 -7.59 -40.53
C ASN E 162 14.47 -6.93 -40.87
N GLU E 163 14.67 -5.71 -40.39
CA GLU E 163 15.93 -5.05 -40.65
C GLU E 163 16.96 -5.72 -39.74
N ILE E 164 18.05 -6.20 -40.36
CA ILE E 164 19.09 -6.91 -39.62
C ILE E 164 20.21 -6.00 -39.13
N LYS E 165 20.60 -5.06 -39.97
CA LYS E 165 21.69 -4.15 -39.63
C LYS E 165 21.84 -3.22 -40.80
N GLN E 166 22.41 -2.04 -40.55
CA GLN E 166 22.65 -1.03 -41.57
C GLN E 166 23.83 -1.40 -42.44
N ARG E 167 23.76 -1.08 -43.73
CA ARG E 167 24.86 -1.39 -44.63
C ARG E 167 26.09 -0.53 -44.35
N PHE E 168 25.87 0.76 -44.08
CA PHE E 168 26.98 1.66 -43.78
C PHE E 168 26.66 2.59 -42.62
N ASP E 169 27.67 3.35 -42.19
CA ASP E 169 27.51 4.29 -41.08
C ASP E 169 26.50 5.33 -41.50
N GLN E 170 25.63 5.70 -40.56
CA GLN E 170 24.57 6.68 -40.81
C GLN E 170 25.06 7.90 -41.58
N ASP E 171 26.38 8.05 -41.62
CA ASP E 171 27.02 9.16 -42.30
C ASP E 171 27.10 8.94 -43.81
N THR E 172 27.74 7.84 -44.19
CA THR E 172 27.90 7.47 -45.58
C THR E 172 26.54 7.52 -46.26
N ILE E 173 25.52 7.05 -45.54
CA ILE E 173 24.16 6.99 -46.06
C ILE E 173 23.55 8.33 -46.48
N ASN E 174 23.52 9.30 -45.58
CA ASN E 174 22.93 10.60 -45.91
C ASN E 174 23.55 11.19 -47.14
N GLN E 175 24.86 11.09 -47.23
CA GLN E 175 25.56 11.62 -48.37
C GLN E 175 25.05 10.95 -49.63
N LEU E 176 25.10 9.62 -49.65
CA LEU E 176 24.65 8.85 -50.80
C LEU E 176 23.22 9.19 -51.21
N LEU E 177 22.38 9.49 -50.22
CA LEU E 177 21.00 9.85 -50.47
C LEU E 177 20.94 11.24 -51.08
N ASP E 178 21.98 12.02 -50.83
CA ASP E 178 22.03 13.36 -51.36
C ASP E 178 22.54 13.38 -52.79
N ILE E 179 23.65 12.68 -53.03
CA ILE E 179 24.26 12.59 -54.34
C ILE E 179 23.28 12.07 -55.40
N LYS E 180 22.62 10.96 -55.08
CA LYS E 180 21.66 10.34 -55.98
C LYS E 180 22.26 10.09 -57.34
N TRP E 181 23.39 9.39 -57.36
CA TRP E 181 24.06 9.09 -58.60
C TRP E 181 23.17 8.47 -59.69
N TRP E 182 22.22 7.62 -59.30
CA TRP E 182 21.33 6.96 -60.27
C TRP E 182 20.53 7.96 -61.09
N ASN E 183 20.52 9.21 -60.65
CA ASN E 183 19.75 10.22 -61.35
C ASN E 183 20.55 11.01 -62.37
N TRP E 184 21.84 10.74 -62.43
CA TRP E 184 22.72 11.42 -63.38
C TRP E 184 22.62 10.78 -64.73
N PRO E 185 22.81 11.57 -65.80
CA PRO E 185 22.73 11.02 -67.16
C PRO E 185 23.78 9.91 -67.23
N ILE E 186 23.43 8.78 -67.83
CA ILE E 186 24.40 7.71 -67.87
C ILE E 186 25.76 8.12 -68.44
N ASP E 187 25.78 9.09 -69.37
CA ASP E 187 27.04 9.57 -69.97
C ASP E 187 27.99 9.79 -68.83
N ILE E 188 27.49 10.55 -67.86
CA ILE E 188 28.26 10.89 -66.68
C ILE E 188 28.46 9.71 -65.74
N ILE E 189 27.44 8.87 -65.57
CA ILE E 189 27.60 7.70 -64.70
C ILE E 189 28.78 6.87 -65.20
N ASN E 190 28.77 6.59 -66.50
CA ASN E 190 29.79 5.80 -67.17
C ASN E 190 31.22 6.12 -66.77
N GLU E 191 31.47 7.34 -66.35
CA GLU E 191 32.80 7.74 -65.96
C GLU E 191 33.13 7.43 -64.52
N ASN E 192 32.14 7.12 -63.70
CA ASN E 192 32.44 6.84 -62.30
C ASN E 192 32.01 5.49 -61.79
N ILE E 193 31.67 4.60 -62.71
CA ILE E 193 31.23 3.27 -62.32
C ILE E 193 32.08 2.66 -61.21
N ASP E 194 33.36 2.97 -61.16
CA ASP E 194 34.18 2.40 -60.11
C ASP E 194 34.13 3.11 -58.78
N LYS E 195 33.84 4.40 -58.82
CA LYS E 195 33.74 5.16 -57.60
C LYS E 195 32.38 4.85 -56.96
N ILE E 196 31.48 4.34 -57.78
CA ILE E 196 30.14 3.98 -57.32
C ILE E 196 30.14 2.58 -56.70
N LEU E 197 31.00 1.72 -57.23
CA LEU E 197 31.10 0.34 -56.74
C LEU E 197 31.81 0.23 -55.42
N ASP E 198 32.70 1.17 -55.14
CA ASP E 198 33.46 1.15 -53.89
C ASP E 198 33.12 2.33 -52.98
N ASN E 199 32.06 3.04 -53.31
CA ASN E 199 31.59 4.17 -52.52
C ASN E 199 32.46 5.42 -52.47
N SER E 200 33.59 5.42 -53.16
CA SER E 200 34.47 6.58 -53.14
C SER E 200 33.74 7.81 -53.69
N ILE E 201 32.75 7.59 -54.55
CA ILE E 201 32.01 8.70 -55.13
C ILE E 201 31.55 9.69 -54.06
N ILE E 202 31.50 9.24 -52.82
CA ILE E 202 31.07 10.12 -51.75
C ILE E 202 32.09 11.24 -51.50
N ARG E 203 33.33 11.02 -51.92
CA ARG E 203 34.40 12.02 -51.76
C ARG E 203 34.32 12.99 -52.94
N GLU E 204 34.36 12.44 -54.14
CA GLU E 204 34.30 13.23 -55.36
C GLU E 204 33.30 14.37 -55.28
N VAL E 205 32.06 14.01 -54.96
CA VAL E 205 30.95 14.95 -54.88
C VAL E 205 31.17 16.26 -54.12
N ILE E 206 32.21 16.34 -53.28
CA ILE E 206 32.45 17.55 -52.51
C ILE E 206 33.81 18.21 -52.75
N MET F 1 24.71 -56.89 -47.31
CA MET F 1 23.28 -56.74 -46.95
C MET F 1 22.90 -55.26 -46.87
N GLY F 2 21.73 -54.94 -47.40
CA GLY F 2 21.28 -53.56 -47.43
C GLY F 2 21.32 -53.18 -48.90
N PRO F 3 21.06 -51.94 -49.28
CA PRO F 3 21.12 -51.65 -50.70
C PRO F 3 22.53 -51.40 -51.23
N ASN F 4 22.64 -51.03 -52.51
CA ASN F 4 23.93 -50.73 -53.15
C ASN F 4 24.12 -49.21 -53.18
N PRO F 5 25.00 -48.68 -52.32
CA PRO F 5 25.32 -47.25 -52.19
C PRO F 5 25.89 -46.60 -53.42
N MET F 6 26.20 -47.40 -54.42
CA MET F 6 26.76 -46.90 -55.67
C MET F 6 25.69 -46.77 -56.72
N LYS F 7 24.46 -47.09 -56.35
CA LYS F 7 23.35 -47.02 -57.28
C LYS F 7 22.57 -45.73 -57.20
N MET F 8 22.44 -45.07 -58.34
CA MET F 8 21.69 -43.84 -58.45
C MET F 8 20.30 -44.07 -57.87
N TYR F 9 19.71 -45.21 -58.24
CA TYR F 9 18.37 -45.61 -57.76
C TYR F 9 18.50 -46.92 -57.01
N PRO F 10 18.65 -46.85 -55.70
CA PRO F 10 18.79 -48.04 -54.85
C PRO F 10 17.56 -48.96 -54.90
N ILE F 11 16.37 -48.36 -54.87
CA ILE F 11 15.15 -49.15 -54.91
C ILE F 11 14.68 -49.51 -56.32
N GLU F 12 14.33 -50.79 -56.46
CA GLU F 12 13.85 -51.37 -57.71
C GLU F 12 12.64 -50.64 -58.23
N GLY F 13 12.65 -50.36 -59.53
CA GLY F 13 11.53 -49.67 -60.13
C GLY F 13 11.06 -48.44 -59.39
N ASN F 14 12.02 -47.65 -58.89
CA ASN F 14 11.71 -46.40 -58.19
C ASN F 14 12.71 -45.34 -58.62
N LYS F 15 12.22 -44.30 -59.30
CA LYS F 15 13.08 -43.23 -59.77
C LYS F 15 12.99 -42.00 -58.88
N SER F 16 12.15 -42.08 -57.84
CA SER F 16 11.99 -40.96 -56.93
C SER F 16 13.17 -40.87 -55.96
N VAL F 17 13.33 -41.91 -55.16
CA VAL F 17 14.42 -41.98 -54.20
C VAL F 17 15.75 -42.21 -54.90
N GLN F 18 16.74 -41.39 -54.56
CA GLN F 18 18.06 -41.53 -55.17
C GLN F 18 19.17 -41.32 -54.14
N PHE F 19 20.26 -42.06 -54.31
CA PHE F 19 21.41 -41.96 -53.43
C PHE F 19 22.24 -40.82 -54.01
N ILE F 20 22.56 -39.84 -53.17
CA ILE F 20 23.30 -38.67 -53.59
C ILE F 20 24.73 -38.88 -54.12
N LYS F 21 25.56 -39.59 -53.35
CA LYS F 21 26.96 -39.84 -53.71
C LYS F 21 27.26 -40.21 -55.17
N PRO F 22 26.58 -41.25 -55.72
CA PRO F 22 26.80 -41.67 -57.11
C PRO F 22 26.59 -40.54 -58.11
N ILE F 23 25.54 -39.78 -57.91
CA ILE F 23 25.21 -38.67 -58.80
C ILE F 23 26.15 -37.47 -58.72
N LEU F 24 26.58 -37.11 -57.50
CA LEU F 24 27.46 -35.94 -57.33
C LEU F 24 28.93 -36.26 -57.28
N GLU F 25 29.34 -37.41 -57.81
CA GLU F 25 30.75 -37.75 -57.77
C GLU F 25 31.51 -37.19 -58.95
N LYS F 26 30.78 -36.84 -60.00
CA LYS F 26 31.40 -36.27 -61.19
C LYS F 26 31.84 -34.89 -60.79
N LEU F 27 30.95 -34.17 -60.09
CA LEU F 27 31.21 -32.81 -59.64
C LEU F 27 32.46 -32.60 -58.80
N GLU F 28 32.99 -31.40 -58.90
CA GLU F 28 34.21 -30.98 -58.24
C GLU F 28 33.81 -30.10 -57.04
N ASN F 29 34.61 -30.14 -55.99
CA ASN F 29 34.33 -29.36 -54.79
C ASN F 29 33.03 -29.81 -54.11
N VAL F 30 32.83 -31.13 -54.10
CA VAL F 30 31.66 -31.74 -53.48
C VAL F 30 32.10 -33.08 -52.89
N GLU F 31 31.64 -33.37 -51.68
CA GLU F 31 31.97 -34.61 -50.96
C GLU F 31 30.70 -35.16 -50.31
N VAL F 32 30.26 -36.34 -50.74
CA VAL F 32 29.04 -36.91 -50.21
C VAL F 32 29.16 -38.26 -49.51
N GLY F 33 28.51 -38.37 -48.35
CA GLY F 33 28.53 -39.60 -47.58
C GLY F 33 27.83 -40.76 -48.25
N GLU F 34 28.22 -41.99 -47.92
CA GLU F 34 27.67 -43.17 -48.55
C GLU F 34 26.17 -43.36 -48.68
N TYR F 35 25.46 -43.59 -47.58
CA TYR F 35 24.04 -43.87 -47.72
C TYR F 35 23.03 -42.73 -47.75
N SER F 36 23.49 -41.50 -47.80
CA SER F 36 22.57 -40.37 -47.83
C SER F 36 21.70 -40.40 -49.07
N TYR F 37 20.40 -40.18 -48.88
CA TYR F 37 19.47 -40.21 -50.00
C TYR F 37 18.67 -38.92 -50.17
N TYR F 38 18.10 -38.74 -51.37
CA TYR F 38 17.27 -37.57 -51.67
C TYR F 38 15.94 -38.03 -52.23
N ASP F 39 14.85 -37.58 -51.61
CA ASP F 39 13.50 -37.93 -52.05
C ASP F 39 13.03 -36.90 -53.08
N SER F 40 13.33 -37.18 -54.35
CA SER F 40 12.98 -36.30 -55.48
C SER F 40 11.53 -35.79 -55.53
N LYS F 41 11.39 -34.48 -55.63
CA LYS F 41 10.07 -33.84 -55.67
C LYS F 41 9.36 -34.01 -57.00
N ASN F 42 10.12 -33.98 -58.09
CA ASN F 42 9.55 -34.09 -59.43
C ASN F 42 10.33 -34.96 -60.39
N GLY F 43 11.09 -35.90 -59.85
CA GLY F 43 11.87 -36.78 -60.71
C GLY F 43 13.20 -36.16 -61.10
N GLU F 44 13.44 -34.94 -60.64
CA GLU F 44 14.69 -34.29 -60.96
C GLU F 44 15.77 -34.93 -60.12
N THR F 45 17.03 -34.80 -60.55
CA THR F 45 18.14 -35.37 -59.80
C THR F 45 18.63 -34.28 -58.85
N PHE F 46 19.28 -34.69 -57.75
CA PHE F 46 19.75 -33.75 -56.77
C PHE F 46 20.78 -32.72 -57.20
N ASP F 47 21.50 -33.00 -58.27
CA ASP F 47 22.50 -32.05 -58.75
C ASP F 47 21.83 -30.74 -59.20
N LYS F 48 20.56 -30.81 -59.53
CA LYS F 48 19.85 -29.62 -59.97
C LYS F 48 19.54 -28.72 -58.79
N GLN F 49 19.58 -29.27 -57.59
CA GLN F 49 19.26 -28.54 -56.38
C GLN F 49 20.36 -27.70 -55.77
N ILE F 50 21.59 -27.84 -56.24
CA ILE F 50 22.70 -27.05 -55.71
C ILE F 50 22.92 -25.84 -56.61
N LEU F 51 22.65 -24.64 -56.11
CA LEU F 51 22.79 -23.45 -56.96
C LEU F 51 24.02 -22.57 -56.83
N TYR F 52 24.36 -21.89 -57.92
CA TYR F 52 25.49 -20.96 -57.93
C TYR F 52 26.79 -21.50 -57.37
N HIS F 53 27.20 -22.67 -57.83
CA HIS F 53 28.44 -23.27 -57.35
C HIS F 53 29.48 -23.22 -58.45
N TYR F 54 30.40 -22.26 -58.33
CA TYR F 54 31.44 -22.11 -59.34
C TYR F 54 32.75 -22.61 -58.77
N PRO F 55 33.44 -23.51 -59.49
CA PRO F 55 34.71 -24.03 -59.00
C PRO F 55 35.71 -22.93 -58.63
N ILE F 56 35.74 -21.85 -59.39
CA ILE F 56 36.67 -20.76 -59.13
C ILE F 56 36.59 -20.15 -57.74
N LEU F 57 35.38 -20.01 -57.21
CA LEU F 57 35.20 -19.43 -55.88
C LEU F 57 35.78 -20.32 -54.77
N ASN F 58 36.08 -21.57 -55.13
CA ASN F 58 36.68 -22.53 -54.22
C ASN F 58 35.91 -22.94 -52.95
N ASP F 59 34.61 -22.70 -52.93
CA ASP F 59 33.79 -23.08 -51.78
C ASP F 59 33.40 -24.54 -52.01
N LYS F 60 33.39 -25.33 -50.95
CA LYS F 60 33.05 -26.74 -51.05
C LYS F 60 31.77 -27.11 -50.32
N LEU F 61 31.20 -28.24 -50.73
CA LEU F 61 29.98 -28.75 -50.13
C LEU F 61 30.21 -30.16 -49.62
N LYS F 62 29.91 -30.39 -48.34
CA LYS F 62 30.11 -31.71 -47.77
C LYS F 62 28.87 -32.19 -47.04
N ILE F 63 28.47 -33.41 -47.37
CA ILE F 63 27.30 -34.02 -46.75
C ILE F 63 27.72 -35.34 -46.14
N GLY F 64 27.35 -35.57 -44.89
CA GLY F 64 27.71 -36.80 -44.21
C GLY F 64 27.03 -38.05 -44.73
N LYS F 65 27.08 -39.13 -43.96
CA LYS F 65 26.45 -40.39 -44.37
C LYS F 65 25.11 -40.53 -43.69
N PHE F 66 24.21 -41.29 -44.31
CA PHE F 66 22.92 -41.54 -43.73
C PHE F 66 22.10 -40.30 -43.46
N CYS F 67 22.05 -39.43 -44.47
CA CYS F 67 21.27 -38.20 -44.37
C CYS F 67 20.02 -38.42 -45.19
N SER F 68 18.90 -37.91 -44.69
CA SER F 68 17.62 -38.01 -45.38
C SER F 68 17.29 -36.61 -45.83
N ILE F 69 17.30 -36.40 -47.14
CA ILE F 69 17.01 -35.10 -47.67
C ILE F 69 15.62 -34.99 -48.30
N GLY F 70 14.85 -34.03 -47.79
CA GLY F 70 13.50 -33.81 -48.24
C GLY F 70 13.45 -33.28 -49.66
N PRO F 71 12.31 -33.41 -50.33
CA PRO F 71 12.20 -32.93 -51.70
C PRO F 71 12.21 -31.41 -51.75
N GLY F 72 12.80 -30.87 -52.79
CA GLY F 72 12.85 -29.43 -52.95
C GLY F 72 13.92 -28.75 -52.12
N VAL F 73 14.63 -29.52 -51.30
CA VAL F 73 15.66 -28.88 -50.50
C VAL F 73 16.64 -28.21 -51.45
N THR F 74 17.04 -26.99 -51.12
CA THR F 74 17.94 -26.25 -51.97
C THR F 74 19.16 -25.76 -51.24
N ILE F 75 20.31 -25.92 -51.89
CA ILE F 75 21.58 -25.48 -51.32
C ILE F 75 22.20 -24.37 -52.16
N ILE F 76 22.45 -23.24 -51.53
CA ILE F 76 23.02 -22.09 -52.22
C ILE F 76 24.46 -21.85 -51.85
N MET F 77 25.34 -21.94 -52.84
CA MET F 77 26.77 -21.72 -52.63
C MET F 77 27.08 -20.25 -52.89
N ASN F 78 28.33 -19.86 -52.72
CA ASN F 78 28.72 -18.45 -52.88
C ASN F 78 28.68 -17.78 -54.24
N GLY F 79 28.25 -18.49 -55.28
CA GLY F 79 28.23 -17.91 -56.61
C GLY F 79 27.21 -16.84 -56.89
N ALA F 80 26.44 -16.46 -55.87
CA ALA F 80 25.40 -15.46 -56.03
C ALA F 80 25.58 -14.23 -55.14
N ASN F 81 26.72 -14.15 -54.47
CA ASN F 81 26.97 -13.01 -53.61
C ASN F 81 27.37 -11.84 -54.50
N HIS F 82 26.62 -10.75 -54.40
CA HIS F 82 26.90 -9.57 -55.18
C HIS F 82 28.01 -8.84 -54.46
N ARG F 83 28.69 -7.95 -55.17
CA ARG F 83 29.75 -7.17 -54.55
C ARG F 83 28.98 -6.10 -53.75
N MET F 84 29.26 -5.95 -52.47
CA MET F 84 28.49 -4.98 -51.70
C MET F 84 29.23 -3.93 -50.87
N ASP F 85 30.45 -3.58 -51.25
CA ASP F 85 31.15 -2.53 -50.50
C ASP F 85 30.65 -1.20 -51.04
N GLY F 86 29.82 -1.28 -52.07
CA GLY F 86 29.25 -0.08 -52.67
C GLY F 86 27.91 -0.41 -53.27
N SER F 87 27.75 -0.16 -54.55
CA SER F 87 26.49 -0.45 -55.21
C SER F 87 26.46 -1.93 -55.56
N THR F 88 25.33 -2.58 -55.28
CA THR F 88 25.21 -3.99 -55.55
C THR F 88 24.92 -4.26 -57.04
N TYR F 89 24.84 -3.21 -57.84
CA TYR F 89 24.56 -3.41 -59.26
C TYR F 89 25.75 -4.09 -59.94
N PRO F 90 25.51 -5.16 -60.72
CA PRO F 90 26.55 -5.90 -61.43
C PRO F 90 26.78 -5.39 -62.86
N PHE F 91 27.25 -4.16 -63.00
CA PHE F 91 27.52 -3.55 -64.30
C PHE F 91 28.25 -4.47 -65.28
N ASN F 92 29.38 -4.97 -64.85
CA ASN F 92 30.21 -5.86 -65.65
C ASN F 92 29.41 -6.94 -66.40
N LEU F 93 28.32 -7.36 -65.79
CA LEU F 93 27.47 -8.39 -66.38
C LEU F 93 26.92 -8.00 -67.76
N PHE F 94 26.82 -6.71 -68.06
CA PHE F 94 26.26 -6.29 -69.34
C PHE F 94 27.21 -5.97 -70.47
N GLY F 95 28.51 -6.12 -70.24
CA GLY F 95 29.49 -5.83 -71.28
C GLY F 95 29.24 -4.49 -71.93
N ASN F 96 29.27 -4.44 -73.27
CA ASN F 96 29.05 -3.21 -74.02
C ASN F 96 29.96 -2.10 -73.49
N GLY F 97 31.08 -2.49 -72.90
CA GLY F 97 32.04 -1.54 -72.36
C GLY F 97 32.17 -1.58 -70.84
N TRP F 98 31.23 -2.26 -70.18
CA TRP F 98 31.19 -2.36 -68.73
C TRP F 98 31.94 -3.57 -68.20
N GLU F 99 32.43 -4.41 -69.11
CA GLU F 99 33.17 -5.60 -68.71
C GLU F 99 34.32 -5.25 -67.79
N LYS F 100 34.98 -4.13 -68.05
CA LYS F 100 36.12 -3.71 -67.27
C LYS F 100 35.90 -3.59 -65.79
N HIS F 101 34.65 -3.61 -65.36
CA HIS F 101 34.42 -3.48 -63.93
C HIS F 101 34.31 -4.81 -63.23
N MET F 102 34.91 -5.83 -63.82
CA MET F 102 34.90 -7.14 -63.22
C MET F 102 35.51 -6.98 -61.83
N PRO F 103 34.89 -7.57 -60.79
CA PRO F 103 35.43 -7.45 -59.43
C PRO F 103 36.48 -8.48 -59.06
N LYS F 104 37.52 -8.04 -58.36
CA LYS F 104 38.59 -8.93 -57.92
C LYS F 104 38.01 -10.09 -57.11
N LEU F 105 38.75 -11.18 -57.02
CA LEU F 105 38.29 -12.33 -56.25
C LEU F 105 37.97 -11.95 -54.82
N ASP F 106 38.96 -11.32 -54.16
CA ASP F 106 38.85 -10.88 -52.78
C ASP F 106 37.84 -9.79 -52.59
N GLN F 107 37.17 -9.41 -53.66
CA GLN F 107 36.16 -8.37 -53.57
C GLN F 107 34.78 -9.01 -53.41
N LEU F 108 34.67 -10.30 -53.77
CA LEU F 108 33.41 -11.00 -53.68
C LEU F 108 33.26 -11.65 -52.31
N PRO F 109 32.16 -11.34 -51.62
CA PRO F 109 31.83 -11.87 -50.30
C PRO F 109 31.74 -13.38 -50.30
N ILE F 110 32.66 -14.04 -49.63
CA ILE F 110 32.61 -15.48 -49.59
C ILE F 110 32.48 -15.85 -48.14
N LYS F 111 31.41 -16.57 -47.83
CA LYS F 111 31.15 -16.96 -46.46
C LYS F 111 31.73 -18.29 -46.05
N GLY F 112 32.35 -18.99 -46.99
CA GLY F 112 32.93 -20.28 -46.65
C GLY F 112 32.18 -21.50 -47.16
N ASP F 113 32.59 -22.67 -46.69
CA ASP F 113 32.00 -23.95 -47.09
C ASP F 113 30.71 -24.23 -46.37
N THR F 114 29.89 -25.07 -47.00
CA THR F 114 28.62 -25.49 -46.45
C THR F 114 28.92 -26.91 -46.00
N ILE F 115 28.70 -27.20 -44.72
CA ILE F 115 28.99 -28.52 -44.22
C ILE F 115 27.81 -29.13 -43.47
N ILE F 116 27.28 -30.20 -44.02
CA ILE F 116 26.16 -30.89 -43.39
C ILE F 116 26.69 -32.19 -42.84
N GLY F 117 26.49 -32.39 -41.54
CA GLY F 117 26.97 -33.58 -40.85
C GLY F 117 26.35 -34.91 -41.26
N ASN F 118 26.50 -35.92 -40.39
CA ASN F 118 25.96 -37.25 -40.64
C ASN F 118 24.62 -37.45 -39.93
N ASP F 119 23.80 -38.38 -40.42
CA ASP F 119 22.50 -38.65 -39.80
C ASP F 119 21.67 -37.36 -39.61
N VAL F 120 21.77 -36.45 -40.58
CA VAL F 120 21.01 -35.20 -40.53
C VAL F 120 19.75 -35.41 -41.35
N TRP F 121 18.61 -34.94 -40.87
CA TRP F 121 17.38 -35.08 -41.62
C TRP F 121 16.89 -33.68 -41.98
N ILE F 122 16.71 -33.45 -43.28
CA ILE F 122 16.28 -32.15 -43.73
C ILE F 122 14.90 -32.22 -44.36
N GLY F 123 14.02 -31.37 -43.83
CA GLY F 123 12.65 -31.32 -44.29
C GLY F 123 12.51 -30.85 -45.71
N LYS F 124 11.30 -30.97 -46.22
CA LYS F 124 11.01 -30.55 -47.57
C LYS F 124 11.19 -29.03 -47.73
N ASP F 125 11.53 -28.65 -48.96
CA ASP F 125 11.73 -27.26 -49.33
C ASP F 125 12.50 -26.40 -48.35
N VAL F 126 13.60 -26.93 -47.83
CA VAL F 126 14.44 -26.19 -46.91
C VAL F 126 15.53 -25.53 -47.74
N VAL F 127 15.82 -24.27 -47.46
CA VAL F 127 16.84 -23.51 -48.18
C VAL F 127 18.06 -23.34 -47.29
N ILE F 128 19.22 -23.74 -47.80
CA ILE F 128 20.43 -23.61 -46.99
C ILE F 128 21.34 -22.56 -47.61
N MET F 129 21.59 -21.50 -46.84
CA MET F 129 22.41 -20.41 -47.33
C MET F 129 23.89 -20.78 -47.37
N PRO F 130 24.71 -19.95 -48.01
CA PRO F 130 26.15 -20.19 -48.11
C PRO F 130 26.86 -20.29 -46.77
N GLY F 131 27.95 -21.05 -46.74
CA GLY F 131 28.76 -21.22 -45.54
C GLY F 131 28.09 -21.62 -44.24
N VAL F 132 27.03 -22.40 -44.32
CA VAL F 132 26.35 -22.81 -43.11
C VAL F 132 26.84 -24.20 -42.73
N LYS F 133 26.82 -24.51 -41.45
CA LYS F 133 27.28 -25.80 -40.97
C LYS F 133 26.21 -26.46 -40.11
N ILE F 134 25.84 -27.69 -40.44
CA ILE F 134 24.83 -28.40 -39.66
C ILE F 134 25.41 -29.63 -38.99
N GLY F 135 25.29 -29.68 -37.65
CA GLY F 135 25.85 -30.80 -36.89
C GLY F 135 25.18 -32.13 -37.11
N ASP F 136 25.77 -33.19 -36.56
CA ASP F 136 25.19 -34.51 -36.73
C ASP F 136 23.86 -34.71 -36.01
N GLY F 137 23.06 -35.65 -36.50
CA GLY F 137 21.78 -35.96 -35.89
C GLY F 137 20.81 -34.81 -35.83
N ALA F 138 21.18 -33.69 -36.46
CA ALA F 138 20.33 -32.52 -36.47
C ALA F 138 19.10 -32.75 -37.34
N ILE F 139 18.02 -32.07 -37.00
CA ILE F 139 16.78 -32.17 -37.74
C ILE F 139 16.39 -30.75 -38.13
N VAL F 140 16.16 -30.52 -39.42
CA VAL F 140 15.74 -29.21 -39.90
C VAL F 140 14.29 -29.37 -40.33
N ALA F 141 13.41 -28.50 -39.84
CA ALA F 141 11.98 -28.58 -40.15
C ALA F 141 11.65 -28.09 -41.55
N ALA F 142 10.67 -28.74 -42.17
CA ALA F 142 10.25 -28.40 -43.52
C ALA F 142 10.12 -26.90 -43.66
N ASN F 143 10.36 -26.41 -44.87
CA ASN F 143 10.25 -24.98 -45.19
C ASN F 143 11.02 -24.02 -44.28
N SER F 144 12.27 -24.37 -44.00
CA SER F 144 13.13 -23.54 -43.17
C SER F 144 14.19 -22.93 -44.06
N VAL F 145 14.75 -21.81 -43.64
CA VAL F 145 15.83 -21.19 -44.39
C VAL F 145 16.96 -21.05 -43.38
N VAL F 146 17.99 -21.88 -43.54
CA VAL F 146 19.11 -21.89 -42.62
C VAL F 146 20.14 -20.86 -43.01
N VAL F 147 20.34 -19.87 -42.14
CA VAL F 147 21.29 -18.81 -42.41
C VAL F 147 22.46 -18.80 -41.41
N LYS F 148 22.42 -19.68 -40.41
CA LYS F 148 23.49 -19.77 -39.43
C LYS F 148 23.60 -21.19 -38.90
N ASP F 149 24.81 -21.59 -38.53
CA ASP F 149 25.10 -22.93 -38.04
C ASP F 149 24.11 -23.53 -37.05
N ILE F 150 23.91 -24.85 -37.16
CA ILE F 150 23.02 -25.58 -36.28
C ILE F 150 23.74 -26.73 -35.56
N ALA F 151 23.72 -26.66 -34.23
CA ALA F 151 24.39 -27.65 -33.41
C ALA F 151 23.90 -29.09 -33.59
N PRO F 152 24.77 -30.08 -33.31
CA PRO F 152 24.47 -31.51 -33.44
C PRO F 152 23.30 -31.97 -32.57
N TYR F 153 22.48 -32.85 -33.15
CA TYR F 153 21.31 -33.40 -32.48
C TYR F 153 20.38 -32.31 -31.99
N MET F 154 20.42 -31.16 -32.66
CA MET F 154 19.56 -30.04 -32.32
C MET F 154 18.36 -30.06 -33.27
N LEU F 155 17.25 -29.49 -32.83
CA LEU F 155 16.06 -29.41 -33.68
C LEU F 155 15.86 -27.93 -34.02
N ALA F 156 15.70 -27.63 -35.31
CA ALA F 156 15.55 -26.24 -35.73
C ALA F 156 14.51 -25.99 -36.83
N GLY F 157 14.23 -24.71 -37.07
CA GLY F 157 13.27 -24.39 -38.11
C GLY F 157 12.91 -22.91 -38.17
N GLY F 158 12.14 -22.55 -39.19
CA GLY F 158 11.71 -21.17 -39.35
C GLY F 158 12.53 -20.40 -40.35
N ASN F 159 12.23 -19.12 -40.50
CA ASN F 159 12.94 -18.26 -41.42
C ASN F 159 13.07 -16.86 -40.82
N PRO F 160 14.24 -16.53 -40.28
CA PRO F 160 15.41 -17.42 -40.22
C PRO F 160 15.21 -18.63 -39.30
N ALA F 161 15.94 -19.70 -39.59
CA ALA F 161 15.83 -20.91 -38.81
C ALA F 161 16.55 -20.74 -37.48
N ASN F 162 15.95 -21.31 -36.44
CA ASN F 162 16.54 -21.22 -35.12
C ASN F 162 16.45 -22.56 -34.45
N GLU F 163 17.31 -22.76 -33.47
CA GLU F 163 17.32 -24.01 -32.73
C GLU F 163 16.18 -23.91 -31.75
N ILE F 164 15.31 -24.91 -31.76
CA ILE F 164 14.18 -24.92 -30.87
C ILE F 164 14.51 -25.69 -29.60
N LYS F 165 15.27 -26.78 -29.75
CA LYS F 165 15.63 -27.57 -28.60
C LYS F 165 16.60 -28.71 -28.83
N GLN F 166 16.87 -29.43 -27.75
CA GLN F 166 17.78 -30.56 -27.77
C GLN F 166 17.06 -31.87 -27.95
N ARG F 167 17.48 -32.67 -28.93
CA ARG F 167 16.84 -33.95 -29.15
C ARG F 167 16.99 -34.87 -27.94
N PHE F 168 18.19 -34.89 -27.36
CA PHE F 168 18.44 -35.72 -26.19
C PHE F 168 19.26 -34.93 -25.16
N ASP F 169 19.52 -35.57 -24.02
CA ASP F 169 20.30 -34.94 -22.95
C ASP F 169 21.74 -34.71 -23.44
N GLN F 170 22.41 -33.74 -22.85
CA GLN F 170 23.78 -33.45 -23.25
C GLN F 170 24.65 -34.70 -23.29
N ASP F 171 24.40 -35.61 -22.35
CA ASP F 171 25.17 -36.85 -22.24
C ASP F 171 25.03 -37.78 -23.43
N THR F 172 23.80 -38.18 -23.70
CA THR F 172 23.51 -39.06 -24.82
C THR F 172 24.13 -38.46 -26.08
N ILE F 173 24.00 -37.15 -26.23
CA ILE F 173 24.55 -36.44 -27.36
C ILE F 173 26.07 -36.64 -27.43
N ASN F 174 26.73 -36.50 -26.29
CA ASN F 174 28.18 -36.67 -26.24
C ASN F 174 28.60 -38.04 -26.70
N GLN F 175 28.03 -39.06 -26.06
CA GLN F 175 28.31 -40.45 -26.39
C GLN F 175 28.19 -40.70 -27.89
N LEU F 176 27.05 -40.31 -28.45
CA LEU F 176 26.78 -40.48 -29.87
C LEU F 176 27.91 -39.89 -30.71
N LEU F 177 28.27 -38.65 -30.41
CA LEU F 177 29.33 -37.99 -31.14
C LEU F 177 30.61 -38.77 -31.00
N ASP F 178 30.82 -39.35 -29.83
CA ASP F 178 32.02 -40.14 -29.64
C ASP F 178 31.91 -41.50 -30.35
N ILE F 179 30.73 -42.12 -30.29
CA ILE F 179 30.51 -43.40 -30.92
C ILE F 179 30.63 -43.30 -32.45
N LYS F 180 29.94 -42.33 -33.04
CA LYS F 180 29.99 -42.16 -34.49
C LYS F 180 29.72 -43.49 -35.16
N TRP F 181 28.56 -44.07 -34.84
CA TRP F 181 28.20 -45.36 -35.41
C TRP F 181 28.20 -45.39 -36.93
N TRP F 182 28.22 -44.22 -37.57
CA TRP F 182 28.19 -44.14 -39.02
C TRP F 182 29.50 -44.45 -39.72
N ASN F 183 30.55 -44.70 -38.93
CA ASN F 183 31.85 -45.00 -39.52
C ASN F 183 32.16 -46.47 -39.31
N TRP F 184 31.26 -47.16 -38.64
CA TRP F 184 31.47 -48.56 -38.39
C TRP F 184 31.38 -49.43 -39.62
N PRO F 185 32.28 -50.41 -39.71
CA PRO F 185 32.27 -51.33 -40.84
C PRO F 185 30.82 -51.73 -41.02
N ILE F 186 30.26 -51.43 -42.18
CA ILE F 186 28.87 -51.74 -42.47
C ILE F 186 28.44 -53.03 -41.76
N ASP F 187 29.08 -54.14 -42.12
CA ASP F 187 28.78 -55.45 -41.52
C ASP F 187 28.34 -55.32 -40.08
N ILE F 188 29.00 -54.41 -39.35
CA ILE F 188 28.69 -54.16 -37.95
C ILE F 188 27.40 -53.38 -37.81
N ILE F 189 27.28 -52.28 -38.57
CA ILE F 189 26.09 -51.44 -38.54
C ILE F 189 24.84 -52.26 -38.82
N ASN F 190 24.98 -53.19 -39.77
CA ASN F 190 23.90 -54.07 -40.20
C ASN F 190 23.29 -54.90 -39.08
N GLU F 191 24.09 -55.21 -38.06
CA GLU F 191 23.58 -56.01 -36.96
C GLU F 191 23.37 -55.17 -35.73
N ASN F 192 23.02 -53.91 -35.93
CA ASN F 192 22.78 -53.04 -34.81
C ASN F 192 21.72 -52.05 -35.19
N ILE F 193 21.31 -52.09 -36.45
CA ILE F 193 20.29 -51.19 -36.95
C ILE F 193 19.20 -51.03 -35.92
N ASP F 194 18.83 -52.12 -35.27
CA ASP F 194 17.77 -52.05 -34.28
C ASP F 194 18.14 -51.24 -33.06
N LYS F 195 19.40 -51.34 -32.65
CA LYS F 195 19.91 -50.59 -31.50
C LYS F 195 20.28 -49.18 -31.90
N ILE F 196 20.41 -48.96 -33.20
CA ILE F 196 20.76 -47.64 -33.70
C ILE F 196 19.48 -46.83 -33.86
N LEU F 197 18.38 -47.53 -34.07
CA LEU F 197 17.10 -46.87 -34.25
C LEU F 197 16.41 -46.49 -32.96
N ASP F 198 16.84 -47.05 -31.83
CA ASP F 198 16.22 -46.69 -30.56
C ASP F 198 17.20 -46.02 -29.60
N ASN F 199 18.40 -45.77 -30.09
CA ASN F 199 19.41 -45.11 -29.28
C ASN F 199 20.02 -45.96 -28.15
N SER F 200 19.67 -47.24 -28.08
CA SER F 200 20.20 -48.13 -27.05
C SER F 200 21.64 -48.53 -27.34
N ILE F 201 22.15 -48.11 -28.49
CA ILE F 201 23.51 -48.41 -28.89
C ILE F 201 24.56 -47.83 -27.94
N ILE F 202 24.17 -46.77 -27.21
CA ILE F 202 25.09 -46.11 -26.27
C ILE F 202 25.43 -47.05 -25.12
N ARG F 203 24.69 -48.15 -24.99
CA ARG F 203 24.95 -49.11 -23.92
C ARG F 203 25.60 -50.39 -24.40
N GLU F 204 25.93 -50.46 -25.69
CA GLU F 204 26.56 -51.64 -26.27
C GLU F 204 27.91 -51.28 -26.86
N VAL F 205 28.29 -50.03 -26.67
CA VAL F 205 29.55 -49.53 -27.18
C VAL F 205 30.46 -49.19 -26.01
N ILE F 206 29.92 -48.43 -25.05
CA ILE F 206 30.68 -48.04 -23.86
C ILE F 206 32.19 -48.20 -24.07
N1A ACO G . -17.17 27.83 43.25
C2A ACO G . -18.45 28.36 43.07
N3A ACO G . -18.81 29.60 43.15
C4A ACO G . -17.75 30.43 43.42
C5A ACO G . -16.42 30.10 43.62
C6A ACO G . -16.12 28.69 43.50
N6A ACO G . -14.90 28.19 43.66
N7A ACO G . -15.68 31.24 43.86
C8A ACO G . -16.59 32.27 43.82
N9A ACO G . -17.81 31.79 43.56
C1B ACO G . -19.14 32.40 43.40
C2B ACO G . -19.40 33.57 44.35
O2B ACO G . -19.80 33.09 45.64
C3B ACO G . -20.46 34.36 43.62
O3B ACO G . -21.83 33.92 43.96
P3B ACO G . -23.18 34.56 43.38
O7A ACO G . -23.07 34.72 41.88
O8A ACO G . -23.48 35.86 44.06
O9A ACO G . -24.33 33.72 43.64
C4B ACO G . -20.08 34.12 42.14
O4B ACO G . -19.26 32.92 42.12
C5B ACO G . -19.26 35.25 41.50
O5B ACO G . -17.99 35.45 42.20
P1A ACO G . -17.25 36.87 42.00
O1A ACO G . -16.45 37.23 43.19
O2A ACO G . -18.23 37.96 41.91
O3A ACO G . -16.47 36.72 40.61
P2A ACO G . -14.97 37.02 40.04
O4A ACO G . -14.23 37.98 40.80
O5A ACO G . -14.97 37.79 38.82
O6A ACO G . -14.40 35.41 40.04
CBP ACO G . -13.52 35.10 41.20
CCP ACO G . -12.27 34.25 40.79
CDP ACO G . -12.65 32.94 40.19
CEP ACO G . -11.46 34.96 39.70
CAP ACO G . -11.40 34.06 42.13
OAP ACO G . -12.25 33.43 43.14
C9P ACO G . -10.19 33.12 42.05
O9P ACO G . -10.41 31.93 42.27
N8P ACO G . -8.95 33.56 41.81
C7P ACO G . -7.93 32.38 41.83
C6P ACO G . -6.49 32.45 41.31
C5P ACO G . -5.34 31.85 42.22
O5P ACO G . -5.55 31.11 43.25
N4P ACO G . -4.17 32.24 41.62
C3P ACO G . -2.64 32.10 41.86
C2P ACO G . -2.02 33.42 41.25
S1P ACO G . -1.13 33.53 39.52
C ACO G . -1.52 32.04 38.52
O ACO G . -2.77 31.77 38.23
CH3 ACO G . -0.39 31.11 38.01
N1A ACO H . -20.24 20.90 54.29
C2A ACO H . -21.62 20.68 54.27
N3A ACO H . -22.32 19.97 55.09
C4A ACO H . -21.55 19.43 56.09
C5A ACO H . -20.19 19.53 56.28
C6A ACO H . -19.50 20.35 55.31
N6A ACO H . -18.18 20.55 55.33
N7A ACO H . -19.81 18.83 57.42
C8A ACO H . -20.97 18.27 57.90
N9A ACO H . -22.00 18.64 57.09
C1B ACO H . -23.45 18.36 57.12
C2B ACO H . -23.81 16.95 57.56
O2B ACO H . -23.67 16.02 56.48
C3B ACO H . -25.22 17.10 58.08
O3B ACO H . -26.23 16.92 57.01
P3B ACO H . -27.82 16.99 57.23
O7A ACO H . -28.17 18.21 58.03
O8A ACO H . -28.32 15.73 57.87
O9A ACO H . -28.52 17.08 55.96
C4B ACO H . -25.19 18.53 58.67
O4B ACO H . -24.08 19.20 58.03
C5B ACO H . -24.97 18.60 60.18
O5B ACO H . -23.70 18.00 60.56
P1A ACO H . -23.54 17.54 62.10
O1A ACO H . -22.60 16.41 62.24
O2A ACO H . -24.79 17.01 62.62
O3A ACO H . -23.16 18.89 62.88
P2A ACO H . -22.04 19.36 63.98
O4A ACO H . -21.48 18.25 64.73
O5A ACO H . -22.61 20.04 65.11
O6A ACO H . -21.02 20.20 62.90
CBP ACO H . -19.81 19.43 62.53
CCP ACO H . -18.51 20.30 62.53
CDP ACO H . -18.58 21.42 61.56
CEP ACO H . -18.29 20.96 63.90
CAP ACO H . -17.30 19.29 62.16
OAP ACO H . -17.61 18.66 60.86
C9P ACO H . -15.91 19.93 61.93
O9P ACO H . -15.67 20.31 60.79
N8P ACO H . -14.99 20.03 62.91
C7P ACO H . -13.68 20.67 62.35
C6P ACO H . -12.54 21.22 63.22
C5P ACO H . -11.05 20.83 62.82
O5P ACO H . -10.73 20.27 61.70
N4P ACO H . -10.27 21.25 63.87
C3P ACO H . -8.78 21.24 64.27
C2P ACO H . -8.80 21.17 65.86
S1P ACO H . -8.49 22.69 67.03
C ACO H . -8.73 24.26 66.11
O ACO H . -9.74 24.36 65.27
CH3 ACO H . -7.75 25.45 66.32
N1A ACO I . -18.16 14.81 42.81
C2A ACO I . -19.35 14.85 42.08
N3A ACO I . -19.54 14.43 40.86
C4A ACO I . -18.40 13.89 40.31
C5A ACO I . -17.15 13.77 40.86
C6A ACO I . -17.04 14.25 42.23
N6A ACO I . -15.90 14.21 42.91
N7A ACO I . -16.28 13.16 39.96
C8A ACO I . -17.03 12.94 38.84
N9A ACO I . -18.31 13.39 39.05
C1B ACO I . -19.52 13.41 38.23
C2B ACO I . -19.28 13.69 36.75
O2B ACO I . -19.13 15.12 36.53
C3B ACO I . -20.48 13.08 36.09
O3B ACO I . -21.60 14.03 35.97
P3B ACO I . -23.03 13.70 35.29
O7A ACO I . -23.54 12.38 35.79
O8A ACO I . -22.91 13.73 33.80
O9A ACO I . -24.02 14.71 35.62
C4B ACO I . -20.77 11.87 36.99
O4B ACO I . -20.13 12.16 38.27
C5B ACO I . -20.21 10.54 36.48
O5B ACO I . -18.76 10.58 36.35
P1A ACO I . -18.07 9.49 35.39
O1A ACO I . -16.80 9.99 34.81
O2A ACO I . -18.91 9.22 34.23
O3A ACO I . -17.96 8.18 36.30
P2A ACO I . -16.83 7.07 36.66
O4A ACO I . -15.76 7.00 35.67
O5A ACO I . -17.28 5.71 36.49
O6A ACO I . -16.44 7.64 38.22
CBP ACO I . -15.17 8.43 38.26
CCP ACO I . -14.28 8.09 39.48
CDP ACO I . -14.97 8.37 40.78
CEP ACO I . -13.95 6.58 39.52
CAP ACO I . -12.94 8.97 39.32
OAP ACO I . -13.34 10.37 39.24
C9P ACO I . -11.94 8.95 40.51
O9P ACO I . -12.14 9.78 41.41
N8P ACO I . -10.89 8.14 40.55
C7P ACO I . -10.05 8.38 41.84
C6P ACO I . -8.98 7.42 42.38
C5P ACO I . -7.59 8.07 42.83
O5P ACO I . -7.40 9.33 43.01
N4P ACO I . -6.75 6.99 43.05
C3P ACO I . -5.28 6.74 43.48
C2P ACO I . -4.87 5.40 42.73
S1P ACO I . -4.79 3.66 43.57
C ACO I . -5.67 3.70 45.17
O ACO I . -6.84 4.31 45.26
CH3 ACO I . -5.06 3.01 46.43
N1A ACO J . 3.83 -12.23 -40.03
C2A ACO J . 3.93 -11.33 -38.98
N3A ACO J . 3.53 -10.09 -38.97
C4A ACO J . 2.94 -9.72 -40.16
C5A ACO J . 2.76 -10.47 -41.29
C6A ACO J . 3.23 -11.83 -41.21
N6A ACO J . 3.14 -12.70 -42.21
N7A ACO J . 2.12 -9.72 -42.28
C8A ACO J . 1.93 -8.48 -41.70
N9A ACO J . 2.44 -8.50 -40.44
C1B ACO J . 2.51 -7.49 -39.38
C2B ACO J . 2.79 -6.07 -39.86
O2B ACO J . 4.19 -5.89 -40.12
C3B ACO J . 2.23 -5.21 -38.75
O3B ACO J . 3.23 -4.91 -37.71
P3B ACO J . 2.96 -4.01 -36.41
O7A ACO J . 1.67 -4.42 -35.76
O8A ACO J . 2.99 -2.57 -36.77
O9A ACO J . 4.01 -4.19 -35.45
C4B ACO J . 1.03 -6.04 -38.28
O4B ACO J . 1.28 -7.41 -38.72
C5B ACO J . -0.32 -5.61 -38.86
O5B ACO J . -0.34 -5.73 -40.30
P1A ACO J . -1.46 -4.87 -41.10
O1A ACO J . -1.01 -4.52 -42.44
O2A ACO J . -1.69 -3.60 -40.46
O3A ACO J . -2.79 -5.78 -41.00
P2A ACO J . -3.95 -6.32 -42.02
O4A ACO J . -4.07 -5.52 -43.23
O5A ACO J . -5.28 -6.06 -41.55
O6A ACO J . -3.39 -7.92 -42.18
CBP ACO J . -2.65 -8.17 -43.44
CCP ACO J . -3.04 -9.53 -44.12
CDP ACO J . -2.74 -10.69 -43.23
CEP ACO J . -4.54 -9.60 -44.37
CAP ACO J . -2.21 -9.59 -45.49
OAP ACO J . -0.77 -9.46 -45.16
C9P ACO J . -2.28 -10.92 -46.28
O9P ACO J . -1.45 -11.79 -45.97
N8P ACO J . -3.15 -11.12 -47.28
C7P ACO J . -2.94 -12.54 -47.91
C6P ACO J . -3.94 -13.23 -48.85
C5P ACO J . -3.35 -13.92 -50.16
O5P ACO J . -2.10 -14.12 -50.37
N4P ACO J . -4.46 -14.25 -50.92
C3P ACO J . -4.78 -14.90 -52.28
C2P ACO J . -6.13 -14.22 -52.74
S1P ACO J . -7.90 -15.05 -52.62
C ACO J . -7.84 -16.44 -51.41
O ACO J . -7.00 -16.39 -50.40
CH3 ACO J . -8.78 -17.66 -51.60
N1A ACO K . 16.82 -13.05 -41.92
C2A ACO K . 17.43 -12.66 -40.74
N3A ACO K . 18.70 -12.71 -40.47
C4A ACO K . 19.45 -13.16 -41.50
C5A ACO K . 19.02 -13.61 -42.75
C6A ACO K . 17.61 -13.52 -42.97
N6A ACO K . 17.02 -13.89 -44.11
N7A ACO K . 20.12 -14.00 -43.52
C8A ACO K . 21.20 -13.82 -42.71
N9A ACO K . 20.80 -13.33 -41.51
C1B ACO K . 21.51 -12.94 -40.28
C2B ACO K . 22.68 -13.83 -39.93
O2B ACO K . 22.23 -15.03 -39.26
C3B ACO K . 23.55 -12.93 -39.07
O3B ACO K . 23.20 -13.02 -37.64
P3B ACO K . 23.94 -12.21 -36.47
O7A ACO K . 24.11 -10.76 -36.86
O8A ACO K . 25.25 -12.85 -36.13
O9A ACO K . 23.17 -12.24 -35.23
C4B ACO K . 23.31 -11.56 -39.70
O4B ACO K . 22.05 -11.67 -40.43
C5B ACO K . 24.38 -11.10 -40.71
O5B ACO K . 24.48 -12.02 -41.82
P1A ACO K . 25.85 -12.00 -42.68
O1A ACO K . 26.15 -13.30 -43.27
O2A ACO K . 26.99 -11.75 -41.82
O3A ACO K . 25.65 -10.77 -43.70
P2A ACO K . 25.86 -10.49 -45.29
O4A ACO K . 26.78 -11.44 -45.93
O5A ACO K . 26.63 -9.30 -45.57
O6A ACO K . 24.21 -10.56 -45.74
CBP ACO K . 23.83 -11.85 -46.37
CCP ACO K . 22.90 -11.67 -47.62
CDP ACO K . 21.62 -10.98 -47.27
CEP ACO K . 23.56 -10.77 -48.66
CAP ACO K . 22.64 -13.13 -48.21
OAP ACO K . 22.06 -13.94 -47.15
C9P ACO K . 21.62 -13.27 -49.35
O9P ACO K . 20.44 -13.41 -49.03
N8P ACO K . 21.97 -13.26 -50.64
C7P ACO K . 20.73 -13.46 -51.55
C6P ACO K . 20.70 -13.20 -53.06
C5P ACO K . 20.01 -14.29 -53.99
O5P ACO K . 19.27 -15.26 -53.55
N4P ACO K . 20.32 -13.93 -55.28
C3P ACO K . 20.07 -14.44 -56.72
C2P ACO K . 21.35 -13.99 -57.53
S1P ACO K . 21.40 -12.46 -58.73
C ACO K . 19.96 -11.37 -58.43
O ACO K . 19.61 -11.10 -57.20
CH3 ACO K . 19.17 -10.77 -59.63
N1A ACO L . 10.21 -23.24 -36.45
C2A ACO L . 10.09 -22.99 -35.09
N3A ACO L . 9.42 -23.68 -34.22
C4A ACO L . 8.81 -24.77 -34.77
C5A ACO L . 8.79 -25.17 -36.10
C6A ACO L . 9.58 -24.34 -36.99
N6A ACO L . 9.68 -24.58 -38.29
N7A ACO L . 8.04 -26.33 -36.24
C8A ACO L . 7.57 -26.60 -34.98
N9A ACO L . 8.02 -25.66 -34.11
C1B ACO L . 7.87 -25.44 -32.67
C2B ACO L . 6.48 -25.79 -32.13
O2B ACO L . 5.56 -24.70 -32.39
C3B ACO L . 6.73 -26.07 -30.68
O3B ACO L . 6.64 -24.86 -29.84
P3B ACO L . 6.84 -24.81 -28.24
O7A ACO L . 8.07 -25.58 -27.86
O8A ACO L . 5.60 -25.33 -27.56
O9A ACO L . 7.00 -23.46 -27.76
C4B ACO L . 8.13 -26.70 -30.72
O4B ACO L . 8.74 -26.27 -31.96
C5B ACO L . 8.16 -28.23 -30.69
O5B ACO L . 7.47 -28.79 -31.84
P1A ACO L . 6.96 -30.33 -31.71
O1A ACO L . 5.77 -30.56 -32.53
O2A ACO L . 6.52 -30.62 -30.35
O3A ACO L . 8.28 -31.19 -32.06
P2A ACO L . 8.64 -32.46 -33.01
O4A ACO L . 7.48 -33.26 -33.38
O5A ACO L . 9.34 -33.51 -32.32
O6A ACO L . 9.42 -31.60 -34.26
CBP ACO L . 8.55 -31.39 -35.46
CCP ACO L . 9.32 -31.61 -36.81
CDP ACO L . 10.48 -30.69 -36.96
CEP ACO L . 9.95 -33.03 -36.84
CAP ACO L . 8.24 -31.42 -37.97
OAP ACO L . 7.65 -30.08 -37.83
C9P ACO L . 8.78 -31.43 -39.43
O9P ACO L . 9.17 -30.35 -39.88
N8P ACO L . 8.79 -32.53 -40.19
C7P ACO L . 9.34 -32.22 -41.61
C6P ACO L . 9.79 -33.28 -42.63
C5P ACO L . 9.28 -33.11 -44.13
O5P ACO L . 8.73 -32.05 -44.59
N4P ACO L . 9.63 -34.28 -44.77
C3P ACO L . 9.50 -34.91 -46.17
C2P ACO L . 9.40 -36.47 -45.88
S1P ACO L . 10.86 -37.73 -46.12
C ACO L . 12.46 -36.81 -46.23
O ACO L . 12.74 -35.89 -45.34
CH3 ACO L . 13.48 -37.13 -47.36
#